data_3MN8
#
_entry.id   3MN8
#
_cell.length_a   97.020
_cell.length_b   135.700
_cell.length_c   141.710
_cell.angle_alpha   90.00
_cell.angle_beta   90.00
_cell.angle_gamma   90.00
#
_symmetry.space_group_name_H-M   'P 21 21 21'
#
loop_
_entity.id
_entity.type
_entity.pdbx_description
1 polymer LP15968p
2 non-polymer 2-acetamido-2-deoxy-beta-D-glucopyranose
3 non-polymer 'ZINC ION'
4 non-polymer '(2-GUANIDINOETHYLMERCAPTO)SUCCINIC ACID'
5 non-polymer GLYCEROL
6 water water
#
_entity_poly.entity_id   1
_entity_poly.type   'polypeptide(L)'
_entity_poly.pdbx_seq_one_letter_code
;MPTLGLLFASIGIAVLAMGVPHCRGYTIKEDESFLQQPHYASQEQLEDLFAGLEKAYPNQAKVHFLGRSLEGRNLLALQI
SRNTRSRNLLTPPVKYIANMHGDETVGRQLLVYMAQYLLGNHERISDLGQLVNSTDIYLVPTMNPDGYALSQEGNCESLP
NYVGRGNAANIDLNRDFPDRLEQSHVHQLRAQSRQPETAALVNWIVSKPFVLSANFHGGAVVASYPYDNSLAHNECCEES
LTPDDRVFKQLAHTYSDNHPIMRKGNNCNDSFSGGITNGAHWYELSGGMQDFNYAFSNCFELTIELSCCKYPAASTLPQE
WQRNKASLLQLLRQAHIGIKGLVTDASGFPIADANVYVAGLEEKPMRTSKRGEYWRLLTPGLYSVHASAFGYQTSAPQQV
RVTNDNQEALRLDFKLAPVETNFDGISSFYSPYYF
;
_entity_poly.pdbx_strand_id   A,B,C,D
#
loop_
_chem_comp.id
_chem_comp.type
_chem_comp.name
_chem_comp.formula
GEM non-polymer '(2-GUANIDINOETHYLMERCAPTO)SUCCINIC ACID' 'C7 H13 N3 O4 S'
GOL non-polymer GLYCEROL 'C3 H8 O3'
NAG D-saccharide, beta linking 2-acetamido-2-deoxy-beta-D-glucopyranose 'C8 H15 N O6'
ZN non-polymer 'ZINC ION' 'Zn 2'
#
# COMPACT_ATOMS: atom_id res chain seq x y z
N LYS A 29 -0.13 -38.75 -3.71
CA LYS A 29 -0.87 -37.50 -3.60
C LYS A 29 -1.77 -37.45 -2.35
N GLU A 30 -2.92 -36.77 -2.49
CA GLU A 30 -3.78 -36.37 -1.37
C GLU A 30 -4.39 -37.50 -0.51
N ASP A 31 -4.40 -37.31 0.80
CA ASP A 31 -5.09 -38.20 1.70
C ASP A 31 -6.53 -37.68 1.94
N GLU A 32 -7.45 -38.09 1.07
CA GLU A 32 -8.85 -37.72 1.18
C GLU A 32 -9.72 -38.92 1.60
N SER A 33 -9.22 -39.70 2.55
CA SER A 33 -9.90 -40.92 2.97
C SER A 33 -11.29 -40.63 3.55
N PHE A 34 -11.42 -39.44 4.13
CA PHE A 34 -12.67 -39.04 4.77
C PHE A 34 -13.90 -39.19 3.87
N LEU A 35 -13.69 -39.62 2.63
CA LEU A 35 -14.78 -39.81 1.68
C LEU A 35 -15.28 -41.25 1.60
N GLN A 36 -14.57 -42.18 2.22
CA GLN A 36 -14.82 -43.61 2.01
C GLN A 36 -16.09 -44.12 2.71
N GLN A 37 -16.91 -43.19 3.17
CA GLN A 37 -18.02 -43.53 4.06
C GLN A 37 -18.96 -42.33 4.21
N PRO A 38 -19.64 -41.95 3.12
CA PRO A 38 -20.47 -40.75 3.11
C PRO A 38 -21.61 -40.83 4.12
N HIS A 39 -21.70 -39.83 4.99
CA HIS A 39 -22.71 -39.78 6.03
C HIS A 39 -22.66 -38.42 6.74
N TYR A 40 -23.77 -38.04 7.37
CA TYR A 40 -23.78 -36.79 8.11
C TYR A 40 -23.29 -37.00 9.54
N ALA A 41 -22.29 -36.22 9.96
CA ALA A 41 -21.75 -36.35 11.31
C ALA A 41 -22.71 -35.76 12.35
N SER A 42 -23.05 -36.57 13.35
CA SER A 42 -23.94 -36.12 14.43
C SER A 42 -23.19 -35.20 15.39
N GLN A 43 -23.91 -34.60 16.32
CA GLN A 43 -23.27 -33.83 17.37
C GLN A 43 -22.20 -34.67 18.05
N GLU A 44 -22.54 -35.89 18.49
CA GLU A 44 -21.55 -36.74 19.14
C GLU A 44 -20.37 -37.03 18.19
N GLN A 45 -20.68 -37.35 16.93
CA GLN A 45 -19.65 -37.67 15.96
C GLN A 45 -18.71 -36.50 15.71
N LEU A 46 -19.25 -35.30 15.82
CA LEU A 46 -18.46 -34.08 15.61
C LEU A 46 -17.50 -33.77 16.77
N GLU A 47 -18.01 -33.79 18.00
CA GLU A 47 -17.20 -33.58 19.18
C GLU A 47 -16.09 -34.62 19.21
N ASP A 48 -16.46 -35.86 18.93
CA ASP A 48 -15.51 -36.98 18.91
C ASP A 48 -14.38 -36.74 17.90
N LEU A 49 -14.74 -36.25 16.71
CA LEU A 49 -13.73 -36.08 15.67
C LEU A 49 -12.78 -34.91 15.96
N PHE A 50 -13.32 -33.86 16.57
CA PHE A 50 -12.56 -32.68 16.95
C PHE A 50 -11.57 -32.97 18.07
N ALA A 51 -11.94 -33.84 18.99
CA ALA A 51 -11.01 -34.25 20.04
C ALA A 51 -9.88 -35.11 19.45
N GLY A 52 -10.23 -35.95 18.49
CA GLY A 52 -9.26 -36.86 17.88
C GLY A 52 -8.17 -36.09 17.16
N LEU A 53 -8.61 -35.08 16.42
CA LEU A 53 -7.70 -34.22 15.68
C LEU A 53 -6.73 -33.53 16.62
N GLU A 54 -7.24 -33.15 17.79
CA GLU A 54 -6.47 -32.39 18.76
C GLU A 54 -5.31 -33.23 19.31
N LYS A 55 -5.60 -34.51 19.54
CA LYS A 55 -4.56 -35.42 20.00
C LYS A 55 -3.76 -35.99 18.83
N ALA A 56 -4.45 -36.29 17.75
CA ALA A 56 -3.75 -36.67 16.52
C ALA A 56 -2.74 -35.58 16.11
N TYR A 57 -3.11 -34.31 16.29
CA TYR A 57 -2.27 -33.21 15.85
C TYR A 57 -2.06 -32.18 16.95
N PRO A 58 -1.28 -32.54 17.97
CA PRO A 58 -1.12 -31.79 19.22
C PRO A 58 -0.83 -30.31 19.03
N ASN A 59 0.01 -29.96 18.07
CA ASN A 59 0.49 -28.56 17.96
C ASN A 59 -0.28 -27.67 16.98
N GLN A 60 -1.18 -28.26 16.22
CA GLN A 60 -1.80 -27.55 15.11
C GLN A 60 -3.32 -27.57 15.15
N ALA A 61 -3.88 -28.52 15.88
CA ALA A 61 -5.33 -28.55 16.07
C ALA A 61 -5.66 -28.30 17.53
N LYS A 62 -6.59 -27.37 17.74
CA LYS A 62 -7.07 -27.02 19.08
C LYS A 62 -8.56 -26.74 19.07
N VAL A 63 -9.27 -27.29 20.05
CA VAL A 63 -10.71 -27.10 20.15
C VAL A 63 -11.05 -25.95 21.07
N HIS A 64 -12.00 -25.13 20.62
CA HIS A 64 -12.46 -23.98 21.37
C HIS A 64 -13.95 -24.09 21.65
N PHE A 65 -14.33 -23.86 22.91
CA PHE A 65 -15.73 -23.84 23.34
C PHE A 65 -16.25 -22.41 23.25
N LEU A 66 -17.34 -22.22 22.50
CA LEU A 66 -17.91 -20.90 22.26
C LEU A 66 -19.14 -20.73 23.14
N GLY A 67 -19.82 -21.83 23.42
CA GLY A 67 -20.97 -21.78 24.29
C GLY A 67 -21.86 -22.96 24.03
N ARG A 68 -23.07 -22.92 24.59
CA ARG A 68 -23.99 -24.02 24.44
C ARG A 68 -25.35 -23.58 23.89
N SER A 69 -26.04 -24.50 23.23
CA SER A 69 -27.36 -24.24 22.67
C SER A 69 -28.41 -24.33 23.77
N LEU A 70 -29.66 -23.99 23.42
CA LEU A 70 -30.75 -24.08 24.37
C LEU A 70 -30.78 -25.45 25.04
N GLU A 71 -30.56 -26.48 24.24
CA GLU A 71 -30.77 -27.83 24.70
C GLU A 71 -29.47 -28.52 25.13
N GLY A 72 -28.46 -27.71 25.43
CA GLY A 72 -27.24 -28.19 26.05
C GLY A 72 -26.11 -28.59 25.13
N ARG A 73 -26.36 -28.56 23.82
CA ARG A 73 -25.35 -28.97 22.87
C ARG A 73 -24.20 -27.97 22.76
N ASN A 74 -22.98 -28.50 22.71
CA ASN A 74 -21.80 -27.66 22.65
C ASN A 74 -21.61 -27.03 21.30
N LEU A 75 -21.38 -25.70 21.30
CA LEU A 75 -20.99 -24.98 20.11
C LEU A 75 -19.46 -24.92 20.10
N LEU A 76 -18.85 -25.60 19.13
CA LEU A 76 -17.40 -25.81 19.12
C LEU A 76 -16.73 -25.28 17.85
N ALA A 77 -15.49 -24.81 18.00
CA ALA A 77 -14.69 -24.35 16.85
C ALA A 77 -13.31 -24.96 16.89
N LEU A 78 -12.92 -25.62 15.80
CA LEU A 78 -11.59 -26.17 15.70
C LEU A 78 -10.68 -25.15 15.07
N GLN A 79 -9.66 -24.74 15.82
CA GLN A 79 -8.57 -23.92 15.28
C GLN A 79 -7.44 -24.76 14.70
N ILE A 80 -6.95 -24.33 13.54
CA ILE A 80 -5.78 -24.92 12.89
C ILE A 80 -4.77 -23.82 12.64
N SER A 81 -3.54 -24.02 13.08
CA SER A 81 -2.51 -22.99 12.94
C SER A 81 -1.13 -23.60 12.88
N ARG A 82 -0.15 -22.80 12.48
CA ARG A 82 1.25 -23.24 12.50
C ARG A 82 1.54 -23.70 13.92
N ASN A 83 1.16 -22.86 14.88
CA ASN A 83 1.37 -23.16 16.29
C ASN A 83 0.18 -22.75 17.13
N THR A 84 -0.58 -23.74 17.58
CA THR A 84 -1.85 -23.47 18.27
C THR A 84 -1.69 -22.73 19.61
N ARG A 85 -0.48 -22.71 20.15
CA ARG A 85 -0.26 -22.00 21.41
C ARG A 85 -0.62 -20.52 21.32
N SER A 86 -0.08 -19.84 20.31
CA SER A 86 -0.35 -18.42 20.12
C SER A 86 -0.83 -18.13 18.70
N ARG A 87 -0.67 -16.89 18.29
CA ARG A 87 -0.87 -16.51 16.89
C ARG A 87 0.34 -15.69 16.50
N ASN A 88 1.09 -16.14 15.50
CA ASN A 88 2.26 -15.40 15.08
C ASN A 88 1.88 -14.00 14.63
N LEU A 89 2.66 -13.01 15.05
CA LEU A 89 2.39 -11.65 14.70
C LEU A 89 2.06 -11.56 13.21
N LEU A 90 0.99 -10.85 12.90
CA LEU A 90 0.60 -10.57 11.52
C LEU A 90 0.10 -11.79 10.75
N THR A 91 -0.10 -12.90 11.45
CA THR A 91 -0.87 -13.99 10.87
C THR A 91 -2.35 -13.68 11.00
N PRO A 92 -3.09 -13.73 9.88
CA PRO A 92 -4.53 -13.46 9.79
C PRO A 92 -5.38 -14.55 10.43
N PRO A 93 -6.19 -14.18 11.42
CA PRO A 93 -7.21 -15.11 11.91
C PRO A 93 -8.38 -15.08 10.95
N VAL A 94 -8.96 -16.24 10.68
CA VAL A 94 -10.04 -16.35 9.74
C VAL A 94 -11.00 -17.39 10.30
N LYS A 95 -12.26 -17.35 9.87
CA LYS A 95 -13.26 -18.34 10.30
C LYS A 95 -14.21 -18.79 9.19
N TYR A 96 -14.63 -20.05 9.27
CA TYR A 96 -15.72 -20.56 8.46
C TYR A 96 -16.85 -21.05 9.37
N ILE A 97 -18.06 -20.52 9.18
CA ILE A 97 -19.18 -21.07 9.94
C ILE A 97 -20.17 -21.74 9.00
N ALA A 98 -20.85 -22.77 9.49
CA ALA A 98 -21.86 -23.46 8.70
C ALA A 98 -23.11 -23.78 9.52
N ASN A 99 -24.14 -24.26 8.83
CA ASN A 99 -25.32 -24.83 9.46
C ASN A 99 -26.02 -23.94 10.49
N MET A 100 -26.04 -22.63 10.25
CA MET A 100 -26.73 -21.75 11.17
C MET A 100 -28.23 -21.99 11.04
N HIS A 101 -28.66 -22.26 9.81
CA HIS A 101 -29.97 -22.82 9.61
C HIS A 101 -29.79 -24.33 9.61
N GLY A 102 -30.24 -24.95 10.70
CA GLY A 102 -30.08 -26.38 10.93
C GLY A 102 -30.42 -27.31 9.77
N ASP A 103 -31.37 -26.91 8.91
CA ASP A 103 -31.77 -27.74 7.78
C ASP A 103 -30.92 -27.49 6.52
N GLU A 104 -30.00 -26.54 6.61
CA GLU A 104 -29.05 -26.28 5.53
C GLU A 104 -27.71 -26.91 5.91
N THR A 105 -27.47 -28.10 5.39
CA THR A 105 -26.53 -29.05 5.98
C THR A 105 -25.21 -29.28 5.25
N VAL A 106 -25.15 -29.05 3.93
CA VAL A 106 -23.95 -29.36 3.16
C VAL A 106 -22.69 -28.67 3.73
N GLY A 107 -22.80 -27.35 3.97
CA GLY A 107 -21.70 -26.59 4.54
C GLY A 107 -21.15 -27.28 5.78
N ARG A 108 -22.07 -27.75 6.62
CA ARG A 108 -21.70 -28.52 7.81
C ARG A 108 -20.67 -29.56 7.45
N GLN A 109 -21.02 -30.46 6.55
CA GLN A 109 -20.14 -31.57 6.21
C GLN A 109 -18.87 -31.11 5.49
N LEU A 110 -18.99 -30.07 4.66
CA LEU A 110 -17.82 -29.53 3.96
C LEU A 110 -16.74 -29.03 4.93
N LEU A 111 -17.16 -28.46 6.05
CA LEU A 111 -16.22 -27.96 7.03
C LEU A 111 -15.61 -29.11 7.79
N VAL A 112 -16.39 -30.16 8.01
CA VAL A 112 -15.87 -31.34 8.67
C VAL A 112 -14.80 -31.94 7.78
N TYR A 113 -15.10 -32.04 6.50
CA TYR A 113 -14.13 -32.45 5.49
C TYR A 113 -12.86 -31.57 5.44
N MET A 114 -13.04 -30.25 5.42
CA MET A 114 -11.89 -29.36 5.38
C MET A 114 -10.92 -29.62 6.54
N ALA A 115 -11.43 -29.65 7.77
CA ALA A 115 -10.63 -29.89 8.96
C ALA A 115 -9.67 -31.06 8.74
N GLN A 116 -10.25 -32.23 8.47
CA GLN A 116 -9.46 -33.41 8.20
C GLN A 116 -8.50 -33.18 7.05
N TYR A 117 -9.02 -32.65 5.94
CA TYR A 117 -8.24 -32.39 4.73
C TYR A 117 -6.98 -31.58 5.01
N LEU A 118 -7.16 -30.41 5.59
CA LEU A 118 -6.03 -29.55 5.94
C LEU A 118 -5.02 -30.26 6.81
N LEU A 119 -5.49 -30.80 7.93
CA LEU A 119 -4.56 -31.42 8.86
C LEU A 119 -3.81 -32.57 8.24
N GLY A 120 -4.54 -33.53 7.67
CA GLY A 120 -3.93 -34.75 7.14
C GLY A 120 -3.12 -34.55 5.87
N ASN A 121 -3.17 -33.35 5.31
CA ASN A 121 -2.43 -33.08 4.08
C ASN A 121 -1.40 -31.95 4.15
N HIS A 122 -1.53 -31.09 5.14
CA HIS A 122 -0.69 -29.89 5.26
C HIS A 122 0.83 -30.15 5.24
N GLU A 123 1.27 -31.29 5.75
CA GLU A 123 2.69 -31.60 5.69
C GLU A 123 3.09 -32.25 4.35
N ARG A 124 2.12 -32.83 3.64
CA ARG A 124 2.39 -33.53 2.39
C ARG A 124 2.27 -32.61 1.19
N ILE A 125 1.27 -31.73 1.22
CA ILE A 125 1.03 -30.83 0.11
C ILE A 125 1.47 -29.39 0.41
N SER A 126 2.47 -28.92 -0.34
CA SER A 126 3.13 -27.61 -0.13
C SER A 126 2.15 -26.43 -0.01
N ASP A 127 1.33 -26.20 -1.04
CA ASP A 127 0.30 -25.17 -0.99
C ASP A 127 -0.39 -25.09 0.37
N LEU A 128 -0.97 -26.21 0.80
CA LEU A 128 -1.67 -26.32 2.08
C LEU A 128 -0.75 -26.04 3.26
N GLY A 129 0.41 -26.69 3.27
CA GLY A 129 1.40 -26.45 4.30
C GLY A 129 1.63 -24.95 4.44
N GLN A 130 1.60 -24.26 3.30
CA GLN A 130 1.91 -22.84 3.28
C GLN A 130 0.69 -22.05 3.71
N LEU A 131 -0.47 -22.52 3.29
CA LEU A 131 -1.73 -21.93 3.73
C LEU A 131 -1.81 -21.94 5.25
N VAL A 132 -1.55 -23.10 5.83
CA VAL A 132 -1.67 -23.29 7.27
C VAL A 132 -0.64 -22.50 8.08
N ASN A 133 0.59 -22.47 7.57
CA ASN A 133 1.67 -21.72 8.18
C ASN A 133 1.36 -20.23 8.31
N SER A 134 0.62 -19.70 7.33
CA SER A 134 0.49 -18.26 7.16
C SER A 134 -0.86 -17.74 7.60
N THR A 135 -1.77 -18.66 7.94
CA THR A 135 -3.14 -18.28 8.32
C THR A 135 -3.59 -19.00 9.57
N ASP A 136 -4.32 -18.27 10.41
CA ASP A 136 -4.89 -18.84 11.62
C ASP A 136 -6.36 -19.16 11.37
N ILE A 137 -6.66 -20.45 11.25
CA ILE A 137 -7.94 -20.86 10.74
C ILE A 137 -8.86 -21.50 11.77
N TYR A 138 -10.11 -21.02 11.82
CA TYR A 138 -11.14 -21.57 12.69
C TYR A 138 -12.36 -22.11 11.91
N LEU A 139 -12.72 -23.36 12.22
CA LEU A 139 -13.82 -24.05 11.55
C LEU A 139 -14.97 -24.37 12.50
N VAL A 140 -16.15 -23.86 12.17
CA VAL A 140 -17.37 -24.10 12.92
C VAL A 140 -18.41 -24.79 12.02
N PRO A 141 -18.32 -26.13 11.95
CA PRO A 141 -19.24 -26.95 11.13
C PRO A 141 -20.73 -26.65 11.39
N THR A 142 -21.11 -26.46 12.65
CA THR A 142 -22.48 -26.07 12.97
C THR A 142 -22.55 -24.96 14.02
N MET A 143 -23.59 -24.17 13.88
CA MET A 143 -23.86 -23.03 14.76
C MET A 143 -25.29 -23.21 15.29
N ASN A 144 -25.94 -24.29 14.84
CA ASN A 144 -27.29 -24.60 15.27
C ASN A 144 -27.53 -26.11 15.37
N PRO A 145 -26.97 -26.72 16.43
CA PRO A 145 -27.10 -28.16 16.71
C PRO A 145 -28.56 -28.53 16.96
N ASP A 146 -29.25 -27.69 17.72
CA ASP A 146 -30.62 -27.96 18.10
C ASP A 146 -31.46 -27.90 16.85
N GLY A 147 -31.13 -26.96 15.98
CA GLY A 147 -31.85 -26.79 14.73
C GLY A 147 -31.63 -28.00 13.86
N TYR A 148 -30.38 -28.44 13.82
CA TYR A 148 -29.99 -29.59 13.03
C TYR A 148 -30.71 -30.84 13.50
N ALA A 149 -30.51 -31.18 14.77
CA ALA A 149 -31.18 -32.31 15.39
C ALA A 149 -32.67 -32.41 15.04
N LEU A 150 -33.31 -31.27 14.82
CA LEU A 150 -34.74 -31.26 14.53
C LEU A 150 -35.04 -31.36 13.02
N SER A 151 -33.98 -31.34 12.20
CA SER A 151 -34.13 -31.41 10.74
C SER A 151 -34.08 -32.84 10.18
N GLN A 152 -34.63 -33.03 8.98
CA GLN A 152 -34.71 -34.36 8.36
C GLN A 152 -33.89 -34.52 7.09
N GLU A 153 -32.83 -35.32 7.18
CA GLU A 153 -32.00 -35.60 6.02
C GLU A 153 -32.87 -35.98 4.82
N GLY A 154 -32.60 -35.34 3.68
CA GLY A 154 -33.35 -35.62 2.47
C GLY A 154 -34.19 -34.43 2.04
N ASN A 155 -34.58 -33.61 3.01
CA ASN A 155 -35.41 -32.45 2.73
C ASN A 155 -34.72 -31.31 1.98
N CYS A 156 -34.89 -31.29 0.66
CA CYS A 156 -34.38 -30.18 -0.13
C CYS A 156 -35.05 -28.89 0.33
N GLU A 157 -36.34 -28.97 0.62
CA GLU A 157 -37.09 -27.85 1.18
C GLU A 157 -37.25 -27.99 2.69
N SER A 158 -37.23 -26.86 3.39
CA SER A 158 -37.36 -26.85 4.84
C SER A 158 -38.71 -27.43 5.27
N LEU A 159 -38.88 -27.63 6.57
CA LEU A 159 -40.05 -28.32 7.12
C LEU A 159 -41.16 -27.35 7.50
N PRO A 160 -42.34 -27.90 7.86
CA PRO A 160 -43.44 -27.08 8.39
C PRO A 160 -43.00 -26.16 9.52
N ASN A 161 -43.52 -24.94 9.54
CA ASN A 161 -43.13 -23.95 10.56
C ASN A 161 -41.71 -23.42 10.38
N TYR A 162 -40.99 -23.94 9.39
CA TYR A 162 -39.54 -23.75 9.30
C TYR A 162 -38.89 -24.34 10.54
N VAL A 163 -39.42 -25.49 10.95
CA VAL A 163 -38.83 -26.24 12.03
C VAL A 163 -37.50 -26.86 11.57
N GLY A 164 -36.50 -26.71 12.43
CA GLY A 164 -35.15 -27.14 12.11
C GLY A 164 -34.28 -26.00 11.60
N ARG A 165 -34.91 -25.07 10.89
CA ARG A 165 -34.21 -23.90 10.37
C ARG A 165 -33.78 -23.02 11.53
N GLY A 166 -34.74 -22.61 12.36
CA GLY A 166 -34.44 -21.77 13.51
C GLY A 166 -33.96 -22.68 14.64
N ASN A 167 -33.62 -22.09 15.78
CA ASN A 167 -33.13 -22.89 16.90
C ASN A 167 -34.27 -23.62 17.59
N ALA A 168 -34.06 -24.01 18.84
CA ALA A 168 -35.06 -24.80 19.55
C ALA A 168 -36.26 -23.96 19.95
N ALA A 169 -36.08 -22.64 20.01
CA ALA A 169 -37.19 -21.72 20.31
C ALA A 169 -37.85 -21.25 19.01
N ASN A 170 -37.40 -21.82 17.89
CA ASN A 170 -37.94 -21.49 16.57
C ASN A 170 -37.72 -20.07 16.13
N ILE A 171 -36.65 -19.43 16.59
CA ILE A 171 -36.28 -18.14 16.01
C ILE A 171 -35.14 -18.28 15.04
N ASP A 172 -35.15 -17.43 14.01
CA ASP A 172 -34.20 -17.47 12.92
C ASP A 172 -32.91 -16.74 13.31
N LEU A 173 -31.87 -17.51 13.59
CA LEU A 173 -30.62 -16.95 14.08
C LEU A 173 -30.06 -15.91 13.10
N ASN A 174 -30.42 -16.02 11.83
CA ASN A 174 -29.94 -15.06 10.84
C ASN A 174 -30.84 -13.86 10.82
N ARG A 175 -31.65 -13.71 11.86
CA ARG A 175 -32.34 -12.43 12.13
C ARG A 175 -32.03 -11.92 13.53
N ASP A 176 -31.20 -12.64 14.26
CA ASP A 176 -31.08 -12.41 15.70
C ASP A 176 -29.86 -11.59 16.12
N PHE A 177 -29.01 -11.23 15.17
CA PHE A 177 -27.80 -10.46 15.47
C PHE A 177 -28.14 -8.98 15.47
N PRO A 178 -27.35 -8.18 16.23
CA PRO A 178 -27.51 -6.73 16.23
C PRO A 178 -27.43 -6.14 14.81
N ASP A 179 -28.32 -5.19 14.53
CA ASP A 179 -28.38 -4.58 13.21
C ASP A 179 -27.67 -3.23 13.24
N ARG A 180 -26.88 -2.96 12.20
CA ARG A 180 -26.13 -1.71 12.12
C ARG A 180 -27.10 -0.53 12.10
N LEU A 181 -28.29 -0.74 11.56
CA LEU A 181 -29.26 0.35 11.50
C LEU A 181 -30.14 0.46 12.76
N GLU A 182 -29.66 -0.08 13.88
CA GLU A 182 -30.33 0.05 15.17
C GLU A 182 -31.71 -0.60 15.18
N ALA A 191 -26.10 -5.59 23.45
CA ALA A 191 -26.63 -5.65 24.81
C ALA A 191 -27.49 -6.92 25.01
N GLN A 192 -26.87 -8.05 24.66
CA GLN A 192 -27.48 -9.40 24.59
C GLN A 192 -28.92 -9.68 25.04
N SER A 193 -29.10 -10.93 25.45
CA SER A 193 -30.40 -11.55 25.66
C SER A 193 -31.02 -12.01 24.34
N ARG A 194 -30.17 -12.35 23.38
CA ARG A 194 -30.64 -12.97 22.15
C ARG A 194 -30.69 -14.46 22.38
N GLN A 195 -30.63 -15.23 21.30
CA GLN A 195 -30.48 -16.67 21.42
C GLN A 195 -29.05 -17.01 21.85
N PRO A 196 -28.94 -18.03 22.71
CA PRO A 196 -27.67 -18.51 23.25
C PRO A 196 -26.65 -18.55 22.13
N GLU A 197 -27.08 -19.09 21.00
CA GLU A 197 -26.18 -19.38 19.91
C GLU A 197 -25.67 -18.08 19.33
N THR A 198 -26.58 -17.12 19.19
CA THR A 198 -26.21 -15.81 18.68
C THR A 198 -25.21 -15.17 19.63
N ALA A 199 -25.60 -15.04 20.90
CA ALA A 199 -24.76 -14.45 21.93
C ALA A 199 -23.34 -15.02 21.90
N ALA A 200 -23.24 -16.35 21.83
CA ALA A 200 -21.96 -17.02 21.80
C ALA A 200 -21.11 -16.50 20.65
N LEU A 201 -21.70 -16.43 19.47
CA LEU A 201 -20.97 -16.03 18.29
C LEU A 201 -20.65 -14.55 18.29
N VAL A 202 -21.59 -13.76 18.77
CA VAL A 202 -21.33 -12.34 18.92
C VAL A 202 -20.04 -12.17 19.72
N ASN A 203 -19.99 -12.81 20.88
CA ASN A 203 -18.87 -12.72 21.81
C ASN A 203 -17.59 -13.11 21.13
N TRP A 204 -17.69 -14.17 20.34
CA TRP A 204 -16.54 -14.73 19.67
C TRP A 204 -16.03 -13.77 18.62
N ILE A 205 -16.95 -13.34 17.76
CA ILE A 205 -16.60 -12.49 16.63
C ILE A 205 -15.83 -11.23 17.05
N VAL A 206 -16.21 -10.65 18.18
CA VAL A 206 -15.58 -9.42 18.67
C VAL A 206 -14.38 -9.72 19.57
N SER A 207 -14.13 -11.00 19.82
CA SER A 207 -13.09 -11.42 20.75
C SER A 207 -11.71 -11.49 20.10
N LYS A 208 -11.69 -11.57 18.78
CA LYS A 208 -10.46 -11.64 18.03
C LYS A 208 -10.56 -10.81 16.76
N PRO A 209 -9.42 -10.34 16.26
CA PRO A 209 -9.38 -9.48 15.08
C PRO A 209 -9.52 -10.29 13.78
N PHE A 210 -10.64 -10.99 13.63
CA PHE A 210 -10.86 -11.75 12.42
C PHE A 210 -10.76 -10.88 11.18
N VAL A 211 -10.10 -11.41 10.16
CA VAL A 211 -9.79 -10.65 8.97
C VAL A 211 -10.80 -10.95 7.86
N LEU A 212 -11.12 -12.22 7.71
CA LEU A 212 -12.00 -12.69 6.65
C LEU A 212 -12.87 -13.82 7.20
N SER A 213 -14.04 -14.04 6.59
CA SER A 213 -14.98 -15.05 7.09
C SER A 213 -16.04 -15.41 6.06
N ALA A 214 -16.64 -16.58 6.23
CA ALA A 214 -17.73 -16.98 5.37
C ALA A 214 -18.68 -17.82 6.17
N ASN A 215 -20.00 -17.67 5.93
CA ASN A 215 -20.95 -18.63 6.48
C ASN A 215 -21.86 -19.27 5.42
N PHE A 216 -22.15 -20.55 5.60
CA PHE A 216 -22.70 -21.37 4.54
C PHE A 216 -24.15 -21.69 4.78
N HIS A 217 -24.91 -21.60 3.70
CA HIS A 217 -26.33 -21.83 3.72
C HIS A 217 -26.69 -22.73 2.55
N GLY A 218 -27.95 -23.16 2.52
CA GLY A 218 -28.42 -23.98 1.42
C GLY A 218 -29.74 -23.42 0.96
N GLY A 219 -30.18 -23.83 -0.21
CA GLY A 219 -31.43 -23.37 -0.76
C GLY A 219 -31.18 -22.84 -2.14
N ALA A 220 -29.93 -22.43 -2.36
CA ALA A 220 -29.55 -21.91 -3.66
C ALA A 220 -28.06 -22.07 -3.82
N VAL A 221 -27.55 -21.66 -4.98
CA VAL A 221 -26.13 -21.77 -5.29
C VAL A 221 -25.58 -20.42 -5.73
N VAL A 222 -24.96 -19.69 -4.81
CA VAL A 222 -24.55 -18.31 -5.08
C VAL A 222 -23.66 -17.73 -3.98
N ALA A 223 -22.83 -16.78 -4.35
CA ALA A 223 -21.94 -16.10 -3.43
C ALA A 223 -22.50 -14.69 -3.14
N SER A 224 -22.96 -14.50 -1.90
CA SER A 224 -23.66 -13.29 -1.46
C SER A 224 -22.82 -12.49 -0.48
N TYR A 225 -22.88 -11.17 -0.60
CA TYR A 225 -22.03 -10.29 0.21
C TYR A 225 -22.86 -9.11 0.68
N PRO A 226 -22.36 -8.38 1.68
CA PRO A 226 -23.00 -7.19 2.28
C PRO A 226 -23.31 -6.05 1.28
N TYR A 227 -24.28 -5.21 1.61
CA TYR A 227 -25.12 -5.37 2.78
C TYR A 227 -26.35 -6.20 2.43
N ASP A 228 -27.01 -6.74 3.45
CA ASP A 228 -28.22 -7.55 3.31
C ASP A 228 -29.47 -6.69 3.45
N ASN A 229 -29.28 -5.45 3.89
CA ASN A 229 -30.41 -4.54 4.07
C ASN A 229 -30.04 -3.07 3.88
N SER A 230 -31.03 -2.19 3.96
CA SER A 230 -30.79 -0.76 3.80
C SER A 230 -31.77 0.08 4.60
N LEU A 231 -31.50 1.38 4.69
CA LEU A 231 -32.43 2.34 5.26
C LEU A 231 -33.73 2.45 4.45
N ALA A 232 -33.64 2.25 3.14
CA ALA A 232 -34.82 2.25 2.29
C ALA A 232 -35.73 1.09 2.68
N HIS A 233 -35.13 0.01 3.20
CA HIS A 233 -35.85 -1.23 3.50
C HIS A 233 -36.69 -1.71 2.34
N ASN A 234 -36.03 -1.87 1.19
CA ASN A 234 -36.66 -2.42 0.00
C ASN A 234 -36.78 -3.94 0.10
N GLU A 235 -37.84 -4.50 -0.47
CA GLU A 235 -38.02 -5.95 -0.43
C GLU A 235 -36.85 -6.67 -1.11
N CYS A 236 -36.48 -6.20 -2.30
CA CYS A 236 -35.48 -6.89 -3.10
C CYS A 236 -34.97 -6.06 -4.27
N CYS A 237 -34.11 -6.70 -5.07
CA CYS A 237 -33.74 -6.24 -6.40
C CYS A 237 -33.19 -4.83 -6.38
N GLU A 238 -32.62 -4.42 -5.25
CA GLU A 238 -31.97 -3.12 -5.15
C GLU A 238 -30.69 -3.20 -4.31
N GLU A 239 -29.56 -2.95 -4.96
CA GLU A 239 -28.23 -3.00 -4.32
C GLU A 239 -28.09 -2.06 -3.13
N SER A 240 -27.64 -2.62 -2.01
CA SER A 240 -27.27 -1.84 -0.84
C SER A 240 -25.78 -2.07 -0.56
N LEU A 241 -24.94 -1.46 -1.39
CA LEU A 241 -23.51 -1.78 -1.40
C LEU A 241 -22.71 -1.29 -0.20
N THR A 242 -21.51 -1.82 -0.09
CA THR A 242 -20.63 -1.59 1.03
C THR A 242 -19.48 -0.70 0.58
N PRO A 243 -18.91 0.08 1.51
CA PRO A 243 -17.75 0.88 1.11
C PRO A 243 -16.69 -0.02 0.48
N ASP A 244 -16.61 -1.26 0.94
CA ASP A 244 -15.62 -2.20 0.45
C ASP A 244 -16.17 -3.11 -0.63
N ASP A 245 -17.03 -2.56 -1.48
CA ASP A 245 -17.69 -3.38 -2.48
C ASP A 245 -16.75 -4.09 -3.44
N ARG A 246 -15.75 -3.37 -3.94
CA ARG A 246 -14.78 -3.99 -4.84
C ARG A 246 -14.22 -5.27 -4.21
N VAL A 247 -13.66 -5.15 -3.02
CA VAL A 247 -13.08 -6.31 -2.36
C VAL A 247 -14.13 -7.40 -2.18
N PHE A 248 -15.32 -6.98 -1.77
CA PHE A 248 -16.37 -7.95 -1.53
C PHE A 248 -16.68 -8.72 -2.79
N LYS A 249 -16.83 -8.00 -3.90
CA LYS A 249 -17.07 -8.61 -5.20
C LYS A 249 -15.94 -9.55 -5.61
N GLN A 250 -14.71 -9.21 -5.23
CA GLN A 250 -13.55 -10.07 -5.50
C GLN A 250 -13.61 -11.36 -4.68
N LEU A 251 -14.00 -11.23 -3.42
CA LEU A 251 -14.18 -12.40 -2.57
C LEU A 251 -15.24 -13.32 -3.12
N ALA A 252 -16.42 -12.78 -3.34
CA ALA A 252 -17.53 -13.55 -3.90
C ALA A 252 -17.15 -14.24 -5.20
N HIS A 253 -16.38 -13.53 -6.04
CA HIS A 253 -15.99 -14.06 -7.34
C HIS A 253 -14.96 -15.15 -7.19
N THR A 254 -14.06 -14.97 -6.22
CA THR A 254 -13.06 -15.99 -5.92
C THR A 254 -13.71 -17.35 -5.68
N TYR A 255 -14.80 -17.37 -4.91
CA TYR A 255 -15.49 -18.62 -4.61
C TYR A 255 -16.28 -19.13 -5.81
N SER A 256 -17.08 -18.25 -6.41
CA SER A 256 -17.94 -18.67 -7.49
C SER A 256 -17.10 -19.07 -8.71
N ASP A 257 -16.14 -18.23 -9.07
CA ASP A 257 -15.29 -18.49 -10.24
C ASP A 257 -14.70 -19.89 -10.15
N ASN A 258 -14.34 -20.31 -8.94
CA ASN A 258 -13.74 -21.62 -8.71
C ASN A 258 -14.74 -22.75 -8.47
N HIS A 259 -16.03 -22.45 -8.64
CA HIS A 259 -17.08 -23.43 -8.40
C HIS A 259 -17.79 -23.70 -9.72
N PRO A 260 -17.57 -24.88 -10.28
CA PRO A 260 -18.01 -25.26 -11.64
C PRO A 260 -19.48 -25.00 -11.92
N ILE A 261 -20.31 -24.95 -10.88
CA ILE A 261 -21.77 -24.85 -11.05
C ILE A 261 -22.30 -23.47 -10.66
N MET A 262 -21.79 -22.96 -9.54
CA MET A 262 -22.07 -21.60 -9.07
C MET A 262 -21.66 -20.55 -10.10
N ARG A 263 -20.49 -20.75 -10.71
CA ARG A 263 -19.98 -19.89 -11.77
C ARG A 263 -20.99 -19.60 -12.87
N LYS A 264 -22.01 -20.45 -13.01
CA LYS A 264 -22.97 -20.36 -14.13
C LYS A 264 -24.04 -19.29 -13.94
N GLY A 265 -24.71 -19.31 -12.79
CA GLY A 265 -25.56 -18.21 -12.41
C GLY A 265 -27.04 -18.46 -12.61
N ASN A 266 -27.38 -19.67 -13.06
CA ASN A 266 -28.76 -20.01 -13.39
C ASN A 266 -29.29 -21.22 -12.64
N ASN A 267 -28.85 -21.37 -11.39
CA ASN A 267 -29.16 -22.55 -10.59
C ASN A 267 -30.44 -22.36 -9.79
N CYS A 268 -31.07 -23.48 -9.43
CA CYS A 268 -32.30 -23.50 -8.61
C CYS A 268 -33.36 -22.47 -9.03
N ASN A 269 -33.52 -22.27 -10.34
CA ASN A 269 -34.44 -21.27 -10.86
C ASN A 269 -33.98 -19.82 -10.61
N ASP A 270 -32.79 -19.66 -10.03
CA ASP A 270 -32.25 -18.34 -9.74
C ASP A 270 -31.40 -17.84 -10.89
N SER A 271 -31.32 -16.51 -11.03
CA SER A 271 -30.45 -15.90 -12.02
C SER A 271 -29.49 -14.92 -11.35
N PHE A 272 -28.24 -15.34 -11.18
CA PHE A 272 -27.23 -14.54 -10.48
C PHE A 272 -25.98 -14.35 -11.36
N SER A 273 -25.86 -13.18 -11.98
CA SER A 273 -24.75 -12.88 -12.89
C SER A 273 -23.39 -13.20 -12.26
N GLY A 274 -22.67 -14.14 -12.87
CA GLY A 274 -21.36 -14.52 -12.39
C GLY A 274 -21.44 -15.38 -11.14
N GLY A 275 -22.67 -15.70 -10.76
CA GLY A 275 -22.90 -16.59 -9.64
C GLY A 275 -22.77 -15.91 -8.29
N ILE A 276 -22.77 -14.58 -8.29
CA ILE A 276 -22.73 -13.82 -7.05
C ILE A 276 -23.86 -12.81 -7.01
N THR A 277 -24.15 -12.32 -5.82
CA THR A 277 -25.20 -11.31 -5.64
C THR A 277 -25.05 -10.53 -4.36
N ASN A 278 -25.59 -9.32 -4.36
CA ASN A 278 -25.64 -8.52 -3.16
C ASN A 278 -26.81 -9.02 -2.34
N GLY A 279 -26.61 -9.21 -1.04
CA GLY A 279 -27.68 -9.69 -0.18
C GLY A 279 -28.99 -8.95 -0.43
N ALA A 280 -28.97 -7.65 -0.14
CA ALA A 280 -30.14 -6.80 -0.30
C ALA A 280 -30.79 -6.95 -1.67
N HIS A 281 -29.97 -6.90 -2.73
CA HIS A 281 -30.49 -7.01 -4.10
C HIS A 281 -31.22 -8.32 -4.32
N TRP A 282 -30.72 -9.40 -3.74
CA TRP A 282 -31.47 -10.64 -3.72
C TRP A 282 -32.81 -10.35 -3.04
N TYR A 283 -32.76 -10.25 -1.72
CA TYR A 283 -33.86 -9.74 -0.92
C TYR A 283 -33.30 -9.29 0.42
N GLU A 284 -33.86 -8.22 0.98
CA GLU A 284 -33.35 -7.67 2.22
C GLU A 284 -33.73 -8.51 3.42
N LEU A 285 -32.86 -8.49 4.41
CA LEU A 285 -33.14 -9.15 5.66
C LEU A 285 -32.35 -8.39 6.71
N SER A 286 -32.81 -8.43 7.95
CA SER A 286 -32.12 -7.70 9.00
C SER A 286 -31.70 -8.61 10.14
N GLY A 287 -30.58 -8.26 10.78
CA GLY A 287 -30.10 -8.96 11.95
C GLY A 287 -29.24 -10.15 11.62
N GLY A 288 -28.70 -10.16 10.40
CA GLY A 288 -27.86 -11.25 9.97
C GLY A 288 -26.44 -11.19 10.53
N MET A 289 -25.78 -12.34 10.54
CA MET A 289 -24.41 -12.42 11.03
C MET A 289 -23.43 -11.73 10.07
N GLN A 290 -23.68 -11.87 8.77
CA GLN A 290 -22.80 -11.32 7.75
C GLN A 290 -22.54 -9.86 8.00
N ASP A 291 -23.60 -9.07 7.91
CA ASP A 291 -23.43 -7.63 8.05
C ASP A 291 -22.94 -7.28 9.46
N PHE A 292 -23.19 -8.17 10.41
CA PHE A 292 -22.76 -7.90 11.78
C PHE A 292 -21.24 -7.92 11.88
N ASN A 293 -20.62 -8.90 11.24
CA ASN A 293 -19.17 -8.93 11.12
C ASN A 293 -18.58 -7.60 10.62
N TYR A 294 -19.12 -7.11 9.51
CA TYR A 294 -18.53 -5.95 8.84
C TYR A 294 -18.70 -4.68 9.66
N ALA A 295 -19.91 -4.51 10.20
CA ALA A 295 -20.31 -3.27 10.86
C ALA A 295 -19.82 -3.16 12.30
N PHE A 296 -19.48 -4.27 12.93
CA PHE A 296 -19.12 -4.23 14.35
C PHE A 296 -17.74 -4.83 14.58
N SER A 297 -17.02 -5.05 13.49
CA SER A 297 -15.65 -5.55 13.58
C SER A 297 -14.95 -5.25 12.28
N ASN A 298 -13.72 -5.74 12.17
CA ASN A 298 -12.93 -5.59 10.97
C ASN A 298 -13.35 -6.64 9.94
N CYS A 299 -14.00 -7.69 10.40
CA CYS A 299 -14.16 -8.90 9.59
C CYS A 299 -15.02 -8.69 8.34
N PHE A 300 -14.60 -9.31 7.24
CA PHE A 300 -15.33 -9.30 5.97
C PHE A 300 -15.96 -10.67 5.73
N GLU A 301 -17.22 -10.85 6.12
CA GLU A 301 -17.90 -12.14 5.94
C GLU A 301 -18.74 -12.20 4.67
N LEU A 302 -18.60 -13.28 3.93
CA LEU A 302 -19.51 -13.60 2.83
C LEU A 302 -20.57 -14.57 3.30
N THR A 303 -21.72 -14.54 2.63
CA THR A 303 -22.74 -15.56 2.81
C THR A 303 -22.68 -16.48 1.59
N ILE A 304 -22.47 -17.78 1.81
CA ILE A 304 -22.37 -18.69 0.68
C ILE A 304 -23.41 -19.81 0.67
N GLU A 305 -24.16 -19.86 -0.43
CA GLU A 305 -25.20 -20.86 -0.63
C GLU A 305 -24.61 -22.01 -1.45
N LEU A 306 -24.69 -23.23 -0.92
CA LEU A 306 -23.97 -24.36 -1.52
C LEU A 306 -24.82 -25.25 -2.44
N SER A 307 -26.04 -25.53 -2.03
CA SER A 307 -26.89 -26.44 -2.79
C SER A 307 -28.28 -25.89 -2.98
N CYS A 308 -28.95 -26.37 -4.02
CA CYS A 308 -30.36 -26.09 -4.22
C CYS A 308 -31.17 -26.85 -3.18
N CYS A 309 -30.78 -28.10 -2.96
CA CYS A 309 -31.38 -28.89 -1.89
C CYS A 309 -30.76 -28.59 -0.52
N LYS A 310 -31.57 -28.07 0.40
CA LYS A 310 -31.09 -27.67 1.71
C LYS A 310 -30.40 -28.83 2.45
N TYR A 311 -31.07 -29.98 2.47
CA TYR A 311 -30.56 -31.16 3.17
C TYR A 311 -30.49 -32.37 2.25
N PRO A 312 -29.44 -32.47 1.43
CA PRO A 312 -29.33 -33.59 0.48
C PRO A 312 -28.90 -34.87 1.19
N ALA A 313 -28.77 -35.96 0.44
CA ALA A 313 -28.36 -37.25 1.01
C ALA A 313 -26.84 -37.38 1.00
N ALA A 314 -26.32 -38.21 1.89
CA ALA A 314 -24.88 -38.40 2.05
C ALA A 314 -24.13 -38.62 0.72
N SER A 315 -24.65 -39.50 -0.13
CA SER A 315 -23.98 -39.87 -1.38
C SER A 315 -23.63 -38.65 -2.20
N THR A 316 -24.37 -37.56 -1.95
CA THR A 316 -24.16 -36.29 -2.60
C THR A 316 -22.86 -35.64 -2.11
N LEU A 317 -22.55 -35.87 -0.84
CA LEU A 317 -21.46 -35.19 -0.14
C LEU A 317 -20.08 -35.25 -0.83
N PRO A 318 -19.68 -36.43 -1.32
CA PRO A 318 -18.38 -36.51 -1.98
C PRO A 318 -18.26 -35.58 -3.19
N GLN A 319 -19.31 -35.47 -3.99
CA GLN A 319 -19.38 -34.49 -5.11
C GLN A 319 -19.28 -33.02 -4.65
N GLU A 320 -20.06 -32.67 -3.63
CA GLU A 320 -20.04 -31.33 -3.07
C GLU A 320 -18.62 -31.01 -2.63
N TRP A 321 -17.92 -31.99 -2.08
CA TRP A 321 -16.55 -31.75 -1.66
C TRP A 321 -15.65 -31.34 -2.83
N GLN A 322 -15.71 -32.10 -3.93
CA GLN A 322 -14.84 -31.84 -5.07
C GLN A 322 -15.09 -30.48 -5.73
N ARG A 323 -16.34 -30.03 -5.69
CA ARG A 323 -16.69 -28.72 -6.25
C ARG A 323 -16.21 -27.56 -5.39
N ASN A 324 -16.47 -27.64 -4.09
CA ASN A 324 -16.21 -26.53 -3.21
C ASN A 324 -14.76 -26.49 -2.76
N LYS A 325 -14.07 -27.62 -2.93
CA LYS A 325 -12.68 -27.77 -2.51
C LYS A 325 -11.79 -26.57 -2.87
N ALA A 326 -11.70 -26.26 -4.17
CA ALA A 326 -10.89 -25.16 -4.69
C ALA A 326 -11.39 -23.78 -4.23
N SER A 327 -12.70 -23.59 -4.22
CA SER A 327 -13.31 -22.33 -3.80
C SER A 327 -13.09 -22.02 -2.31
N LEU A 328 -12.98 -23.05 -1.49
CA LEU A 328 -12.79 -22.88 -0.06
C LEU A 328 -11.31 -22.58 0.26
N LEU A 329 -10.43 -23.17 -0.51
CA LEU A 329 -9.01 -22.89 -0.36
C LEU A 329 -8.68 -21.49 -0.89
N GLN A 330 -9.09 -21.22 -2.12
CA GLN A 330 -8.80 -19.94 -2.75
C GLN A 330 -9.37 -18.75 -2.00
N LEU A 331 -10.57 -18.91 -1.45
CA LEU A 331 -11.19 -17.85 -0.65
C LEU A 331 -10.32 -17.59 0.56
N LEU A 332 -9.90 -18.67 1.21
CA LEU A 332 -9.06 -18.51 2.39
C LEU A 332 -7.84 -17.69 2.04
N ARG A 333 -7.22 -17.98 0.91
CA ARG A 333 -6.01 -17.26 0.49
C ARG A 333 -6.25 -15.78 0.18
N GLN A 334 -7.52 -15.40 0.08
CA GLN A 334 -7.90 -14.01 -0.08
C GLN A 334 -7.70 -13.21 1.22
N ALA A 335 -7.55 -13.91 2.34
CA ALA A 335 -7.21 -13.23 3.58
C ALA A 335 -5.77 -12.72 3.52
N HIS A 336 -5.14 -12.83 2.36
CA HIS A 336 -3.75 -12.40 2.27
C HIS A 336 -3.54 -11.23 1.35
N ILE A 337 -4.61 -10.82 0.68
CA ILE A 337 -4.53 -9.67 -0.21
C ILE A 337 -4.38 -8.38 0.58
N GLY A 338 -4.03 -7.33 -0.16
CA GLY A 338 -3.88 -6.01 0.43
C GLY A 338 -2.60 -5.86 1.22
N ILE A 339 -2.74 -5.29 2.42
CA ILE A 339 -1.60 -4.98 3.25
C ILE A 339 -1.84 -5.36 4.69
N LYS A 340 -0.80 -5.13 5.48
CA LYS A 340 -0.85 -5.42 6.89
C LYS A 340 0.35 -4.75 7.51
N GLY A 341 0.28 -4.50 8.82
CA GLY A 341 1.35 -3.81 9.50
C GLY A 341 1.10 -3.49 10.95
N LEU A 342 1.99 -2.66 11.49
CA LEU A 342 1.93 -2.32 12.89
C LEU A 342 1.85 -0.82 13.07
N VAL A 343 0.96 -0.42 13.97
CA VAL A 343 0.94 0.95 14.41
C VAL A 343 1.60 0.89 15.77
N THR A 344 2.70 1.62 15.88
CA THR A 344 3.55 1.48 17.03
C THR A 344 3.93 2.81 17.67
N ASP A 345 4.38 2.72 18.91
CA ASP A 345 5.00 3.81 19.65
C ASP A 345 6.19 4.35 18.92
N ALA A 346 6.69 5.47 19.44
CA ALA A 346 8.06 5.90 19.22
C ALA A 346 8.95 4.95 20.00
N SER A 347 8.45 4.51 21.17
CA SER A 347 9.07 3.41 21.90
C SER A 347 9.08 2.15 21.03
N GLY A 348 8.49 2.24 19.85
CA GLY A 348 8.33 1.08 18.98
C GLY A 348 7.41 0.06 19.61
N PHE A 349 6.38 0.57 20.29
CA PHE A 349 5.50 -0.26 21.10
C PHE A 349 4.05 -0.16 20.62
N PRO A 350 3.40 -1.33 20.45
CA PRO A 350 2.12 -1.39 19.73
C PRO A 350 1.03 -0.51 20.31
N ILE A 351 0.36 0.25 19.45
CA ILE A 351 -0.84 0.98 19.85
C ILE A 351 -2.09 0.17 19.49
N ALA A 352 -2.86 -0.16 20.51
CA ALA A 352 -4.05 -0.98 20.32
C ALA A 352 -5.22 -0.06 20.01
N ASP A 353 -6.20 -0.56 19.27
CA ASP A 353 -7.36 0.24 18.89
C ASP A 353 -7.04 1.50 18.07
N ALA A 354 -5.88 1.54 17.46
CA ALA A 354 -5.57 2.59 16.51
C ALA A 354 -6.46 2.42 15.28
N ASN A 355 -6.61 3.49 14.50
CA ASN A 355 -7.35 3.42 13.25
C ASN A 355 -6.44 3.57 12.05
N VAL A 356 -6.66 2.72 11.06
CA VAL A 356 -5.89 2.76 9.82
C VAL A 356 -6.84 3.04 8.64
N TYR A 357 -6.65 4.20 8.01
CA TYR A 357 -7.55 4.66 6.96
C TYR A 357 -6.93 4.57 5.57
N VAL A 358 -7.77 4.21 4.59
CA VAL A 358 -7.40 4.21 3.18
C VAL A 358 -8.26 5.23 2.43
N ALA A 359 -7.60 6.16 1.75
CA ALA A 359 -8.31 7.18 0.98
C ALA A 359 -9.37 6.55 0.07
N GLY A 360 -10.62 6.95 0.28
CA GLY A 360 -11.72 6.44 -0.52
C GLY A 360 -12.38 5.25 0.15
N LEU A 361 -11.81 4.82 1.26
CA LEU A 361 -12.38 3.76 2.06
C LEU A 361 -12.34 4.16 3.54
N GLU A 362 -12.40 5.46 3.79
CA GLU A 362 -12.27 6.00 5.12
C GLU A 362 -13.48 5.71 6.01
N GLU A 363 -14.57 5.25 5.41
CA GLU A 363 -15.75 4.90 6.18
C GLU A 363 -15.57 3.54 6.85
N LYS A 364 -14.66 2.73 6.32
CA LYS A 364 -14.33 1.46 6.95
C LYS A 364 -12.87 1.39 7.36
N PRO A 365 -12.54 2.04 8.49
CA PRO A 365 -11.20 1.95 9.07
C PRO A 365 -10.96 0.57 9.69
N MET A 366 -9.70 0.17 9.79
CA MET A 366 -9.36 -1.04 10.51
C MET A 366 -8.93 -0.62 11.89
N ARG A 367 -9.35 -1.38 12.90
CA ARG A 367 -8.96 -1.11 14.27
C ARG A 367 -7.83 -2.07 14.66
N THR A 368 -6.68 -1.54 15.06
CA THR A 368 -5.56 -2.44 15.37
C THR A 368 -5.83 -3.32 16.56
N SER A 369 -5.17 -4.48 16.56
CA SER A 369 -5.26 -5.45 17.64
C SER A 369 -4.48 -4.97 18.86
N LYS A 370 -4.53 -5.74 19.94
CA LYS A 370 -3.77 -5.41 21.15
C LYS A 370 -2.29 -5.27 20.86
N ARG A 371 -1.82 -5.95 19.80
CA ARG A 371 -0.43 -5.88 19.41
C ARG A 371 -0.25 -4.87 18.27
N GLY A 372 -1.26 -4.06 18.04
CA GLY A 372 -1.17 -2.99 17.07
C GLY A 372 -1.14 -3.47 15.64
N GLU A 373 -1.64 -4.68 15.42
CA GLU A 373 -1.67 -5.24 14.09
C GLU A 373 -2.94 -4.84 13.35
N TYR A 374 -2.82 -4.75 12.03
CA TYR A 374 -3.99 -4.57 11.17
C TYR A 374 -3.72 -5.27 9.84
N TRP A 375 -4.79 -5.74 9.22
CA TRP A 375 -4.73 -6.30 7.89
C TRP A 375 -5.81 -5.57 7.12
N ARG A 376 -5.44 -4.95 5.99
CA ARG A 376 -6.43 -4.27 5.19
C ARG A 376 -6.50 -4.91 3.82
N LEU A 377 -7.57 -5.68 3.63
CA LEU A 377 -7.77 -6.38 2.38
C LEU A 377 -7.95 -5.36 1.28
N LEU A 378 -7.25 -5.53 0.18
CA LEU A 378 -7.37 -4.58 -0.91
C LEU A 378 -7.39 -5.25 -2.28
N THR A 379 -8.17 -4.67 -3.16
CA THR A 379 -8.12 -4.96 -4.58
C THR A 379 -6.80 -4.42 -5.09
N PRO A 380 -6.26 -5.01 -6.16
CA PRO A 380 -5.09 -4.41 -6.81
C PRO A 380 -5.30 -2.92 -7.16
N GLY A 381 -4.21 -2.14 -7.09
CA GLY A 381 -4.28 -0.71 -7.29
C GLY A 381 -3.30 0.02 -6.40
N LEU A 382 -3.36 1.35 -6.37
CA LEU A 382 -2.45 2.08 -5.50
C LEU A 382 -3.23 2.98 -4.56
N TYR A 383 -2.78 3.02 -3.31
CA TYR A 383 -3.51 3.71 -2.25
C TYR A 383 -2.66 4.61 -1.35
N SER A 384 -3.33 5.58 -0.72
CA SER A 384 -2.70 6.38 0.32
C SER A 384 -3.27 5.94 1.66
N VAL A 385 -2.44 5.25 2.42
CA VAL A 385 -2.88 4.74 3.71
C VAL A 385 -2.34 5.63 4.82
N HIS A 386 -3.16 5.86 5.85
CA HIS A 386 -2.69 6.57 7.04
C HIS A 386 -3.35 6.05 8.31
N ALA A 387 -2.73 6.37 9.44
CA ALA A 387 -3.19 5.84 10.72
C ALA A 387 -3.40 6.95 11.71
N SER A 388 -4.38 6.74 12.60
CA SER A 388 -4.62 7.71 13.64
C SER A 388 -5.06 7.01 14.92
N ALA A 389 -4.99 7.74 16.03
CA ALA A 389 -5.36 7.22 17.34
C ALA A 389 -5.48 8.39 18.32
N PHE A 390 -6.42 8.28 19.24
CA PHE A 390 -6.61 9.27 20.28
C PHE A 390 -5.32 9.44 21.09
N GLY A 391 -4.92 10.69 21.32
CA GLY A 391 -3.70 10.94 22.07
C GLY A 391 -2.48 10.84 21.18
N TYR A 392 -2.73 10.66 19.89
CA TYR A 392 -1.64 10.59 18.91
C TYR A 392 -1.89 11.48 17.72
N GLN A 393 -0.82 12.13 17.25
CA GLN A 393 -0.88 12.91 16.02
C GLN A 393 -1.04 11.94 14.86
N THR A 394 -2.04 12.22 14.02
CA THR A 394 -2.35 11.36 12.90
C THR A 394 -1.15 11.30 11.97
N SER A 395 -0.70 10.09 11.68
CA SER A 395 0.48 9.91 10.84
C SER A 395 0.36 10.60 9.50
N ALA A 396 1.51 10.90 8.91
CA ALA A 396 1.56 11.32 7.51
C ALA A 396 1.14 10.12 6.66
N PRO A 397 0.62 10.39 5.47
CA PRO A 397 0.11 9.31 4.60
C PRO A 397 1.23 8.58 3.89
N GLN A 398 1.01 7.31 3.61
CA GLN A 398 1.95 6.54 2.80
C GLN A 398 1.22 6.01 1.56
N GLN A 399 1.92 6.07 0.43
CA GLN A 399 1.41 5.56 -0.84
C GLN A 399 1.97 4.17 -1.09
N VAL A 400 1.11 3.24 -1.45
CA VAL A 400 1.53 1.87 -1.68
C VAL A 400 0.85 1.30 -2.91
N ARG A 401 1.63 0.59 -3.72
CA ARG A 401 1.09 -0.08 -4.89
C ARG A 401 0.72 -1.52 -4.54
N VAL A 402 -0.57 -1.78 -4.43
CA VAL A 402 -1.03 -3.12 -4.10
C VAL A 402 -1.18 -4.00 -5.32
N THR A 403 -0.20 -4.88 -5.51
CA THR A 403 -0.30 -6.00 -6.42
C THR A 403 -0.58 -7.20 -5.54
N ASN A 404 -1.58 -7.98 -5.91
CA ASN A 404 -1.90 -9.17 -5.12
C ASN A 404 -1.34 -10.39 -5.80
N ASP A 405 -0.03 -10.34 -6.03
CA ASP A 405 0.70 -11.40 -6.73
C ASP A 405 1.44 -12.28 -5.73
N ASN A 406 2.07 -11.66 -4.72
CA ASN A 406 2.83 -12.42 -3.75
C ASN A 406 1.98 -13.06 -2.66
N GLN A 407 2.60 -14.01 -1.96
CA GLN A 407 1.89 -14.89 -1.06
C GLN A 407 1.30 -14.17 0.15
N GLU A 408 1.94 -13.10 0.60
CA GLU A 408 1.46 -12.41 1.78
C GLU A 408 1.33 -10.90 1.61
N ALA A 409 0.32 -10.33 2.28
CA ALA A 409 0.00 -8.92 2.20
C ALA A 409 1.24 -8.06 2.41
N LEU A 410 1.30 -6.98 1.65
CA LEU A 410 2.40 -6.04 1.72
C LEU A 410 2.50 -5.41 3.11
N ARG A 411 3.69 -5.49 3.70
CA ARG A 411 3.92 -4.91 5.01
C ARG A 411 3.97 -3.39 4.93
N LEU A 412 3.46 -2.73 5.95
CA LEU A 412 3.40 -1.27 5.96
C LEU A 412 3.06 -0.84 7.38
N ASP A 413 4.03 -0.23 8.05
CA ASP A 413 3.88 0.11 9.47
C ASP A 413 3.73 1.59 9.68
N PHE A 414 3.41 1.95 10.92
CA PHE A 414 3.25 3.33 11.30
C PHE A 414 3.81 3.58 12.69
N LYS A 415 4.60 4.65 12.81
CA LYS A 415 4.92 5.22 14.11
C LYS A 415 4.16 6.53 14.29
N LEU A 416 3.51 6.65 15.44
CA LEU A 416 2.72 7.83 15.78
C LEU A 416 3.30 8.49 17.00
N ALA A 417 3.37 9.82 16.97
CA ALA A 417 3.86 10.58 18.11
C ALA A 417 2.69 10.98 18.98
N PRO A 418 2.87 11.05 20.29
CA PRO A 418 1.73 11.49 21.07
C PRO A 418 1.50 12.96 20.72
N VAL A 419 0.24 13.41 20.76
CA VAL A 419 -0.09 14.81 20.50
C VAL A 419 0.90 15.78 21.15
N ILE B 28 -20.98 12.49 56.52
CA ILE B 28 -21.57 11.39 55.77
C ILE B 28 -21.17 11.49 54.30
N LYS B 29 -19.94 11.95 54.09
CA LYS B 29 -19.38 12.20 52.77
C LYS B 29 -19.40 10.97 51.85
N GLU B 30 -19.67 9.80 52.42
CA GLU B 30 -19.78 8.57 51.62
C GLU B 30 -21.19 8.33 51.11
N ASP B 31 -21.28 7.92 49.86
CA ASP B 31 -22.56 7.70 49.22
C ASP B 31 -22.84 6.21 49.24
N GLU B 32 -23.45 5.76 50.32
CA GLU B 32 -23.87 4.38 50.45
C GLU B 32 -25.39 4.39 50.58
N SER B 33 -26.02 4.80 49.49
CA SER B 33 -27.48 4.84 49.44
C SER B 33 -28.02 3.52 48.88
N PHE B 34 -27.13 2.57 48.61
CA PHE B 34 -27.53 1.25 48.10
C PHE B 34 -27.96 0.37 49.26
N LEU B 35 -27.57 0.79 50.46
CA LEU B 35 -27.95 0.12 51.69
C LEU B 35 -29.39 0.56 52.06
N GLN B 36 -30.06 1.20 51.10
CA GLN B 36 -31.42 1.71 51.26
C GLN B 36 -32.43 0.60 50.99
N GLN B 37 -33.33 0.37 51.94
CA GLN B 37 -34.26 -0.75 51.89
C GLN B 37 -33.54 -1.98 51.39
N PRO B 38 -32.80 -2.67 52.29
CA PRO B 38 -32.02 -3.83 51.87
C PRO B 38 -32.91 -5.00 51.43
N HIS B 39 -32.43 -5.73 50.44
CA HIS B 39 -33.19 -6.78 49.81
C HIS B 39 -32.24 -7.50 48.86
N TYR B 40 -32.56 -8.74 48.53
CA TYR B 40 -31.71 -9.48 47.61
C TYR B 40 -32.08 -9.19 46.16
N ALA B 41 -31.08 -8.83 45.37
CA ALA B 41 -31.28 -8.49 43.97
C ALA B 41 -31.55 -9.74 43.15
N SER B 42 -32.67 -9.78 42.43
CA SER B 42 -33.01 -10.96 41.63
C SER B 42 -32.20 -10.96 40.34
N GLN B 43 -32.33 -12.04 39.57
CA GLN B 43 -31.69 -12.08 38.26
C GLN B 43 -32.10 -10.86 37.42
N GLU B 44 -33.38 -10.52 37.41
CA GLU B 44 -33.81 -9.34 36.65
C GLU B 44 -33.19 -8.06 37.20
N GLN B 45 -33.30 -7.88 38.51
CA GLN B 45 -32.80 -6.66 39.16
C GLN B 45 -31.31 -6.44 38.92
N LEU B 46 -30.60 -7.56 38.75
CA LEU B 46 -29.14 -7.54 38.57
C LEU B 46 -28.74 -7.11 37.17
N GLU B 47 -29.43 -7.67 36.17
CA GLU B 47 -29.16 -7.30 34.80
C GLU B 47 -29.54 -5.85 34.61
N ASP B 48 -30.70 -5.48 35.16
CA ASP B 48 -31.18 -4.11 35.09
C ASP B 48 -30.17 -3.13 35.69
N LEU B 49 -29.64 -3.45 36.88
CA LEU B 49 -28.73 -2.50 37.54
C LEU B 49 -27.40 -2.37 36.82
N PHE B 50 -26.95 -3.45 36.21
CA PHE B 50 -25.71 -3.44 35.44
C PHE B 50 -25.85 -2.59 34.18
N ALA B 51 -27.03 -2.63 33.56
CA ALA B 51 -27.27 -1.81 32.38
C ALA B 51 -27.27 -0.33 32.75
N GLY B 52 -27.91 -0.03 33.88
CA GLY B 52 -28.00 1.34 34.37
C GLY B 52 -26.64 1.95 34.60
N LEU B 53 -25.76 1.18 35.24
CA LEU B 53 -24.43 1.64 35.53
C LEU B 53 -23.69 1.91 34.24
N GLU B 54 -23.86 1.03 33.28
CA GLU B 54 -23.21 1.20 31.99
C GLU B 54 -23.59 2.53 31.33
N LYS B 55 -24.87 2.86 31.31
CA LYS B 55 -25.28 4.14 30.73
C LYS B 55 -24.98 5.29 31.69
N ALA B 56 -25.20 5.10 32.98
CA ALA B 56 -24.91 6.14 33.97
C ALA B 56 -23.44 6.53 33.93
N TYR B 57 -22.60 5.56 33.63
CA TYR B 57 -21.17 5.77 33.69
C TYR B 57 -20.50 5.21 32.44
N PRO B 58 -20.78 5.84 31.30
CA PRO B 58 -20.41 5.40 29.94
C PRO B 58 -18.95 4.95 29.76
N ASN B 59 -17.99 5.59 30.42
CA ASN B 59 -16.57 5.32 30.16
C ASN B 59 -15.85 4.45 31.22
N GLN B 60 -16.57 4.08 32.27
CA GLN B 60 -15.95 3.36 33.38
C GLN B 60 -16.68 2.06 33.75
N ALA B 61 -17.96 1.96 33.37
CA ALA B 61 -18.74 0.74 33.57
C ALA B 61 -19.10 0.04 32.26
N LYS B 62 -18.76 -1.24 32.17
CA LYS B 62 -19.04 -2.01 30.96
C LYS B 62 -19.48 -3.42 31.33
N VAL B 63 -20.56 -3.87 30.72
CA VAL B 63 -21.08 -5.21 31.00
C VAL B 63 -20.47 -6.21 30.02
N HIS B 64 -20.21 -7.40 30.55
CA HIS B 64 -19.60 -8.48 29.79
C HIS B 64 -20.43 -9.75 29.95
N PHE B 65 -20.73 -10.38 28.83
CA PHE B 65 -21.51 -11.60 28.82
C PHE B 65 -20.57 -12.80 28.81
N LEU B 66 -20.66 -13.63 29.84
CA LEU B 66 -19.75 -14.79 30.01
C LEU B 66 -20.33 -16.09 29.45
N GLY B 67 -21.65 -16.21 29.49
CA GLY B 67 -22.29 -17.42 29.06
C GLY B 67 -23.67 -17.48 29.67
N ARG B 68 -24.32 -18.62 29.48
CA ARG B 68 -25.66 -18.78 29.99
C ARG B 68 -25.76 -20.03 30.84
N SER B 69 -26.67 -20.01 31.81
CA SER B 69 -26.91 -21.18 32.65
C SER B 69 -27.75 -22.18 31.88
N LEU B 70 -28.01 -23.31 32.55
CA LEU B 70 -28.78 -24.38 31.94
C LEU B 70 -30.13 -23.80 31.58
N GLU B 71 -30.65 -22.99 32.47
CA GLU B 71 -32.02 -22.55 32.34
C GLU B 71 -32.08 -21.18 31.70
N GLY B 72 -31.06 -20.86 30.91
CA GLY B 72 -31.05 -19.64 30.11
C GLY B 72 -30.56 -18.35 30.75
N ARG B 73 -30.42 -18.32 32.08
CA ARG B 73 -30.02 -17.11 32.77
C ARG B 73 -28.61 -16.64 32.41
N ASN B 74 -28.46 -15.35 32.15
CA ASN B 74 -27.19 -14.75 31.74
C ASN B 74 -26.16 -14.65 32.85
N LEU B 75 -24.94 -15.09 32.56
CA LEU B 75 -23.80 -14.96 33.48
C LEU B 75 -23.02 -13.69 33.12
N LEU B 76 -23.10 -12.68 33.99
CA LEU B 76 -22.68 -11.34 33.65
C LEU B 76 -21.58 -10.84 34.58
N ALA B 77 -20.65 -10.08 34.02
CA ALA B 77 -19.60 -9.43 34.81
C ALA B 77 -19.53 -7.98 34.44
N LEU B 78 -19.45 -7.14 35.47
CA LEU B 78 -19.33 -5.70 35.26
C LEU B 78 -17.89 -5.28 35.46
N GLN B 79 -17.33 -4.72 34.40
CA GLN B 79 -16.00 -4.13 34.45
C GLN B 79 -16.03 -2.64 34.81
N ILE B 80 -15.20 -2.25 35.77
CA ILE B 80 -15.01 -0.86 36.13
C ILE B 80 -13.54 -0.54 35.90
N SER B 81 -13.26 0.55 35.22
CA SER B 81 -11.88 0.90 34.90
C SER B 81 -11.74 2.40 34.67
N ARG B 82 -10.50 2.88 34.58
CA ARG B 82 -10.25 4.25 34.20
C ARG B 82 -10.87 4.51 32.84
N ASN B 83 -10.70 3.56 31.93
CA ASN B 83 -11.23 3.66 30.57
C ASN B 83 -11.62 2.31 30.03
N THR B 84 -12.91 2.06 30.00
CA THR B 84 -13.41 0.73 29.67
C THR B 84 -13.02 0.30 28.26
N ARG B 85 -12.68 1.24 27.40
CA ARG B 85 -12.43 0.88 26.01
C ARG B 85 -11.31 -0.13 25.93
N SER B 86 -10.23 0.13 26.65
CA SER B 86 -9.11 -0.79 26.68
C SER B 86 -8.67 -1.11 28.10
N ARG B 87 -7.39 -1.47 28.22
CA ARG B 87 -6.76 -1.65 29.52
C ARG B 87 -5.38 -1.02 29.41
N ASN B 88 -5.16 0.06 30.16
CA ASN B 88 -3.87 0.70 30.17
C ASN B 88 -2.75 -0.28 30.45
N LEU B 89 -1.67 -0.15 29.68
CA LEU B 89 -0.48 -0.95 29.86
C LEU B 89 -0.12 -1.04 31.33
N LEU B 90 0.05 -2.26 31.81
CA LEU B 90 0.49 -2.58 33.18
C LEU B 90 -0.56 -2.35 34.26
N THR B 91 -1.80 -2.10 33.84
CA THR B 91 -2.90 -2.06 34.78
C THR B 91 -3.35 -3.48 35.05
N PRO B 92 -3.35 -3.85 36.32
CA PRO B 92 -3.76 -5.20 36.72
C PRO B 92 -5.25 -5.42 36.47
N PRO B 93 -5.59 -6.47 35.71
CA PRO B 93 -6.99 -6.91 35.68
C PRO B 93 -7.26 -7.81 36.89
N VAL B 94 -8.38 -7.58 37.58
CA VAL B 94 -8.70 -8.31 38.81
C VAL B 94 -10.17 -8.68 38.80
N LYS B 95 -10.53 -9.74 39.51
CA LYS B 95 -11.93 -10.17 39.51
C LYS B 95 -12.42 -10.61 40.90
N TYR B 96 -13.70 -10.37 41.13
CA TYR B 96 -14.41 -10.93 42.27
C TYR B 96 -15.59 -11.73 41.76
N ILE B 97 -15.68 -13.00 42.16
CA ILE B 97 -16.87 -13.80 41.88
C ILE B 97 -17.65 -14.21 43.16
N ALA B 98 -18.97 -14.34 43.05
CA ALA B 98 -19.77 -14.76 44.20
C ALA B 98 -20.84 -15.79 43.87
N ASN B 99 -21.48 -16.29 44.92
CA ASN B 99 -22.68 -17.09 44.75
C ASN B 99 -22.53 -18.24 43.77
N MET B 100 -21.34 -18.82 43.67
CA MET B 100 -21.18 -20.06 42.91
C MET B 100 -22.02 -21.17 43.56
N HIS B 101 -22.10 -21.14 44.89
CA HIS B 101 -23.05 -21.96 45.61
C HIS B 101 -24.30 -21.09 45.81
N GLY B 102 -25.32 -21.37 45.01
CA GLY B 102 -26.47 -20.49 44.94
C GLY B 102 -27.02 -20.15 46.30
N ASP B 103 -26.83 -21.02 47.27
CA ASP B 103 -27.45 -20.82 48.57
C ASP B 103 -26.51 -20.11 49.52
N GLU B 104 -25.37 -19.66 49.00
CA GLU B 104 -24.43 -18.83 49.76
C GLU B 104 -24.44 -17.43 49.16
N THR B 105 -25.15 -16.51 49.81
CA THR B 105 -25.70 -15.35 49.11
C THR B 105 -25.13 -13.98 49.47
N VAL B 106 -24.58 -13.85 50.67
CA VAL B 106 -24.09 -12.56 51.13
C VAL B 106 -23.09 -11.93 50.15
N GLY B 107 -22.10 -12.70 49.73
CA GLY B 107 -21.13 -12.25 48.75
C GLY B 107 -21.75 -11.70 47.48
N ARG B 108 -22.80 -12.34 47.01
CA ARG B 108 -23.58 -11.86 45.90
C ARG B 108 -23.98 -10.39 46.07
N GLN B 109 -24.65 -10.10 47.18
CA GLN B 109 -25.09 -8.73 47.44
C GLN B 109 -23.94 -7.76 47.66
N LEU B 110 -22.88 -8.26 48.29
CA LEU B 110 -21.72 -7.43 48.57
C LEU B 110 -21.08 -6.94 47.26
N LEU B 111 -21.12 -7.78 46.24
CA LEU B 111 -20.53 -7.41 44.96
C LEU B 111 -21.41 -6.42 44.26
N VAL B 112 -22.72 -6.57 44.46
CA VAL B 112 -23.70 -5.62 43.96
C VAL B 112 -23.51 -4.23 44.61
N TYR B 113 -23.23 -4.25 45.91
CA TYR B 113 -22.93 -3.03 46.65
C TYR B 113 -21.59 -2.41 46.22
N MET B 114 -20.60 -3.26 45.99
CA MET B 114 -19.28 -2.78 45.60
C MET B 114 -19.41 -2.00 44.30
N ALA B 115 -19.99 -2.64 43.29
CA ALA B 115 -20.14 -2.01 41.99
C ALA B 115 -20.59 -0.58 42.20
N GLN B 116 -21.83 -0.41 42.64
CA GLN B 116 -22.41 0.89 42.99
C GLN B 116 -21.45 1.75 43.80
N TYR B 117 -21.01 1.24 44.95
CA TYR B 117 -20.09 1.97 45.79
C TYR B 117 -18.93 2.58 45.00
N LEU B 118 -18.21 1.74 44.26
CA LEU B 118 -17.03 2.20 43.52
C LEU B 118 -17.36 3.28 42.50
N LEU B 119 -18.30 3.00 41.61
CA LEU B 119 -18.69 3.99 40.61
C LEU B 119 -19.13 5.30 41.25
N GLY B 120 -20.11 5.21 42.15
CA GLY B 120 -20.72 6.38 42.75
C GLY B 120 -19.78 7.19 43.62
N ASN B 121 -18.65 6.61 43.99
CA ASN B 121 -17.74 7.32 44.90
C ASN B 121 -16.34 7.64 44.35
N HIS B 122 -15.95 6.96 43.27
CA HIS B 122 -14.59 7.08 42.74
C HIS B 122 -14.18 8.52 42.40
N GLU B 123 -15.13 9.33 41.95
CA GLU B 123 -14.79 10.72 41.67
C GLU B 123 -14.76 11.58 42.91
N ARG B 124 -15.51 11.17 43.94
CA ARG B 124 -15.56 11.94 45.18
C ARG B 124 -14.47 11.59 46.18
N ILE B 125 -14.18 10.29 46.34
CA ILE B 125 -13.19 9.84 47.32
C ILE B 125 -11.86 9.43 46.67
N SER B 126 -10.79 10.16 47.01
CA SER B 126 -9.47 10.01 46.38
C SER B 126 -8.97 8.56 46.34
N ASP B 127 -8.95 7.91 47.51
CA ASP B 127 -8.50 6.53 47.59
C ASP B 127 -9.10 5.68 46.49
N LEU B 128 -10.42 5.72 46.39
CA LEU B 128 -11.13 4.91 45.41
C LEU B 128 -10.81 5.37 43.99
N GLY B 129 -10.82 6.68 43.79
CA GLY B 129 -10.52 7.24 42.49
C GLY B 129 -9.16 6.78 42.03
N GLN B 130 -8.29 6.53 43.00
CA GLN B 130 -6.96 6.07 42.69
C GLN B 130 -6.96 4.55 42.50
N LEU B 131 -7.73 3.84 43.33
CA LEU B 131 -7.94 2.41 43.12
C LEU B 131 -8.35 2.17 41.70
N VAL B 132 -9.44 2.80 41.29
CA VAL B 132 -10.05 2.62 39.97
C VAL B 132 -9.10 2.94 38.82
N ASN B 133 -8.40 4.08 38.95
CA ASN B 133 -7.43 4.52 37.95
C ASN B 133 -6.35 3.47 37.68
N SER B 134 -5.98 2.73 38.72
CA SER B 134 -4.80 1.88 38.67
C SER B 134 -5.14 0.39 38.55
N THR B 135 -6.42 0.07 38.62
CA THR B 135 -6.84 -1.31 38.55
C THR B 135 -8.02 -1.51 37.60
N ASP B 136 -7.97 -2.60 36.84
CA ASP B 136 -9.05 -3.02 35.98
C ASP B 136 -9.88 -4.06 36.74
N ILE B 137 -11.11 -3.69 37.09
CA ILE B 137 -11.86 -4.48 38.08
C ILE B 137 -13.13 -5.09 37.51
N TYR B 138 -13.31 -6.40 37.71
CA TYR B 138 -14.49 -7.14 37.22
C TYR B 138 -15.28 -7.80 38.35
N LEU B 139 -16.59 -7.55 38.40
CA LEU B 139 -17.42 -8.02 39.49
C LEU B 139 -18.49 -8.97 39.00
N VAL B 140 -18.44 -10.22 39.46
CA VAL B 140 -19.43 -11.23 39.11
C VAL B 140 -20.26 -11.64 40.34
N PRO B 141 -21.33 -10.87 40.62
CA PRO B 141 -22.18 -11.09 41.80
C PRO B 141 -22.73 -12.52 41.88
N THR B 142 -23.07 -13.11 40.75
CA THR B 142 -23.48 -14.52 40.76
C THR B 142 -22.90 -15.36 39.62
N MET B 143 -22.61 -16.62 39.96
CA MET B 143 -22.05 -17.59 39.03
C MET B 143 -23.02 -18.78 38.92
N ASN B 144 -24.08 -18.73 39.73
CA ASN B 144 -25.06 -19.80 39.76
C ASN B 144 -26.48 -19.29 39.97
N PRO B 145 -27.03 -18.60 38.96
CA PRO B 145 -28.37 -17.99 38.99
C PRO B 145 -29.43 -19.05 39.19
N ASP B 146 -29.17 -20.24 38.65
CA ASP B 146 -30.15 -21.30 38.68
C ASP B 146 -30.18 -21.88 40.07
N GLY B 147 -29.00 -22.09 40.65
CA GLY B 147 -28.88 -22.55 42.02
C GLY B 147 -29.53 -21.55 42.97
N TYR B 148 -29.20 -20.28 42.78
CA TYR B 148 -29.80 -19.19 43.55
C TYR B 148 -31.33 -19.25 43.47
N ALA B 149 -31.87 -19.20 42.27
CA ALA B 149 -33.31 -19.17 42.11
C ALA B 149 -33.97 -20.28 42.93
N LEU B 150 -33.29 -21.41 43.07
CA LEU B 150 -33.88 -22.57 43.74
C LEU B 150 -33.69 -22.53 45.26
N SER B 151 -32.85 -21.61 45.73
CA SER B 151 -32.60 -21.51 47.17
C SER B 151 -33.64 -20.64 47.89
N GLN B 152 -33.67 -20.74 49.21
CA GLN B 152 -34.68 -20.04 50.01
C GLN B 152 -34.06 -19.04 50.99
N GLU B 153 -34.35 -17.76 50.79
CA GLU B 153 -33.84 -16.74 51.70
C GLU B 153 -34.20 -17.13 53.13
N GLY B 154 -33.22 -16.99 54.02
CA GLY B 154 -33.41 -17.33 55.42
C GLY B 154 -32.63 -18.56 55.82
N ASN B 155 -32.38 -19.45 54.87
CA ASN B 155 -31.73 -20.71 55.19
C ASN B 155 -30.26 -20.55 55.53
N CYS B 156 -29.95 -20.60 56.82
CA CYS B 156 -28.55 -20.58 57.25
C CYS B 156 -27.86 -21.87 56.81
N GLU B 157 -28.61 -22.96 56.81
CA GLU B 157 -28.10 -24.24 56.31
C GLU B 157 -28.72 -24.53 54.96
N SER B 158 -28.00 -25.24 54.12
CA SER B 158 -28.48 -25.58 52.78
C SER B 158 -29.76 -26.43 52.84
N LEU B 159 -30.36 -26.72 51.69
CA LEU B 159 -31.61 -27.49 51.66
C LEU B 159 -31.34 -29.00 51.63
N PRO B 160 -32.25 -29.78 52.21
CA PRO B 160 -32.12 -31.24 52.11
C PRO B 160 -31.78 -31.57 50.67
N ASN B 161 -30.74 -32.38 50.45
CA ASN B 161 -30.29 -32.71 49.10
C ASN B 161 -29.31 -31.68 48.59
N TYR B 162 -29.15 -30.61 49.36
CA TYR B 162 -28.28 -29.50 48.99
C TYR B 162 -28.79 -28.82 47.72
N VAL B 163 -30.09 -28.93 47.50
CA VAL B 163 -30.75 -28.29 46.40
C VAL B 163 -30.49 -26.79 46.52
N GLY B 164 -30.16 -26.14 45.40
CA GLY B 164 -29.88 -24.72 45.40
C GLY B 164 -28.39 -24.44 45.47
N ARG B 165 -27.64 -25.37 46.08
CA ARG B 165 -26.19 -25.27 46.17
C ARG B 165 -25.56 -25.55 44.81
N GLY B 166 -25.86 -26.73 44.26
CA GLY B 166 -25.38 -27.09 42.95
C GLY B 166 -26.15 -26.32 41.90
N ASN B 167 -25.79 -26.47 40.63
CA ASN B 167 -26.55 -25.81 39.60
C ASN B 167 -27.92 -26.48 39.40
N ALA B 168 -28.50 -26.35 38.21
CA ALA B 168 -29.82 -26.91 37.94
C ALA B 168 -29.77 -28.42 37.72
N ALA B 169 -28.58 -28.93 37.41
CA ALA B 169 -28.40 -30.37 37.22
C ALA B 169 -28.04 -31.02 38.54
N ASN B 170 -27.90 -30.19 39.58
CA ASN B 170 -27.56 -30.62 40.93
C ASN B 170 -26.12 -31.09 41.10
N ILE B 171 -25.22 -30.55 40.30
CA ILE B 171 -23.81 -30.82 40.50
C ILE B 171 -23.13 -29.60 41.11
N ASP B 172 -22.16 -29.86 41.99
CA ASP B 172 -21.47 -28.79 42.69
C ASP B 172 -20.41 -28.14 41.80
N LEU B 173 -20.67 -26.93 41.34
CA LEU B 173 -19.73 -26.22 40.49
C LEU B 173 -18.33 -26.05 41.09
N ASN B 174 -18.19 -26.21 42.41
CA ASN B 174 -16.86 -26.11 43.02
C ASN B 174 -16.12 -27.47 43.08
N ARG B 175 -16.60 -28.44 42.32
CA ARG B 175 -15.88 -29.70 42.11
C ARG B 175 -15.77 -29.93 40.62
N ASP B 176 -16.21 -28.97 39.81
CA ASP B 176 -16.42 -29.20 38.39
C ASP B 176 -15.28 -28.68 37.53
N PHE B 177 -14.34 -27.96 38.15
CA PHE B 177 -13.26 -27.36 37.39
C PHE B 177 -12.13 -28.36 37.15
N PRO B 178 -11.32 -28.14 36.09
CA PRO B 178 -10.22 -29.08 35.82
C PRO B 178 -9.24 -29.13 36.98
N ASP B 179 -8.82 -30.34 37.35
CA ASP B 179 -7.97 -30.48 38.52
C ASP B 179 -6.53 -30.54 38.07
N ARG B 180 -5.67 -29.88 38.81
CA ARG B 180 -4.25 -29.91 38.50
C ARG B 180 -3.71 -31.34 38.63
N LEU B 181 -4.23 -32.11 39.58
CA LEU B 181 -3.72 -33.48 39.85
C LEU B 181 -4.12 -34.54 38.82
N GLU B 182 -5.14 -34.25 38.02
CA GLU B 182 -5.44 -35.09 36.88
C GLU B 182 -5.72 -34.22 35.67
N GLN B 183 -4.90 -34.37 34.65
CA GLN B 183 -5.02 -33.49 33.50
C GLN B 183 -4.89 -34.28 32.19
N SER B 184 -5.91 -34.17 31.33
CA SER B 184 -5.99 -34.97 30.12
C SER B 184 -5.44 -34.24 28.90
N GLN B 192 -13.16 -28.68 28.55
CA GLN B 192 -14.08 -29.81 28.42
C GLN B 192 -15.58 -29.46 28.49
N SER B 193 -16.38 -30.51 28.32
CA SER B 193 -17.83 -30.44 28.40
C SER B 193 -18.27 -30.58 29.85
N ARG B 194 -18.22 -29.48 30.57
CA ARG B 194 -18.55 -29.46 31.97
C ARG B 194 -19.97 -28.95 32.13
N GLN B 195 -20.25 -28.25 33.23
CA GLN B 195 -21.48 -27.49 33.35
C GLN B 195 -21.28 -26.17 32.63
N PRO B 196 -22.36 -25.65 32.03
CA PRO B 196 -22.37 -24.39 31.27
C PRO B 196 -21.66 -23.29 32.04
N GLU B 197 -21.90 -23.24 33.34
CA GLU B 197 -21.39 -22.19 34.21
C GLU B 197 -19.88 -22.31 34.41
N THR B 198 -19.45 -23.54 34.68
CA THR B 198 -18.03 -23.85 34.79
C THR B 198 -17.34 -23.49 33.47
N ALA B 199 -17.76 -24.13 32.38
CA ALA B 199 -17.23 -23.83 31.04
C ALA B 199 -17.11 -22.31 30.74
N ALA B 200 -18.10 -21.54 31.19
CA ALA B 200 -18.11 -20.10 30.93
C ALA B 200 -16.98 -19.37 31.65
N LEU B 201 -16.83 -19.67 32.93
CA LEU B 201 -15.74 -19.08 33.71
C LEU B 201 -14.35 -19.58 33.32
N VAL B 202 -14.18 -20.89 33.19
CA VAL B 202 -12.95 -21.43 32.62
C VAL B 202 -12.51 -20.55 31.46
N ASN B 203 -13.31 -20.52 30.40
CA ASN B 203 -13.04 -19.70 29.23
C ASN B 203 -12.58 -18.32 29.60
N TRP B 204 -13.31 -17.72 30.53
CA TRP B 204 -13.06 -16.34 30.91
C TRP B 204 -11.72 -16.18 31.59
N ILE B 205 -11.50 -17.05 32.57
CA ILE B 205 -10.31 -16.99 33.41
C ILE B 205 -9.04 -17.08 32.57
N VAL B 206 -9.08 -17.87 31.52
CA VAL B 206 -7.90 -18.05 30.68
C VAL B 206 -7.89 -17.07 29.53
N SER B 207 -8.90 -16.21 29.47
CA SER B 207 -9.05 -15.25 28.40
C SER B 207 -8.33 -13.95 28.67
N LYS B 208 -8.02 -13.68 29.93
CA LYS B 208 -7.31 -12.46 30.29
C LYS B 208 -6.30 -12.77 31.38
N PRO B 209 -5.22 -11.97 31.43
CA PRO B 209 -4.11 -12.17 32.37
C PRO B 209 -4.43 -11.77 33.80
N PHE B 210 -5.61 -12.13 34.30
CA PHE B 210 -5.95 -11.85 35.69
C PHE B 210 -4.78 -12.05 36.65
N VAL B 211 -4.55 -11.04 37.49
CA VAL B 211 -3.45 -11.00 38.43
C VAL B 211 -3.87 -11.52 39.81
N LEU B 212 -5.07 -11.15 40.23
CA LEU B 212 -5.59 -11.48 41.55
C LEU B 212 -7.10 -11.73 41.46
N SER B 213 -7.63 -12.56 42.36
CA SER B 213 -9.04 -12.91 42.35
C SER B 213 -9.54 -13.41 43.71
N ALA B 214 -10.85 -13.48 43.88
CA ALA B 214 -11.44 -14.06 45.08
C ALA B 214 -12.85 -14.53 44.78
N ASN B 215 -13.25 -15.68 45.29
CA ASN B 215 -14.64 -16.07 45.21
C ASN B 215 -15.28 -16.32 46.57
N PHE B 216 -16.54 -15.90 46.69
CA PHE B 216 -17.18 -15.77 47.98
C PHE B 216 -18.16 -16.90 48.27
N HIS B 217 -18.12 -17.38 49.50
CA HIS B 217 -18.93 -18.50 49.94
C HIS B 217 -19.55 -18.17 51.29
N GLY B 218 -20.39 -19.09 51.76
CA GLY B 218 -21.01 -18.92 53.06
C GLY B 218 -20.94 -20.23 53.80
N GLY B 219 -21.28 -20.19 55.09
CA GLY B 219 -21.24 -21.38 55.92
C GLY B 219 -20.24 -21.22 57.05
N ALA B 220 -19.26 -20.37 56.83
CA ALA B 220 -18.26 -20.07 57.85
C ALA B 220 -17.69 -18.69 57.64
N VAL B 221 -16.80 -18.31 58.55
CA VAL B 221 -16.15 -16.99 58.46
C VAL B 221 -14.62 -17.09 58.51
N VAL B 222 -14.01 -17.12 57.33
CA VAL B 222 -12.59 -17.43 57.22
C VAL B 222 -12.00 -17.12 55.84
N ALA B 223 -10.70 -16.86 55.81
CA ALA B 223 -9.98 -16.61 54.57
C ALA B 223 -9.21 -17.85 54.12
N SER B 224 -9.74 -18.55 53.12
CA SER B 224 -9.14 -19.78 52.62
C SER B 224 -8.33 -19.59 51.35
N TYR B 225 -7.20 -20.30 51.25
CA TYR B 225 -6.25 -20.20 50.15
C TYR B 225 -5.70 -21.57 49.72
N PRO B 226 -5.11 -21.64 48.49
CA PRO B 226 -4.57 -22.87 47.89
C PRO B 226 -3.42 -23.55 48.66
N TYR B 227 -3.32 -24.87 48.56
CA TYR B 227 -4.17 -25.66 47.68
C TYR B 227 -5.32 -26.24 48.46
N ASP B 228 -6.35 -26.69 47.74
CA ASP B 228 -7.53 -27.29 48.35
C ASP B 228 -7.40 -28.80 48.43
N ASN B 229 -6.44 -29.35 47.69
CA ASN B 229 -6.22 -30.80 47.73
C ASN B 229 -4.75 -31.16 47.61
N SER B 230 -4.44 -32.45 47.53
CA SER B 230 -3.05 -32.90 47.41
C SER B 230 -2.94 -34.33 46.87
N LEU B 231 -1.74 -34.74 46.48
CA LEU B 231 -1.53 -36.12 46.01
C LEU B 231 -1.89 -37.17 47.07
N ALA B 232 -1.71 -36.82 48.33
CA ALA B 232 -2.00 -37.70 49.46
C ALA B 232 -3.49 -37.97 49.58
N HIS B 233 -4.29 -37.01 49.10
CA HIS B 233 -5.75 -36.99 49.23
C HIS B 233 -6.25 -37.23 50.65
N ASN B 234 -5.70 -36.46 51.60
CA ASN B 234 -6.10 -36.51 53.00
C ASN B 234 -7.46 -35.83 53.21
N GLU B 235 -8.31 -36.44 54.05
CA GLU B 235 -9.61 -35.86 54.37
C GLU B 235 -9.47 -34.40 54.81
N CYS B 236 -8.56 -34.13 55.75
CA CYS B 236 -8.45 -32.83 56.40
C CYS B 236 -7.19 -32.65 57.23
N CYS B 237 -7.07 -31.46 57.80
CA CYS B 237 -6.12 -31.14 58.87
C CYS B 237 -4.67 -31.30 58.47
N GLU B 238 -4.40 -31.21 57.18
CA GLU B 238 -3.04 -31.34 56.67
C GLU B 238 -2.79 -30.34 55.56
N GLU B 239 -1.90 -29.39 55.84
CA GLU B 239 -1.59 -28.31 54.91
C GLU B 239 -1.09 -28.78 53.56
N SER B 240 -1.74 -28.31 52.49
CA SER B 240 -1.24 -28.56 51.16
C SER B 240 -0.87 -27.22 50.55
N LEU B 241 0.32 -26.74 50.89
CA LEU B 241 0.71 -25.37 50.57
C LEU B 241 1.23 -25.17 49.16
N THR B 242 1.27 -23.91 48.74
CA THR B 242 1.56 -23.50 47.39
C THR B 242 2.96 -22.90 47.34
N PRO B 243 3.62 -22.94 46.16
CA PRO B 243 4.94 -22.29 46.08
C PRO B 243 4.84 -20.85 46.54
N ASP B 244 3.68 -20.24 46.33
CA ASP B 244 3.48 -18.85 46.69
C ASP B 244 2.74 -18.73 48.01
N ASP B 245 3.09 -19.58 48.98
CA ASP B 245 2.38 -19.56 50.25
C ASP B 245 2.48 -18.23 50.99
N ARG B 246 3.65 -17.63 50.98
CA ARG B 246 3.82 -16.37 51.69
C ARG B 246 2.78 -15.37 51.19
N VAL B 247 2.83 -15.12 49.89
CA VAL B 247 1.90 -14.20 49.28
C VAL B 247 0.45 -14.55 49.63
N PHE B 248 0.09 -15.81 49.47
CA PHE B 248 -1.29 -16.23 49.72
C PHE B 248 -1.71 -15.96 51.13
N LYS B 249 -0.76 -16.13 52.06
CA LYS B 249 -0.97 -15.92 53.48
C LYS B 249 -1.11 -14.43 53.79
N GLN B 250 -0.41 -13.60 53.02
CA GLN B 250 -0.57 -12.16 53.10
C GLN B 250 -1.94 -11.73 52.58
N LEU B 251 -2.36 -12.33 51.46
CA LEU B 251 -3.65 -12.00 50.89
C LEU B 251 -4.76 -12.33 51.88
N ALA B 252 -4.79 -13.60 52.31
CA ALA B 252 -5.80 -14.06 53.26
C ALA B 252 -5.84 -13.17 54.51
N HIS B 253 -4.66 -12.85 55.03
CA HIS B 253 -4.56 -11.97 56.18
C HIS B 253 -5.08 -10.58 55.87
N THR B 254 -4.86 -10.11 54.65
CA THR B 254 -5.30 -8.76 54.32
C THR B 254 -6.81 -8.69 54.53
N TYR B 255 -7.51 -9.73 54.12
CA TYR B 255 -8.95 -9.72 54.23
C TYR B 255 -9.43 -9.96 55.67
N SER B 256 -8.93 -11.01 56.29
CA SER B 256 -9.31 -11.30 57.66
C SER B 256 -8.94 -10.15 58.59
N ASP B 257 -7.67 -9.71 58.54
CA ASP B 257 -7.15 -8.67 59.43
C ASP B 257 -8.03 -7.44 59.44
N ASN B 258 -8.63 -7.15 58.28
CA ASN B 258 -9.53 -6.01 58.11
C ASN B 258 -11.02 -6.33 58.37
N HIS B 259 -11.30 -7.55 58.80
CA HIS B 259 -12.67 -7.97 59.06
C HIS B 259 -12.88 -8.28 60.55
N PRO B 260 -13.63 -7.40 61.24
CA PRO B 260 -13.75 -7.34 62.70
C PRO B 260 -14.04 -8.68 63.35
N ILE B 261 -14.77 -9.53 62.63
CA ILE B 261 -15.18 -10.80 63.18
C ILE B 261 -14.29 -11.95 62.69
N MET B 262 -13.90 -11.90 61.42
CA MET B 262 -13.12 -12.99 60.83
C MET B 262 -11.75 -13.05 61.47
N ARG B 263 -11.21 -11.88 61.78
CA ARG B 263 -9.96 -11.69 62.50
C ARG B 263 -9.87 -12.54 63.79
N LYS B 264 -11.01 -12.90 64.34
CA LYS B 264 -11.07 -13.60 65.62
C LYS B 264 -10.73 -15.10 65.52
N GLY B 265 -11.36 -15.79 64.59
CA GLY B 265 -10.98 -17.17 64.25
C GLY B 265 -11.78 -18.23 64.97
N ASN B 266 -12.81 -17.81 65.69
CA ASN B 266 -13.62 -18.74 66.47
C ASN B 266 -15.12 -18.69 66.14
N ASN B 267 -15.43 -18.48 64.87
CA ASN B 267 -16.80 -18.29 64.42
C ASN B 267 -17.41 -19.58 63.96
N CYS B 268 -18.74 -19.62 63.88
CA CYS B 268 -19.51 -20.80 63.48
C CYS B 268 -18.96 -22.14 64.00
N ASN B 269 -18.51 -22.17 65.26
CA ASN B 269 -17.95 -23.38 65.84
C ASN B 269 -16.58 -23.78 65.26
N ASP B 270 -16.04 -22.96 64.38
CA ASP B 270 -14.75 -23.23 63.74
C ASP B 270 -13.62 -22.56 64.51
N SER B 271 -12.41 -23.11 64.38
CA SER B 271 -11.21 -22.51 64.95
C SER B 271 -10.14 -22.32 63.89
N PHE B 272 -10.03 -21.10 63.38
CA PHE B 272 -9.05 -20.78 62.35
C PHE B 272 -8.15 -19.69 62.83
N SER B 273 -6.91 -20.05 63.19
CA SER B 273 -5.94 -19.10 63.71
C SER B 273 -5.77 -17.93 62.76
N GLY B 274 -6.04 -16.73 63.26
CA GLY B 274 -5.91 -15.53 62.46
C GLY B 274 -7.09 -15.32 61.53
N GLY B 275 -8.05 -16.24 61.59
CA GLY B 275 -9.23 -16.18 60.74
C GLY B 275 -8.90 -16.55 59.31
N ILE B 276 -7.82 -17.30 59.11
CA ILE B 276 -7.49 -17.82 57.80
C ILE B 276 -7.18 -19.30 57.87
N THR B 277 -7.21 -19.97 56.72
CA THR B 277 -6.89 -21.38 56.67
C THR B 277 -6.45 -21.83 55.27
N ASN B 278 -5.72 -22.95 55.24
CA ASN B 278 -5.39 -23.61 54.01
C ASN B 278 -6.58 -24.46 53.64
N GLY B 279 -6.98 -24.40 52.36
CA GLY B 279 -8.08 -25.20 51.89
C GLY B 279 -7.92 -26.61 52.43
N ALA B 280 -6.90 -27.32 51.97
CA ALA B 280 -6.73 -28.72 52.27
C ALA B 280 -6.72 -29.01 53.77
N HIS B 281 -6.09 -28.14 54.54
CA HIS B 281 -6.02 -28.30 55.98
C HIS B 281 -7.41 -28.24 56.62
N TRP B 282 -8.26 -27.37 56.12
CA TRP B 282 -9.65 -27.38 56.55
C TRP B 282 -10.20 -28.76 56.20
N TYR B 283 -10.45 -28.95 54.91
CA TYR B 283 -10.73 -30.28 54.34
C TYR B 283 -10.49 -30.24 52.83
N GLU B 284 -9.97 -31.33 52.29
CA GLU B 284 -9.65 -31.38 50.87
C GLU B 284 -10.88 -31.44 49.98
N LEU B 285 -10.77 -30.86 48.80
CA LEU B 285 -11.80 -31.00 47.81
C LEU B 285 -11.12 -30.89 46.47
N SER B 286 -11.76 -31.42 45.43
CA SER B 286 -11.17 -31.41 44.11
C SER B 286 -12.08 -30.77 43.07
N GLY B 287 -11.47 -30.11 42.09
CA GLY B 287 -12.21 -29.55 40.99
C GLY B 287 -12.71 -28.16 41.30
N GLY B 288 -12.10 -27.54 42.31
CA GLY B 288 -12.43 -26.18 42.69
C GLY B 288 -11.93 -25.10 41.73
N MET B 289 -12.65 -24.00 41.68
CA MET B 289 -12.26 -22.86 40.86
C MET B 289 -10.97 -22.24 41.37
N GLN B 290 -10.80 -22.22 42.69
CA GLN B 290 -9.69 -21.53 43.31
C GLN B 290 -8.38 -22.05 42.73
N ASP B 291 -8.13 -23.34 42.95
CA ASP B 291 -6.86 -23.91 42.57
C ASP B 291 -6.71 -23.91 41.06
N PHE B 292 -7.85 -23.90 40.36
CA PHE B 292 -7.82 -23.84 38.91
C PHE B 292 -7.16 -22.55 38.39
N ASN B 293 -7.53 -21.40 38.96
CA ASN B 293 -6.87 -20.12 38.68
C ASN B 293 -5.33 -20.17 38.77
N TYR B 294 -4.83 -20.76 39.86
CA TYR B 294 -3.41 -20.76 40.14
C TYR B 294 -2.69 -21.74 39.22
N ALA B 295 -3.32 -22.89 39.02
CA ALA B 295 -2.63 -23.98 38.35
C ALA B 295 -2.66 -23.85 36.85
N PHE B 296 -3.65 -23.14 36.34
CA PHE B 296 -3.86 -23.01 34.89
C PHE B 296 -3.78 -21.57 34.38
N SER B 297 -3.35 -20.65 35.24
CA SER B 297 -3.21 -19.25 34.85
C SER B 297 -2.26 -18.56 35.81
N ASN B 298 -2.13 -17.23 35.68
CA ASN B 298 -1.29 -16.42 36.56
C ASN B 298 -2.05 -16.01 37.79
N CYS B 299 -3.37 -16.17 37.73
CA CYS B 299 -4.24 -15.57 38.73
C CYS B 299 -4.10 -16.20 40.12
N PHE B 300 -4.11 -15.36 41.15
CA PHE B 300 -4.06 -15.83 42.53
C PHE B 300 -5.44 -15.63 43.18
N GLU B 301 -6.27 -16.67 43.20
CA GLU B 301 -7.61 -16.60 43.78
C GLU B 301 -7.70 -17.10 45.22
N LEU B 302 -8.29 -16.30 46.10
CA LEU B 302 -8.61 -16.76 47.44
C LEU B 302 -10.02 -17.27 47.46
N THR B 303 -10.31 -18.13 48.42
CA THR B 303 -11.68 -18.48 48.73
C THR B 303 -12.04 -17.79 50.04
N ILE B 304 -13.13 -17.03 50.01
CA ILE B 304 -13.55 -16.30 51.20
C ILE B 304 -14.97 -16.61 51.65
N GLU B 305 -15.05 -17.08 52.90
CA GLU B 305 -16.29 -17.41 53.59
C GLU B 305 -16.78 -16.22 54.39
N LEU B 306 -18.00 -15.78 54.10
CA LEU B 306 -18.48 -14.51 54.64
C LEU B 306 -19.33 -14.64 55.89
N SER B 307 -20.27 -15.58 55.90
CA SER B 307 -21.19 -15.67 57.00
C SER B 307 -21.35 -17.08 57.53
N CYS B 308 -21.71 -17.19 58.80
CA CYS B 308 -22.05 -18.48 59.36
C CYS B 308 -23.34 -18.95 58.72
N CYS B 309 -24.28 -18.01 58.52
CA CYS B 309 -25.52 -18.31 57.83
C CYS B 309 -25.36 -18.15 56.32
N LYS B 310 -25.64 -19.23 55.59
CA LYS B 310 -25.45 -19.25 54.14
C LYS B 310 -26.30 -18.18 53.46
N TYR B 311 -27.58 -18.16 53.81
CA TYR B 311 -28.54 -17.27 53.20
C TYR B 311 -29.26 -16.50 54.28
N PRO B 312 -28.62 -15.45 54.81
CA PRO B 312 -29.24 -14.59 55.83
C PRO B 312 -30.37 -13.73 55.26
N ALA B 313 -31.00 -12.92 56.10
CA ALA B 313 -32.07 -12.05 55.66
C ALA B 313 -31.53 -10.67 55.27
N ALA B 314 -32.28 -9.97 54.44
CA ALA B 314 -31.88 -8.66 53.95
C ALA B 314 -31.33 -7.71 55.02
N SER B 315 -32.07 -7.50 56.11
CA SER B 315 -31.68 -6.55 57.15
C SER B 315 -30.21 -6.75 57.61
N THR B 316 -29.71 -7.97 57.43
CA THR B 316 -28.34 -8.33 57.77
C THR B 316 -27.35 -7.63 56.85
N LEU B 317 -27.73 -7.52 55.59
CA LEU B 317 -26.82 -7.07 54.53
C LEU B 317 -26.04 -5.80 54.86
N PRO B 318 -26.74 -4.74 55.34
CA PRO B 318 -26.02 -3.49 55.57
C PRO B 318 -24.86 -3.62 56.59
N GLN B 319 -25.05 -4.43 57.64
CA GLN B 319 -23.95 -4.76 58.55
C GLN B 319 -22.83 -5.47 57.81
N GLU B 320 -23.20 -6.49 57.03
CA GLU B 320 -22.21 -7.25 56.29
C GLU B 320 -21.37 -6.32 55.41
N TRP B 321 -22.03 -5.40 54.72
CA TRP B 321 -21.31 -4.39 53.96
C TRP B 321 -20.23 -3.68 54.78
N GLN B 322 -20.60 -3.13 55.94
CA GLN B 322 -19.68 -2.31 56.72
C GLN B 322 -18.47 -3.12 57.17
N ARG B 323 -18.67 -4.40 57.43
CA ARG B 323 -17.58 -5.26 57.87
C ARG B 323 -16.63 -5.62 56.73
N ASN B 324 -17.19 -5.92 55.57
CA ASN B 324 -16.39 -6.42 54.45
C ASN B 324 -15.79 -5.33 53.61
N LYS B 325 -16.33 -4.13 53.80
CA LYS B 325 -15.98 -2.97 53.01
C LYS B 325 -14.47 -2.79 52.96
N ALA B 326 -13.87 -2.60 54.12
CA ALA B 326 -12.41 -2.41 54.21
C ALA B 326 -11.61 -3.59 53.67
N SER B 327 -12.09 -4.80 53.95
CA SER B 327 -11.40 -6.02 53.54
C SER B 327 -11.42 -6.19 52.02
N LEU B 328 -12.51 -5.76 51.41
CA LEU B 328 -12.71 -5.92 50.00
C LEU B 328 -11.85 -4.94 49.21
N LEU B 329 -11.68 -3.74 49.78
CA LEU B 329 -10.88 -2.68 49.16
C LEU B 329 -9.39 -2.95 49.32
N GLN B 330 -8.98 -3.24 50.55
CA GLN B 330 -7.59 -3.55 50.88
C GLN B 330 -7.06 -4.81 50.16
N LEU B 331 -7.89 -5.84 50.03
CA LEU B 331 -7.52 -6.99 49.21
C LEU B 331 -7.21 -6.58 47.77
N LEU B 332 -8.16 -5.92 47.12
CA LEU B 332 -7.97 -5.43 45.76
C LEU B 332 -6.64 -4.72 45.59
N ARG B 333 -6.32 -3.84 46.55
CA ARG B 333 -5.08 -3.09 46.55
C ARG B 333 -3.84 -4.00 46.57
N GLN B 334 -4.02 -5.22 47.06
CA GLN B 334 -2.92 -6.17 47.06
C GLN B 334 -2.52 -6.55 45.63
N ALA B 335 -3.37 -6.22 44.66
CA ALA B 335 -3.05 -6.49 43.26
C ALA B 335 -1.94 -5.57 42.81
N HIS B 336 -1.36 -4.85 43.76
CA HIS B 336 -0.28 -3.93 43.41
C HIS B 336 1.03 -4.26 44.10
N ILE B 337 1.06 -5.32 44.91
CA ILE B 337 2.31 -5.71 45.53
C ILE B 337 3.29 -6.38 44.54
N GLY B 338 4.52 -6.58 44.99
CA GLY B 338 5.53 -7.21 44.16
C GLY B 338 6.01 -6.30 43.05
N ILE B 339 6.15 -6.86 41.86
CA ILE B 339 6.62 -6.10 40.71
C ILE B 339 5.70 -6.25 39.49
N LYS B 340 6.02 -5.47 38.46
CA LYS B 340 5.39 -5.59 37.15
C LYS B 340 6.28 -4.93 36.10
N GLY B 341 6.10 -5.34 34.86
CA GLY B 341 6.92 -4.80 33.78
C GLY B 341 6.68 -5.45 32.45
N LEU B 342 7.61 -5.22 31.52
CA LEU B 342 7.46 -5.69 30.16
C LEU B 342 8.62 -6.59 29.77
N VAL B 343 8.30 -7.63 29.00
CA VAL B 343 9.34 -8.40 28.33
C VAL B 343 9.24 -7.97 26.87
N THR B 344 10.32 -7.38 26.37
CA THR B 344 10.27 -6.70 25.09
C THR B 344 11.44 -7.03 24.16
N ASP B 345 11.25 -6.64 22.90
CA ASP B 345 12.25 -6.71 21.84
C ASP B 345 13.44 -5.82 22.09
N ALA B 346 14.55 -6.17 21.44
CA ALA B 346 15.58 -5.19 21.19
C ALA B 346 14.84 -3.98 20.59
N SER B 347 13.96 -4.27 19.64
CA SER B 347 13.13 -3.28 18.99
C SER B 347 12.35 -2.44 19.98
N GLY B 348 11.99 -3.03 21.12
CA GLY B 348 11.11 -2.40 22.09
C GLY B 348 9.71 -2.95 21.95
N PHE B 349 9.60 -4.08 21.24
CA PHE B 349 8.32 -4.68 20.89
C PHE B 349 8.01 -5.92 21.73
N PRO B 350 6.80 -5.98 22.29
CA PRO B 350 6.47 -6.92 23.38
C PRO B 350 6.55 -8.38 22.96
N ILE B 351 7.05 -9.23 23.85
CA ILE B 351 7.04 -10.68 23.64
C ILE B 351 5.91 -11.32 24.46
N ALA B 352 4.98 -11.93 23.75
CA ALA B 352 3.83 -12.56 24.36
C ALA B 352 4.18 -13.95 24.83
N ASP B 353 3.57 -14.39 25.93
CA ASP B 353 3.78 -15.73 26.44
C ASP B 353 5.22 -15.99 26.86
N ALA B 354 5.95 -14.92 27.16
CA ALA B 354 7.28 -15.04 27.75
C ALA B 354 7.15 -15.46 29.23
N ASN B 355 8.20 -16.04 29.79
CA ASN B 355 8.18 -16.49 31.19
C ASN B 355 9.07 -15.66 32.10
N VAL B 356 8.53 -15.29 33.25
CA VAL B 356 9.26 -14.48 34.19
C VAL B 356 9.37 -15.26 35.48
N TYR B 357 10.61 -15.57 35.83
CA TYR B 357 10.94 -16.40 36.98
C TYR B 357 11.56 -15.61 38.14
N VAL B 358 11.22 -16.01 39.37
CA VAL B 358 11.85 -15.48 40.57
C VAL B 358 12.57 -16.63 41.30
N ALA B 359 13.82 -16.41 41.67
CA ALA B 359 14.62 -17.42 42.35
C ALA B 359 13.88 -17.93 43.58
N GLY B 360 13.73 -19.25 43.68
CA GLY B 360 13.01 -19.81 44.80
C GLY B 360 11.51 -19.81 44.59
N LEU B 361 11.08 -19.31 43.42
CA LEU B 361 9.67 -19.41 43.03
C LEU B 361 9.58 -19.79 41.57
N GLU B 362 10.55 -20.57 41.12
CA GLU B 362 10.68 -20.90 39.70
C GLU B 362 9.61 -21.89 39.25
N GLU B 363 8.89 -22.47 40.20
CA GLU B 363 7.86 -23.43 39.86
C GLU B 363 6.57 -22.76 39.41
N LYS B 364 6.46 -21.47 39.72
CA LYS B 364 5.32 -20.65 39.30
C LYS B 364 5.77 -19.39 38.56
N PRO B 365 6.14 -19.57 37.29
CA PRO B 365 6.50 -18.48 36.39
C PRO B 365 5.26 -17.70 35.99
N MET B 366 5.43 -16.44 35.61
CA MET B 366 4.34 -15.66 35.05
C MET B 366 4.46 -15.67 33.54
N ARG B 367 3.33 -15.81 32.87
CA ARG B 367 3.29 -15.84 31.41
C ARG B 367 2.84 -14.46 30.96
N THR B 368 3.67 -13.78 30.17
CA THR B 368 3.35 -12.40 29.81
C THR B 368 2.14 -12.38 28.94
N SER B 369 1.51 -11.21 28.87
CA SER B 369 0.32 -11.00 28.07
C SER B 369 0.72 -10.70 26.64
N LYS B 370 -0.26 -10.53 25.77
CA LYS B 370 -0.01 -10.21 24.36
C LYS B 370 0.82 -8.93 24.21
N ARG B 371 0.77 -8.07 25.22
CA ARG B 371 1.57 -6.85 25.24
C ARG B 371 2.84 -7.03 26.07
N GLY B 372 3.21 -8.29 26.33
CA GLY B 372 4.40 -8.60 27.09
C GLY B 372 4.39 -8.07 28.52
N GLU B 373 3.21 -7.91 29.10
CA GLU B 373 3.14 -7.45 30.49
C GLU B 373 3.04 -8.60 31.47
N TYR B 374 3.62 -8.39 32.64
CA TYR B 374 3.51 -9.36 33.72
C TYR B 374 3.36 -8.63 35.05
N TRP B 375 2.69 -9.27 35.99
CA TRP B 375 2.65 -8.77 37.36
C TRP B 375 3.04 -9.93 38.22
N ARG B 376 4.06 -9.73 39.05
CA ARG B 376 4.48 -10.77 39.97
C ARG B 376 4.27 -10.31 41.41
N LEU B 377 3.23 -10.84 42.03
CA LEU B 377 2.89 -10.48 43.40
C LEU B 377 3.98 -11.01 44.28
N LEU B 378 4.54 -10.16 45.14
CA LEU B 378 5.62 -10.61 46.03
C LEU B 378 5.51 -10.05 47.44
N THR B 379 5.85 -10.89 48.41
CA THR B 379 6.05 -10.49 49.79
C THR B 379 7.26 -9.57 49.84
N PRO B 380 7.29 -8.63 50.80
CA PRO B 380 8.49 -7.79 50.95
C PRO B 380 9.76 -8.64 51.01
N GLY B 381 10.85 -8.13 50.45
CA GLY B 381 12.11 -8.86 50.44
C GLY B 381 12.96 -8.51 49.23
N LEU B 382 14.06 -9.22 49.01
CA LEU B 382 14.84 -8.99 47.79
C LEU B 382 14.95 -10.26 46.96
N TYR B 383 14.81 -10.07 45.65
CA TYR B 383 14.70 -11.18 44.71
C TYR B 383 15.58 -10.99 43.47
N SER B 384 16.03 -12.10 42.93
CA SER B 384 16.67 -12.10 41.62
C SER B 384 15.65 -12.59 40.59
N VAL B 385 15.16 -11.65 39.78
CA VAL B 385 14.16 -11.97 38.77
C VAL B 385 14.80 -12.11 37.39
N HIS B 386 14.27 -13.03 36.58
CA HIS B 386 14.71 -13.16 35.19
C HIS B 386 13.57 -13.59 34.26
N ALA B 387 13.77 -13.38 32.96
CA ALA B 387 12.76 -13.72 31.97
C ALA B 387 13.39 -14.58 30.87
N SER B 388 12.58 -15.43 30.27
CA SER B 388 13.04 -16.26 29.18
C SER B 388 11.90 -16.45 28.19
N ALA B 389 12.23 -16.90 26.98
CA ALA B 389 11.20 -17.20 25.99
C ALA B 389 11.79 -18.03 24.85
N PHE B 390 10.96 -18.89 24.26
CA PHE B 390 11.43 -19.74 23.18
C PHE B 390 11.89 -18.87 22.04
N GLY B 391 13.06 -19.17 21.50
CA GLY B 391 13.62 -18.38 20.42
C GLY B 391 14.38 -17.17 20.94
N TYR B 392 14.44 -17.05 22.26
CA TYR B 392 15.16 -15.96 22.89
C TYR B 392 16.15 -16.42 23.94
N GLN B 393 17.32 -15.79 23.94
CA GLN B 393 18.31 -15.99 24.98
C GLN B 393 17.75 -15.53 26.33
N THR B 394 17.77 -16.42 27.31
CA THR B 394 17.26 -16.12 28.63
C THR B 394 18.03 -14.95 29.25
N SER B 395 17.33 -13.85 29.49
CA SER B 395 17.93 -12.63 30.03
C SER B 395 18.86 -12.88 31.21
N ALA B 396 19.74 -11.91 31.47
CA ALA B 396 20.52 -11.93 32.70
C ALA B 396 19.59 -11.60 33.86
N PRO B 397 19.99 -11.94 35.09
CA PRO B 397 19.12 -11.77 36.26
C PRO B 397 19.19 -10.38 36.85
N GLN B 398 18.06 -9.85 37.29
CA GLN B 398 18.04 -8.55 37.95
C GLN B 398 17.60 -8.72 39.41
N GLN B 399 18.28 -7.99 40.28
CA GLN B 399 17.99 -8.02 41.71
C GLN B 399 17.10 -6.84 42.06
N VAL B 400 16.06 -7.08 42.85
CA VAL B 400 15.12 -6.02 43.22
C VAL B 400 14.71 -6.09 44.68
N ARG B 401 14.68 -4.93 45.32
CA ARG B 401 14.24 -4.89 46.71
C ARG B 401 12.76 -4.59 46.77
N VAL B 402 11.96 -5.63 46.96
CA VAL B 402 10.52 -5.46 47.09
C VAL B 402 10.12 -4.97 48.48
N THR B 403 9.87 -3.67 48.55
CA THR B 403 9.17 -3.02 49.64
C THR B 403 7.78 -2.73 49.09
N ASN B 404 6.74 -3.04 49.85
CA ASN B 404 5.38 -2.79 49.34
C ASN B 404 4.81 -1.47 49.87
N ASP B 405 5.67 -0.47 49.98
CA ASP B 405 5.27 0.82 50.55
C ASP B 405 4.62 1.73 49.52
N ASN B 406 4.96 1.55 48.25
CA ASN B 406 4.46 2.42 47.20
C ASN B 406 3.16 1.90 46.59
N GLN B 407 2.32 2.84 46.15
CA GLN B 407 0.98 2.50 45.65
C GLN B 407 0.92 1.43 44.56
N GLU B 408 1.96 1.37 43.73
CA GLU B 408 1.96 0.44 42.59
C GLU B 408 3.23 -0.38 42.48
N ALA B 409 3.11 -1.57 41.89
CA ALA B 409 4.22 -2.52 41.84
C ALA B 409 5.45 -1.93 41.20
N LEU B 410 6.62 -2.25 41.75
CA LEU B 410 7.88 -1.79 41.20
C LEU B 410 8.00 -2.25 39.76
N ARG B 411 8.22 -1.30 38.88
CA ARG B 411 8.43 -1.60 37.48
C ARG B 411 9.79 -2.23 37.27
N LEU B 412 9.83 -3.26 36.41
CA LEU B 412 11.07 -3.94 36.09
C LEU B 412 10.93 -4.61 34.73
N ASP B 413 11.70 -4.15 33.74
CA ASP B 413 11.54 -4.64 32.38
C ASP B 413 12.70 -5.51 31.86
N PHE B 414 12.43 -6.24 30.79
CA PHE B 414 13.43 -7.11 30.18
C PHE B 414 13.47 -6.98 28.65
N LYS B 415 14.68 -6.85 28.11
CA LYS B 415 14.89 -6.98 26.67
C LYS B 415 15.64 -8.27 26.40
N LEU B 416 15.07 -9.12 25.55
CA LEU B 416 15.67 -10.40 25.26
C LEU B 416 16.15 -10.40 23.84
N ALA B 417 17.37 -10.87 23.62
CA ALA B 417 17.87 -10.98 22.26
C ALA B 417 17.39 -12.29 21.69
N PRO B 418 17.39 -12.38 20.36
CA PRO B 418 16.99 -13.65 19.75
C PRO B 418 18.18 -14.58 19.75
N VAL B 419 17.92 -15.87 19.78
CA VAL B 419 18.99 -16.84 19.77
C VAL B 419 19.68 -16.84 18.39
N GLU B 420 18.89 -16.59 17.35
CA GLU B 420 19.42 -16.59 16.00
C GLU B 420 20.80 -15.92 15.91
N GLU C 30 27.93 47.71 -16.07
CA GLU C 30 27.57 46.35 -15.71
C GLU C 30 26.26 46.35 -14.94
N ASP C 31 25.32 45.52 -15.36
CA ASP C 31 24.04 45.43 -14.69
C ASP C 31 23.95 44.20 -13.80
N GLU C 32 23.78 44.44 -12.49
CA GLU C 32 23.64 43.37 -11.50
C GLU C 32 22.54 43.68 -10.47
N SER C 33 21.43 44.24 -10.95
CA SER C 33 20.34 44.66 -10.08
C SER C 33 19.54 43.50 -9.47
N PHE C 34 19.70 42.29 -9.99
CA PHE C 34 19.08 41.14 -9.34
C PHE C 34 19.49 41.06 -7.87
N LEU C 35 20.57 41.76 -7.50
CA LEU C 35 21.13 41.72 -6.14
C LEU C 35 20.41 42.71 -5.27
N GLN C 36 19.60 43.56 -5.91
CA GLN C 36 18.69 44.45 -5.24
C GLN C 36 17.87 43.62 -4.25
N GLN C 37 17.97 43.99 -2.98
CA GLN C 37 17.08 43.40 -1.98
C GLN C 37 17.13 41.86 -2.00
N PRO C 38 18.24 41.26 -1.51
CA PRO C 38 18.52 39.80 -1.57
C PRO C 38 17.45 38.92 -0.91
N HIS C 39 17.20 37.74 -1.48
CA HIS C 39 16.12 36.87 -1.03
C HIS C 39 16.14 35.57 -1.85
N TYR C 40 15.58 34.50 -1.28
CA TYR C 40 15.49 33.22 -1.99
C TYR C 40 14.24 33.12 -2.85
N ALA C 41 14.45 32.87 -4.13
CA ALA C 41 13.35 32.81 -5.09
C ALA C 41 12.50 31.57 -4.84
N SER C 42 11.19 31.74 -4.71
CA SER C 42 10.28 30.62 -4.51
C SER C 42 9.99 29.95 -5.83
N GLN C 43 9.39 28.76 -5.75
CA GLN C 43 8.96 28.08 -6.97
C GLN C 43 8.19 29.07 -7.85
N GLU C 44 7.22 29.75 -7.26
CA GLU C 44 6.46 30.69 -8.06
C GLU C 44 7.39 31.75 -8.66
N GLN C 45 8.23 32.33 -7.82
CA GLN C 45 9.07 33.42 -8.29
C GLN C 45 10.01 32.99 -9.40
N LEU C 46 10.39 31.72 -9.38
CA LEU C 46 11.33 31.20 -10.34
C LEU C 46 10.65 30.98 -11.68
N GLU C 47 9.45 30.42 -11.65
CA GLU C 47 8.71 30.19 -12.88
C GLU C 47 8.41 31.53 -13.52
N ASP C 48 8.01 32.47 -12.67
CA ASP C 48 7.71 33.82 -13.12
C ASP C 48 8.93 34.49 -13.74
N LEU C 49 10.10 34.31 -13.14
CA LEU C 49 11.29 34.97 -13.65
C LEU C 49 11.78 34.40 -14.97
N PHE C 50 11.59 33.09 -15.15
CA PHE C 50 11.98 32.41 -16.40
C PHE C 50 11.10 32.77 -17.59
N ALA C 51 9.80 32.96 -17.34
CA ALA C 51 8.90 33.36 -18.40
C ALA C 51 9.20 34.81 -18.80
N GLY C 52 9.55 35.63 -17.80
CA GLY C 52 9.86 37.02 -18.06
C GLY C 52 11.04 37.13 -19.00
N LEU C 53 12.09 36.34 -18.74
CA LEU C 53 13.30 36.36 -19.57
C LEU C 53 13.00 35.90 -20.97
N GLU C 54 12.13 34.90 -21.06
CA GLU C 54 11.72 34.35 -22.35
C GLU C 54 11.08 35.40 -23.24
N LYS C 55 10.25 36.26 -22.66
CA LYS C 55 9.64 37.35 -23.43
C LYS C 55 10.56 38.57 -23.52
N ALA C 56 11.29 38.85 -22.46
CA ALA C 56 12.22 39.98 -22.49
C ALA C 56 13.33 39.74 -23.50
N TYR C 57 13.69 38.47 -23.70
CA TYR C 57 14.77 38.12 -24.60
C TYR C 57 14.35 36.99 -25.55
N PRO C 58 13.41 37.31 -26.44
CA PRO C 58 12.69 36.37 -27.30
C PRO C 58 13.57 35.35 -28.02
N ASN C 59 14.73 35.76 -28.49
CA ASN C 59 15.53 34.90 -29.36
C ASN C 59 16.63 34.14 -28.62
N GLN C 60 16.83 34.46 -27.35
CA GLN C 60 18.03 34.01 -26.65
C GLN C 60 17.71 33.28 -25.36
N ALA C 61 16.50 33.50 -24.86
CA ALA C 61 16.07 32.81 -23.65
C ALA C 61 14.87 31.94 -23.98
N LYS C 62 14.95 30.66 -23.62
CA LYS C 62 13.87 29.72 -23.88
C LYS C 62 13.67 28.76 -22.70
N VAL C 63 12.42 28.57 -22.28
CA VAL C 63 12.14 27.69 -21.14
C VAL C 63 11.84 26.25 -21.56
N HIS C 64 12.44 25.31 -20.84
CA HIS C 64 12.31 23.90 -21.13
C HIS C 64 11.71 23.19 -19.93
N PHE C 65 10.70 22.35 -20.21
CA PHE C 65 10.03 21.53 -19.20
C PHE C 65 10.64 20.14 -19.21
N LEU C 66 11.15 19.72 -18.05
CA LEU C 66 11.86 18.45 -17.94
C LEU C 66 10.98 17.40 -17.29
N GLY C 67 10.07 17.83 -16.43
CA GLY C 67 9.15 16.92 -15.78
C GLY C 67 8.55 17.56 -14.54
N ARG C 68 7.87 16.78 -13.73
CA ARG C 68 7.30 17.33 -12.51
C ARG C 68 7.72 16.54 -11.27
N SER C 69 7.75 17.21 -10.14
CA SER C 69 8.07 16.57 -8.88
C SER C 69 6.87 15.74 -8.41
N LEU C 70 7.09 14.87 -7.43
CA LEU C 70 6.00 14.17 -6.78
C LEU C 70 4.83 15.11 -6.54
N GLU C 71 5.12 16.27 -5.95
CA GLU C 71 4.05 17.16 -5.50
C GLU C 71 3.63 18.19 -6.54
N GLY C 72 3.90 17.90 -7.80
CA GLY C 72 3.34 18.68 -8.90
C GLY C 72 4.16 19.87 -9.37
N ARG C 73 5.24 20.16 -8.66
CA ARG C 73 6.10 21.30 -8.99
C ARG C 73 6.87 21.08 -10.28
N ASN C 74 6.94 22.12 -11.11
CA ASN C 74 7.61 22.03 -12.40
C ASN C 74 9.14 22.07 -12.35
N LEU C 75 9.75 21.07 -12.96
CA LEU C 75 11.18 21.07 -13.16
C LEU C 75 11.50 21.77 -14.48
N LEU C 76 12.07 22.97 -14.38
CA LEU C 76 12.31 23.82 -15.54
C LEU C 76 13.79 24.11 -15.80
N ALA C 77 14.16 24.28 -17.06
CA ALA C 77 15.53 24.66 -17.40
C ALA C 77 15.47 25.75 -18.41
N LEU C 78 16.21 26.82 -18.14
CA LEU C 78 16.30 27.95 -19.04
C LEU C 78 17.52 27.83 -19.93
N GLN C 79 17.30 27.85 -21.24
CA GLN C 79 18.34 27.79 -22.24
C GLN C 79 18.69 29.19 -22.70
N ILE C 80 19.97 29.42 -22.86
CA ILE C 80 20.47 30.69 -23.34
C ILE C 80 21.40 30.40 -24.47
N SER C 81 21.13 30.98 -25.63
CA SER C 81 21.94 30.69 -26.80
C SER C 81 22.00 31.90 -27.73
N ARG C 82 22.91 31.86 -28.70
CA ARG C 82 22.93 32.87 -29.75
C ARG C 82 21.55 32.90 -30.44
N ASN C 83 21.03 31.72 -30.75
CA ASN C 83 19.70 31.57 -31.36
C ASN C 83 18.97 30.34 -30.81
N THR C 84 17.97 30.59 -29.96
CA THR C 84 17.28 29.53 -29.23
C THR C 84 16.53 28.55 -30.12
N ARG C 85 16.24 28.97 -31.36
CA ARG C 85 15.52 28.11 -32.30
C ARG C 85 16.24 26.78 -32.48
N SER C 86 17.55 26.84 -32.71
CA SER C 86 18.30 25.62 -32.92
C SER C 86 19.57 25.64 -32.09
N ARG C 87 20.54 24.86 -32.55
CA ARG C 87 21.88 24.89 -32.01
C ARG C 87 22.80 24.94 -33.20
N ASN C 88 23.60 25.99 -33.29
CA ASN C 88 24.54 26.10 -34.38
C ASN C 88 25.52 24.92 -34.39
N LEU C 89 25.77 24.37 -35.57
CA LEU C 89 26.68 23.25 -35.71
C LEU C 89 27.97 23.48 -34.88
N LEU C 90 28.34 22.46 -34.11
CA LEU C 90 29.58 22.48 -33.32
C LEU C 90 29.54 23.39 -32.08
N THR C 91 28.38 24.01 -31.81
CA THR C 91 28.27 24.75 -30.55
C THR C 91 28.04 23.77 -29.42
N PRO C 92 28.90 23.81 -28.40
CA PRO C 92 28.81 22.95 -27.23
C PRO C 92 27.54 23.22 -26.44
N PRO C 93 26.73 22.19 -26.17
CA PRO C 93 25.66 22.32 -25.17
C PRO C 93 26.23 22.00 -23.79
N VAL C 94 25.78 22.75 -22.80
CA VAL C 94 26.31 22.63 -21.47
C VAL C 94 25.16 22.86 -20.52
N LYS C 95 25.29 22.36 -19.30
CA LYS C 95 24.25 22.60 -18.30
C LYS C 95 24.80 22.92 -16.91
N TYR C 96 23.97 23.58 -16.11
CA TYR C 96 24.26 23.78 -14.68
C TYR C 96 23.03 23.38 -13.87
N ILE C 97 23.17 22.42 -12.98
CA ILE C 97 22.05 22.09 -12.10
C ILE C 97 22.36 22.41 -10.65
N ALA C 98 21.31 22.74 -9.90
CA ALA C 98 21.48 23.07 -8.49
C ALA C 98 20.42 22.46 -7.60
N ASN C 99 20.63 22.60 -6.30
CA ASN C 99 19.59 22.31 -5.32
C ASN C 99 18.91 20.94 -5.48
N MET C 100 19.68 19.92 -5.88
CA MET C 100 19.17 18.55 -5.90
C MET C 100 18.92 18.05 -4.47
N HIS C 101 19.79 18.45 -3.55
CA HIS C 101 19.48 18.39 -2.14
C HIS C 101 18.83 19.72 -1.76
N GLY C 102 17.51 19.68 -1.60
CA GLY C 102 16.70 20.87 -1.36
C GLY C 102 17.16 21.82 -0.26
N ASP C 103 17.95 21.32 0.71
CA ASP C 103 18.45 22.15 1.80
C ASP C 103 19.85 22.68 1.53
N GLU C 104 20.35 22.46 0.32
CA GLU C 104 21.60 23.07 -0.12
C GLU C 104 21.22 24.08 -1.20
N THR C 105 21.17 25.36 -0.83
CA THR C 105 20.39 26.37 -1.55
C THR C 105 21.19 27.45 -2.28
N VAL C 106 22.43 27.70 -1.89
CA VAL C 106 23.19 28.77 -2.52
C VAL C 106 23.34 28.60 -4.04
N GLY C 107 23.71 27.38 -4.46
CA GLY C 107 23.78 27.05 -5.87
C GLY C 107 22.52 27.51 -6.61
N ARG C 108 21.37 27.16 -6.05
CA ARG C 108 20.07 27.60 -6.55
C ARG C 108 20.00 29.08 -6.95
N GLN C 109 20.28 29.96 -6.00
CA GLN C 109 20.22 31.39 -6.28
C GLN C 109 21.32 31.83 -7.22
N LEU C 110 22.48 31.20 -7.11
CA LEU C 110 23.59 31.53 -7.99
C LEU C 110 23.19 31.35 -9.44
N LEU C 111 22.47 30.27 -9.74
CA LEU C 111 22.05 30.01 -11.10
C LEU C 111 21.00 31.03 -11.50
N VAL C 112 20.11 31.36 -10.56
CA VAL C 112 19.09 32.38 -10.80
C VAL C 112 19.74 33.70 -11.15
N TYR C 113 20.80 34.03 -10.41
CA TYR C 113 21.64 35.19 -10.70
C TYR C 113 22.33 35.11 -12.08
N MET C 114 22.83 33.93 -12.44
CA MET C 114 23.54 33.74 -13.69
C MET C 114 22.67 34.01 -14.92
N ALA C 115 21.46 33.45 -14.88
CA ALA C 115 20.50 33.67 -15.94
C ALA C 115 20.38 35.15 -16.27
N GLN C 116 19.90 35.92 -15.30
CA GLN C 116 19.75 37.36 -15.47
C GLN C 116 21.03 37.99 -15.94
N TYR C 117 22.11 37.78 -15.19
CA TYR C 117 23.43 38.35 -15.50
C TYR C 117 23.83 38.15 -16.95
N LEU C 118 23.73 36.93 -17.44
CA LEU C 118 24.17 36.63 -18.79
C LEU C 118 23.34 37.43 -19.81
N LEU C 119 22.02 37.27 -19.71
CA LEU C 119 21.08 37.93 -20.63
C LEU C 119 21.24 39.44 -20.59
N GLY C 120 21.11 40.02 -19.40
CA GLY C 120 21.20 41.45 -19.23
C GLY C 120 22.52 42.08 -19.62
N ASN C 121 23.55 41.27 -19.81
CA ASN C 121 24.87 41.82 -20.02
C ASN C 121 25.55 41.37 -21.31
N HIS C 122 25.11 40.23 -21.85
CA HIS C 122 25.75 39.64 -23.01
C HIS C 122 25.91 40.60 -24.19
N GLU C 123 24.99 41.55 -24.35
CA GLU C 123 25.14 42.53 -25.41
C GLU C 123 26.08 43.67 -25.05
N ARG C 124 26.23 43.93 -23.75
CA ARG C 124 27.06 45.05 -23.29
C ARG C 124 28.53 44.68 -23.03
N ILE C 125 28.74 43.49 -22.47
CA ILE C 125 30.08 43.01 -22.15
C ILE C 125 30.57 41.99 -23.18
N SER C 126 31.63 42.33 -23.91
CA SER C 126 32.15 41.51 -25.01
C SER C 126 32.43 40.04 -24.66
N ASP C 127 33.18 39.80 -23.59
CA ASP C 127 33.43 38.43 -23.11
C ASP C 127 32.14 37.63 -23.09
N LEU C 128 31.14 38.11 -22.37
CA LEU C 128 29.89 37.39 -22.21
C LEU C 128 29.18 37.21 -23.55
N GLY C 129 29.18 38.28 -24.34
CA GLY C 129 28.55 38.23 -25.64
C GLY C 129 29.18 37.13 -26.48
N GLN C 130 30.46 36.91 -26.24
CA GLN C 130 31.21 35.87 -26.94
C GLN C 130 30.99 34.49 -26.30
N LEU C 131 30.97 34.45 -24.98
CA LEU C 131 30.57 33.23 -24.28
C LEU C 131 29.26 32.69 -24.88
N VAL C 132 28.26 33.56 -24.94
CA VAL C 132 26.90 33.18 -25.33
C VAL C 132 26.81 32.82 -26.80
N ASN C 133 27.47 33.60 -27.64
CA ASN C 133 27.53 33.30 -29.07
C ASN C 133 28.04 31.89 -29.36
N SER C 134 28.91 31.39 -28.50
CA SER C 134 29.69 30.20 -28.80
C SER C 134 29.25 28.99 -27.99
N THR C 135 28.34 29.20 -27.04
CA THR C 135 27.93 28.13 -26.17
C THR C 135 26.44 28.05 -25.98
N ASP C 136 25.91 26.84 -26.06
CA ASP C 136 24.50 26.62 -25.72
C ASP C 136 24.42 26.32 -24.23
N ILE C 137 23.75 27.18 -23.47
CA ILE C 137 23.79 27.07 -22.02
C ILE C 137 22.42 26.84 -21.40
N TYR C 138 22.32 25.81 -20.57
CA TYR C 138 21.09 25.52 -19.85
C TYR C 138 21.29 25.64 -18.35
N LEU C 139 20.37 26.34 -17.68
CA LEU C 139 20.45 26.53 -16.23
C LEU C 139 19.26 25.97 -15.49
N VAL C 140 19.50 25.02 -14.60
CA VAL C 140 18.45 24.40 -13.78
C VAL C 140 18.67 24.73 -12.29
N PRO C 141 18.16 25.88 -11.84
CA PRO C 141 18.35 26.37 -10.46
C PRO C 141 17.93 25.36 -9.39
N THR C 142 16.82 24.65 -9.61
CA THR C 142 16.46 23.55 -8.71
C THR C 142 16.08 22.25 -9.41
N MET C 143 16.45 21.15 -8.76
CA MET C 143 16.16 19.81 -9.23
C MET C 143 15.35 19.10 -8.12
N ASN C 144 15.09 19.82 -7.04
CA ASN C 144 14.29 19.25 -5.97
C ASN C 144 13.44 20.29 -5.24
N PRO C 145 12.40 20.79 -5.92
CA PRO C 145 11.52 21.86 -5.45
C PRO C 145 10.76 21.41 -4.20
N ASP C 146 10.47 20.12 -4.14
CA ASP C 146 9.72 19.52 -3.03
C ASP C 146 10.60 19.43 -1.80
N GLY C 147 11.86 19.03 -2.01
CA GLY C 147 12.85 19.02 -0.95
C GLY C 147 13.10 20.43 -0.48
N TYR C 148 13.21 21.37 -1.43
CA TYR C 148 13.39 22.79 -1.09
C TYR C 148 12.27 23.30 -0.18
N ALA C 149 11.05 23.30 -0.69
CA ALA C 149 9.87 23.72 0.06
C ALA C 149 9.86 23.21 1.50
N LEU C 150 10.42 22.04 1.73
CA LEU C 150 10.40 21.44 3.06
C LEU C 150 11.58 21.85 3.93
N SER C 151 12.56 22.53 3.34
CA SER C 151 13.75 22.98 4.07
C SER C 151 13.57 24.34 4.73
N GLN C 152 14.45 24.68 5.67
CA GLN C 152 14.28 25.89 6.45
C GLN C 152 15.43 26.88 6.25
N GLU C 153 15.14 28.01 5.62
CA GLU C 153 16.16 29.02 5.44
C GLU C 153 16.87 29.25 6.79
N GLY C 154 18.19 29.23 6.77
CA GLY C 154 18.96 29.50 7.97
C GLY C 154 19.74 28.29 8.43
N ASN C 155 19.26 27.11 8.06
CA ASN C 155 19.89 25.88 8.53
C ASN C 155 21.20 25.59 7.82
N CYS C 156 22.30 25.84 8.52
CA CYS C 156 23.63 25.52 8.00
C CYS C 156 23.76 24.01 7.95
N GLU C 157 23.12 23.34 8.90
CA GLU C 157 23.03 21.88 8.89
C GLU C 157 21.63 21.43 8.48
N SER C 158 21.57 20.28 7.83
CA SER C 158 20.31 19.72 7.39
C SER C 158 19.39 19.48 8.59
N LEU C 159 18.10 19.27 8.32
CA LEU C 159 17.15 19.04 9.39
C LEU C 159 17.26 17.62 9.94
N PRO C 160 16.52 17.34 11.02
CA PRO C 160 16.40 15.98 11.53
C PRO C 160 15.81 15.08 10.46
N ASN C 161 16.19 13.81 10.44
CA ASN C 161 15.75 12.88 9.40
C ASN C 161 16.25 13.31 8.04
N TYR C 162 17.11 14.33 8.03
CA TYR C 162 17.61 14.91 6.80
C TYR C 162 16.44 15.33 5.89
N VAL C 163 15.35 15.71 6.55
CA VAL C 163 14.18 16.19 5.84
C VAL C 163 14.51 17.46 5.02
N GLY C 164 13.97 17.54 3.81
CA GLY C 164 14.31 18.62 2.91
C GLY C 164 15.44 18.25 1.96
N ARG C 165 16.38 17.43 2.43
CA ARG C 165 17.48 16.99 1.59
C ARG C 165 16.95 16.10 0.44
N GLY C 166 16.28 15.02 0.81
CA GLY C 166 15.76 14.09 -0.18
C GLY C 166 14.53 14.72 -0.78
N ASN C 167 13.89 14.03 -1.71
CA ASN C 167 12.65 14.55 -2.28
C ASN C 167 11.48 14.40 -1.29
N ALA C 168 10.26 14.32 -1.79
CA ALA C 168 9.05 14.26 -0.97
C ALA C 168 8.84 12.88 -0.35
N ALA C 169 9.45 11.88 -1.00
CA ALA C 169 9.40 10.51 -0.51
C ALA C 169 10.59 10.24 0.42
N ASN C 170 11.34 11.29 0.71
CA ASN C 170 12.51 11.17 1.56
C ASN C 170 13.63 10.28 1.02
N ILE C 171 13.77 10.21 -0.30
CA ILE C 171 14.93 9.52 -0.85
C ILE C 171 15.94 10.50 -1.44
N ASP C 172 17.21 10.23 -1.20
CA ASP C 172 18.32 11.07 -1.64
C ASP C 172 18.54 10.92 -3.15
N LEU C 173 18.14 11.95 -3.88
CA LEU C 173 18.24 11.92 -5.33
C LEU C 173 19.66 11.66 -5.82
N ASN C 174 20.66 11.94 -4.97
CA ASN C 174 22.06 11.73 -5.36
C ASN C 174 22.51 10.30 -5.04
N ARG C 175 21.54 9.40 -4.83
CA ARG C 175 21.80 7.97 -4.73
C ARG C 175 20.87 7.23 -5.69
N ASP C 176 20.04 7.97 -6.43
CA ASP C 176 18.93 7.39 -7.20
C ASP C 176 19.22 7.16 -8.68
N PHE C 177 20.34 7.67 -9.16
CA PHE C 177 20.67 7.48 -10.57
C PHE C 177 21.29 6.11 -10.82
N PRO C 178 21.21 5.63 -12.07
CA PRO C 178 21.80 4.34 -12.40
C PRO C 178 23.30 4.36 -12.15
N ASP C 179 23.79 3.29 -11.54
CA ASP C 179 25.21 3.16 -11.25
C ASP C 179 25.94 2.42 -12.39
N ARG C 180 27.08 2.96 -12.82
CA ARG C 180 27.91 2.30 -13.82
C ARG C 180 28.28 0.87 -13.38
N LEU C 181 28.47 0.69 -12.07
CA LEU C 181 28.78 -0.63 -11.53
C LEU C 181 27.53 -1.43 -11.17
N GLU C 182 26.40 -1.14 -11.83
CA GLU C 182 25.21 -2.01 -11.80
C GLU C 182 24.54 -2.27 -10.42
N GLN C 183 23.38 -2.92 -10.47
CA GLN C 183 22.64 -3.34 -9.28
C GLN C 183 21.51 -4.31 -9.65
N LEU C 189 18.79 1.63 -22.14
CA LEU C 189 18.48 0.60 -21.17
C LEU C 189 18.26 1.16 -19.78
N ARG C 190 18.43 2.48 -19.65
CA ARG C 190 18.16 3.16 -18.39
C ARG C 190 16.66 3.43 -18.29
N ALA C 191 16.00 2.74 -17.34
CA ALA C 191 14.54 2.79 -17.19
C ALA C 191 14.05 2.53 -15.76
N GLN C 192 13.15 1.56 -15.62
CA GLN C 192 12.60 1.15 -14.32
C GLN C 192 11.81 2.24 -13.56
N SER C 193 12.01 2.29 -12.24
CA SER C 193 11.26 3.23 -11.42
C SER C 193 12.10 4.00 -10.40
N ARG C 194 12.74 5.05 -10.91
CA ARG C 194 13.40 6.04 -10.11
C ARG C 194 12.41 7.10 -9.64
N GLN C 195 12.84 8.00 -8.76
CA GLN C 195 12.07 9.19 -8.45
C GLN C 195 11.73 10.01 -9.72
N PRO C 196 10.58 10.71 -9.69
CA PRO C 196 10.13 11.54 -10.83
C PRO C 196 11.22 12.49 -11.29
N GLU C 197 11.95 13.03 -10.31
CA GLU C 197 12.94 14.04 -10.58
C GLU C 197 14.15 13.41 -11.27
N THR C 198 14.56 12.27 -10.75
CA THR C 198 15.70 11.57 -11.29
C THR C 198 15.38 11.23 -12.73
N ALA C 199 14.27 10.53 -12.92
CA ALA C 199 13.85 10.12 -14.26
C ALA C 199 13.81 11.33 -15.22
N ALA C 200 13.32 12.46 -14.74
CA ALA C 200 13.27 13.65 -15.57
C ALA C 200 14.68 13.99 -16.06
N LEU C 201 15.62 14.02 -15.13
CA LEU C 201 16.97 14.41 -15.48
C LEU C 201 17.71 13.37 -16.31
N VAL C 202 17.57 12.11 -15.95
CA VAL C 202 18.15 11.06 -16.77
C VAL C 202 17.74 11.29 -18.21
N ASN C 203 16.43 11.41 -18.44
CA ASN C 203 15.90 11.55 -19.80
C ASN C 203 16.60 12.66 -20.53
N TRP C 204 16.65 13.80 -19.86
CA TRP C 204 17.23 15.01 -20.40
C TRP C 204 18.68 14.77 -20.76
N ILE C 205 19.42 14.23 -19.80
CA ILE C 205 20.86 14.08 -19.93
C ILE C 205 21.26 13.29 -21.18
N VAL C 206 20.46 12.28 -21.52
CA VAL C 206 20.75 11.45 -22.66
C VAL C 206 20.05 11.99 -23.90
N SER C 207 19.36 13.10 -23.74
CA SER C 207 18.53 13.61 -24.83
C SER C 207 19.35 14.54 -25.71
N LYS C 208 20.49 14.99 -25.21
CA LYS C 208 21.35 15.93 -25.93
C LYS C 208 22.81 15.65 -25.65
N PRO C 209 23.67 15.88 -26.64
CA PRO C 209 25.11 15.64 -26.54
C PRO C 209 25.84 16.60 -25.58
N PHE C 210 25.38 16.72 -24.34
CA PHE C 210 26.00 17.64 -23.39
C PHE C 210 27.49 17.41 -23.27
N VAL C 211 28.25 18.50 -23.32
CA VAL C 211 29.70 18.44 -23.38
C VAL C 211 30.30 18.57 -21.99
N LEU C 212 29.73 19.47 -21.20
CA LEU C 212 30.27 19.85 -19.89
C LEU C 212 29.11 20.20 -18.97
N SER C 213 29.26 19.93 -17.68
CA SER C 213 28.18 20.14 -16.74
C SER C 213 28.69 20.26 -15.32
N ALA C 214 27.88 20.84 -14.45
CA ALA C 214 28.22 20.93 -13.04
C ALA C 214 26.95 21.01 -12.19
N ASN C 215 26.91 20.28 -11.07
CA ASN C 215 25.79 20.44 -10.15
C ASN C 215 26.24 20.82 -8.76
N PHE C 216 25.48 21.73 -8.13
CA PHE C 216 25.96 22.46 -6.97
C PHE C 216 25.35 21.99 -5.67
N HIS C 217 26.19 21.86 -4.66
CA HIS C 217 25.77 21.33 -3.39
C HIS C 217 26.25 22.25 -2.32
N GLY C 218 25.91 21.95 -1.06
CA GLY C 218 26.36 22.75 0.06
C GLY C 218 26.77 21.86 1.22
N GLY C 219 27.51 22.43 2.16
CA GLY C 219 27.93 21.72 3.36
C GLY C 219 29.44 21.71 3.43
N ALA C 220 30.06 22.07 2.31
CA ALA C 220 31.50 22.16 2.24
C ALA C 220 31.87 23.04 1.06
N VAL C 221 33.12 23.49 1.03
CA VAL C 221 33.62 24.31 -0.07
C VAL C 221 34.74 23.62 -0.83
N VAL C 222 34.39 22.95 -1.94
CA VAL C 222 35.36 22.16 -2.68
C VAL C 222 34.87 21.79 -4.08
N ALA C 223 35.82 21.55 -4.98
CA ALA C 223 35.52 21.12 -6.34
C ALA C 223 35.75 19.61 -6.49
N SER C 224 34.66 18.84 -6.57
CA SER C 224 34.73 17.38 -6.61
C SER C 224 34.46 16.84 -8.02
N TYR C 225 35.12 15.74 -8.38
CA TYR C 225 35.05 15.20 -9.73
C TYR C 225 35.03 13.68 -9.64
N PRO C 226 34.66 12.99 -10.75
CA PRO C 226 34.53 11.52 -10.83
C PRO C 226 35.83 10.73 -10.62
N TYR C 227 35.72 9.47 -10.17
CA TYR C 227 34.45 8.82 -9.86
C TYR C 227 34.12 9.00 -8.38
N ASP C 228 32.84 8.89 -8.04
CA ASP C 228 32.37 8.96 -6.66
C ASP C 228 32.40 7.61 -5.94
N ASN C 229 32.59 6.52 -6.69
CA ASN C 229 32.71 5.19 -6.08
C ASN C 229 33.63 4.29 -6.88
N SER C 230 33.73 3.02 -6.46
CA SER C 230 34.63 2.03 -7.05
C SER C 230 34.22 0.60 -6.74
N LEU C 231 34.77 -0.36 -7.50
CA LEU C 231 34.55 -1.80 -7.24
C LEU C 231 34.99 -2.26 -5.85
N ALA C 232 36.03 -1.62 -5.32
CA ALA C 232 36.54 -1.88 -3.98
C ALA C 232 35.49 -1.52 -2.93
N HIS C 233 34.67 -0.53 -3.27
CA HIS C 233 33.68 0.04 -2.37
C HIS C 233 34.29 0.48 -1.03
N ASN C 234 35.35 1.28 -1.11
CA ASN C 234 36.02 1.83 0.08
C ASN C 234 35.19 2.97 0.67
N GLU C 235 35.08 3.02 1.99
CA GLU C 235 34.40 4.14 2.64
C GLU C 235 34.93 5.47 2.10
N CYS C 236 36.25 5.66 2.11
CA CYS C 236 36.84 6.96 1.89
C CYS C 236 38.33 6.94 1.58
N CYS C 237 38.85 8.14 1.33
CA CYS C 237 40.28 8.41 1.32
C CYS C 237 41.03 7.51 0.34
N GLU C 238 40.35 7.08 -0.71
CA GLU C 238 41.00 6.30 -1.77
C GLU C 238 40.49 6.73 -3.12
N GLU C 239 41.41 7.24 -3.94
CA GLU C 239 41.09 7.80 -5.25
C GLU C 239 40.53 6.73 -6.18
N SER C 240 39.32 6.96 -6.69
CA SER C 240 38.80 6.16 -7.79
C SER C 240 38.80 7.00 -9.05
N LEU C 241 39.95 7.10 -9.71
CA LEU C 241 40.14 8.06 -10.79
C LEU C 241 39.52 7.66 -12.12
N THR C 242 39.33 8.67 -12.97
CA THR C 242 38.66 8.53 -14.25
C THR C 242 39.70 8.55 -15.39
N PRO C 243 39.40 7.85 -16.51
CA PRO C 243 40.32 7.92 -17.66
C PRO C 243 40.66 9.37 -18.02
N ASP C 244 39.72 10.27 -17.78
CA ASP C 244 39.91 11.67 -18.11
C ASP C 244 40.25 12.46 -16.85
N ASP C 245 41.04 11.86 -15.98
CA ASP C 245 41.40 12.54 -14.73
C ASP C 245 42.10 13.88 -14.91
N ARG C 246 43.08 13.95 -15.81
CA ARG C 246 43.73 15.22 -16.11
C ARG C 246 42.68 16.31 -16.43
N VAL C 247 41.83 16.08 -17.43
CA VAL C 247 40.81 17.06 -17.76
C VAL C 247 39.91 17.40 -16.57
N PHE C 248 39.47 16.39 -15.84
CA PHE C 248 38.66 16.60 -14.64
C PHE C 248 39.36 17.41 -13.56
N LYS C 249 40.66 17.16 -13.39
CA LYS C 249 41.46 17.97 -12.49
C LYS C 249 41.59 19.42 -12.99
N GLN C 250 41.80 19.60 -14.29
CA GLN C 250 41.83 20.95 -14.85
C GLN C 250 40.50 21.68 -14.60
N LEU C 251 39.38 21.02 -14.89
CA LEU C 251 38.04 21.57 -14.64
C LEU C 251 37.86 22.01 -13.17
N ALA C 252 38.03 21.07 -12.25
CA ALA C 252 37.91 21.33 -10.83
C ALA C 252 38.79 22.51 -10.41
N HIS C 253 40.00 22.55 -10.94
CA HIS C 253 40.93 23.64 -10.63
C HIS C 253 40.46 24.95 -11.21
N THR C 254 39.90 24.89 -12.41
CA THR C 254 39.38 26.09 -13.06
C THR C 254 38.42 26.77 -12.09
N TYR C 255 37.54 25.98 -11.48
CA TYR C 255 36.58 26.55 -10.54
C TYR C 255 37.20 27.01 -9.22
N SER C 256 38.01 26.15 -8.63
CA SER C 256 38.60 26.46 -7.34
C SER C 256 39.59 27.60 -7.45
N ASP C 257 40.50 27.52 -8.42
CA ASP C 257 41.54 28.53 -8.60
C ASP C 257 40.96 29.93 -8.70
N ASN C 258 39.75 30.03 -9.27
CA ASN C 258 39.05 31.30 -9.41
C ASN C 258 38.10 31.64 -8.28
N HIS C 259 38.15 30.88 -7.19
CA HIS C 259 37.24 31.07 -6.07
C HIS C 259 38.07 31.34 -4.83
N PRO C 260 38.12 32.61 -4.42
CA PRO C 260 39.03 33.15 -3.40
C PRO C 260 39.12 32.32 -2.13
N ILE C 261 38.06 31.55 -1.84
CA ILE C 261 37.98 30.80 -0.58
C ILE C 261 38.18 29.33 -0.83
N MET C 262 37.56 28.82 -1.88
CA MET C 262 37.71 27.42 -2.21
C MET C 262 39.18 27.06 -2.49
N ARG C 263 39.88 28.01 -3.10
CA ARG C 263 41.29 27.86 -3.49
C ARG C 263 42.20 27.53 -2.31
N LYS C 264 41.71 27.77 -1.09
CA LYS C 264 42.54 27.58 0.11
C LYS C 264 42.65 26.13 0.54
N GLY C 265 41.52 25.45 0.65
CA GLY C 265 41.51 24.02 0.92
C GLY C 265 41.24 23.62 2.36
N ASN C 266 41.06 24.62 3.23
CA ASN C 266 40.88 24.36 4.66
C ASN C 266 39.57 24.90 5.24
N ASN C 267 38.51 24.79 4.45
CA ASN C 267 37.19 25.30 4.83
C ASN C 267 36.34 24.24 5.51
N CYS C 268 35.33 24.69 6.27
CA CYS C 268 34.42 23.82 7.03
C CYS C 268 35.07 22.61 7.70
N ASN C 269 36.25 22.80 8.29
CA ASN C 269 36.95 21.70 8.95
C ASN C 269 37.47 20.64 7.97
N ASP C 270 37.35 20.93 6.68
CA ASP C 270 37.82 20.04 5.63
C ASP C 270 39.20 20.43 5.15
N SER C 271 39.96 19.42 4.70
CA SER C 271 41.26 19.65 4.11
C SER C 271 41.30 19.08 2.69
N PHE C 272 41.26 19.98 1.70
CA PHE C 272 41.27 19.60 0.30
C PHE C 272 42.35 20.36 -0.42
N SER C 273 43.38 19.64 -0.83
CA SER C 273 44.53 20.27 -1.50
C SER C 273 44.11 20.93 -2.79
N GLY C 274 44.41 22.22 -2.91
CA GLY C 274 43.99 23.02 -4.06
C GLY C 274 42.50 23.29 -4.09
N GLY C 275 41.80 22.88 -3.03
CA GLY C 275 40.37 23.08 -2.90
C GLY C 275 39.58 22.14 -3.78
N ILE C 276 40.24 21.10 -4.26
CA ILE C 276 39.56 20.12 -5.09
C ILE C 276 39.75 18.73 -4.51
N THR C 277 38.91 17.81 -4.92
CA THR C 277 39.02 16.45 -4.43
C THR C 277 38.33 15.49 -5.38
N ASN C 278 38.72 14.22 -5.28
CA ASN C 278 38.03 13.13 -5.94
C ASN C 278 36.85 12.68 -5.08
N GLY C 279 35.69 12.47 -5.69
CA GLY C 279 34.51 12.08 -4.95
C GLY C 279 34.85 10.95 -3.98
N ALA C 280 35.28 9.82 -4.54
CA ALA C 280 35.50 8.61 -3.76
C ALA C 280 36.51 8.86 -2.65
N HIS C 281 37.54 9.65 -2.97
CA HIS C 281 38.58 9.92 -1.99
C HIS C 281 38.05 10.67 -0.78
N TRP C 282 37.15 11.61 -1.02
CA TRP C 282 36.43 12.23 0.07
C TRP C 282 35.66 11.13 0.81
N TYR C 283 34.63 10.62 0.16
CA TYR C 283 33.97 9.41 0.58
C TYR C 283 33.18 8.90 -0.61
N GLU C 284 33.06 7.58 -0.70
CA GLU C 284 32.30 6.95 -1.79
C GLU C 284 30.78 7.03 -1.62
N LEU C 285 30.10 7.15 -2.75
CA LEU C 285 28.66 7.12 -2.76
C LEU C 285 28.26 6.53 -4.11
N SER C 286 27.07 5.94 -4.19
CA SER C 286 26.64 5.28 -5.41
C SER C 286 25.28 5.74 -5.84
N GLY C 287 25.06 5.78 -7.16
CA GLY C 287 23.83 6.28 -7.75
C GLY C 287 23.77 7.79 -7.96
N GLY C 288 24.93 8.43 -7.89
CA GLY C 288 25.04 9.87 -8.08
C GLY C 288 24.81 10.34 -9.50
N MET C 289 24.52 11.63 -9.65
CA MET C 289 24.21 12.16 -10.96
C MET C 289 25.53 12.37 -11.68
N GLN C 290 26.52 12.83 -10.94
CA GLN C 290 27.80 13.18 -11.53
C GLN C 290 28.30 12.04 -12.42
N ASP C 291 28.61 10.92 -11.78
CA ASP C 291 29.19 9.77 -12.48
C ASP C 291 28.25 9.24 -13.58
N PHE C 292 26.94 9.40 -13.37
CA PHE C 292 25.97 9.01 -14.39
C PHE C 292 26.17 9.73 -15.73
N ASN C 293 26.44 11.03 -15.68
CA ASN C 293 26.79 11.79 -16.87
C ASN C 293 27.98 11.23 -17.65
N TYR C 294 29.07 10.97 -16.93
CA TYR C 294 30.31 10.49 -17.54
C TYR C 294 30.20 9.08 -18.08
N ALA C 295 29.48 8.24 -17.36
CA ALA C 295 29.39 6.82 -17.67
C ALA C 295 28.33 6.48 -18.73
N PHE C 296 27.32 7.34 -18.87
CA PHE C 296 26.17 7.03 -19.70
C PHE C 296 25.98 8.08 -20.79
N SER C 297 26.86 9.07 -20.81
CA SER C 297 26.88 10.05 -21.89
C SER C 297 28.29 10.57 -22.16
N ASN C 298 28.40 11.59 -23.00
CA ASN C 298 29.67 12.26 -23.24
C ASN C 298 29.99 13.25 -22.12
N CYS C 299 28.98 13.63 -21.37
CA CYS C 299 29.10 14.74 -20.45
C CYS C 299 30.15 14.53 -19.35
N PHE C 300 30.89 15.60 -19.07
CA PHE C 300 31.86 15.67 -17.99
C PHE C 300 31.31 16.56 -16.87
N GLU C 301 30.68 15.95 -15.86
CA GLU C 301 30.04 16.70 -14.79
C GLU C 301 30.90 16.79 -13.53
N LEU C 302 31.04 18.00 -13.00
CA LEU C 302 31.71 18.17 -11.71
C LEU C 302 30.63 18.32 -10.64
N THR C 303 30.97 17.92 -9.42
CA THR C 303 30.15 18.23 -8.25
C THR C 303 30.81 19.38 -7.49
N ILE C 304 30.08 20.48 -7.32
CA ILE C 304 30.65 21.64 -6.64
C ILE C 304 29.95 22.06 -5.35
N GLU C 305 30.73 22.09 -4.28
CA GLU C 305 30.25 22.46 -2.96
C GLU C 305 30.55 23.93 -2.72
N LEU C 306 29.50 24.70 -2.47
CA LEU C 306 29.58 26.15 -2.49
C LEU C 306 29.78 26.81 -1.12
N SER C 307 29.06 26.34 -0.11
CA SER C 307 29.11 26.94 1.23
C SER C 307 29.29 25.90 2.34
N CYS C 308 29.82 26.34 3.48
CA CYS C 308 29.86 25.50 4.67
C CYS C 308 28.43 25.41 5.18
N CYS C 309 27.76 26.55 5.15
CA CYS C 309 26.36 26.63 5.57
C CYS C 309 25.49 26.17 4.42
N LYS C 310 24.70 25.11 4.65
CA LYS C 310 23.88 24.52 3.59
C LYS C 310 22.83 25.49 3.08
N TYR C 311 22.12 26.11 4.03
CA TYR C 311 21.05 27.07 3.73
C TYR C 311 21.29 28.38 4.47
N PRO C 312 22.14 29.25 3.91
CA PRO C 312 22.47 30.49 4.59
C PRO C 312 21.37 31.52 4.39
N ALA C 313 21.56 32.72 4.91
CA ALA C 313 20.56 33.78 4.78
C ALA C 313 20.82 34.68 3.56
N ALA C 314 19.74 35.29 3.06
CA ALA C 314 19.77 36.12 1.86
C ALA C 314 20.96 37.10 1.78
N SER C 315 21.20 37.81 2.89
CA SER C 315 22.23 38.84 2.90
C SER C 315 23.56 38.27 2.47
N THR C 316 23.72 36.98 2.71
CA THR C 316 24.89 36.26 2.29
C THR C 316 25.01 36.19 0.77
N LEU C 317 23.86 35.97 0.12
CA LEU C 317 23.79 35.78 -1.34
C LEU C 317 24.61 36.72 -2.24
N PRO C 318 24.56 38.03 -2.00
CA PRO C 318 25.37 38.95 -2.82
C PRO C 318 26.89 38.68 -2.78
N GLN C 319 27.45 38.37 -1.61
CA GLN C 319 28.85 37.96 -1.49
C GLN C 319 29.13 36.67 -2.28
N GLU C 320 28.30 35.67 -2.05
CA GLU C 320 28.41 34.39 -2.77
C GLU C 320 28.49 34.59 -4.29
N TRP C 321 27.65 35.49 -4.80
CA TRP C 321 27.70 35.83 -6.21
C TRP C 321 29.09 36.30 -6.67
N GLN C 322 29.67 37.23 -5.91
CA GLN C 322 30.92 37.88 -6.32
C GLN C 322 32.09 36.90 -6.36
N ARG C 323 32.06 35.93 -5.44
CA ARG C 323 33.08 34.90 -5.36
C ARG C 323 32.95 33.85 -6.48
N ASN C 324 31.72 33.38 -6.71
CA ASN C 324 31.49 32.33 -7.69
C ASN C 324 31.43 32.83 -9.13
N LYS C 325 31.21 34.13 -9.28
CA LYS C 325 31.06 34.78 -10.58
C LYS C 325 32.14 34.38 -11.60
N ALA C 326 33.39 34.65 -11.24
CA ALA C 326 34.54 34.29 -12.10
C ALA C 326 34.66 32.77 -12.36
N SER C 327 34.37 31.94 -11.35
CA SER C 327 34.55 30.49 -11.44
C SER C 327 33.46 29.88 -12.29
N LEU C 328 32.29 30.50 -12.28
CA LEU C 328 31.15 30.00 -13.04
C LEU C 328 31.33 30.29 -14.53
N LEU C 329 31.93 31.44 -14.82
CA LEU C 329 32.18 31.84 -16.20
C LEU C 329 33.34 31.04 -16.77
N GLN C 330 34.43 30.96 -16.01
CA GLN C 330 35.66 30.31 -16.47
C GLN C 330 35.51 28.79 -16.64
N LEU C 331 34.69 28.17 -15.79
CA LEU C 331 34.35 26.77 -15.98
C LEU C 331 33.64 26.57 -17.31
N LEU C 332 32.53 27.28 -17.50
CA LEU C 332 31.82 27.24 -18.76
C LEU C 332 32.77 27.27 -19.95
N ARG C 333 33.69 28.21 -19.94
CA ARG C 333 34.62 28.40 -21.06
C ARG C 333 35.50 27.20 -21.27
N GLN C 334 35.58 26.33 -20.27
CA GLN C 334 36.36 25.09 -20.41
C GLN C 334 35.68 24.13 -21.39
N ALA C 335 34.41 24.41 -21.71
CA ALA C 335 33.68 23.59 -22.65
C ALA C 335 34.24 23.84 -24.05
N HIS C 336 35.33 24.59 -24.12
CA HIS C 336 35.89 24.93 -25.41
C HIS C 336 37.29 24.39 -25.61
N ILE C 337 37.88 23.83 -24.55
CA ILE C 337 39.20 23.21 -24.65
C ILE C 337 39.19 21.95 -25.51
N GLY C 338 40.38 21.51 -25.89
CA GLY C 338 40.51 20.30 -26.69
C GLY C 338 40.17 20.52 -28.15
N ILE C 339 39.35 19.63 -28.70
CA ILE C 339 39.00 19.68 -30.11
C ILE C 339 37.54 19.41 -30.34
N LYS C 340 37.13 19.47 -31.60
CA LYS C 340 35.76 19.17 -31.98
C LYS C 340 35.78 19.05 -33.49
N GLY C 341 34.80 18.31 -34.02
CA GLY C 341 34.77 18.10 -35.45
C GLY C 341 33.61 17.25 -35.88
N LEU C 342 33.67 16.80 -37.12
CA LEU C 342 32.61 15.99 -37.70
C LEU C 342 33.13 14.64 -38.14
N VAL C 343 32.33 13.62 -37.92
CA VAL C 343 32.57 12.35 -38.56
C VAL C 343 31.55 12.29 -39.68
N THR C 344 32.03 12.10 -40.90
CA THR C 344 31.16 12.27 -42.05
C THR C 344 31.32 11.14 -43.07
N ASP C 345 30.35 11.06 -43.98
CA ASP C 345 30.28 10.12 -45.10
C ASP C 345 31.36 10.36 -46.14
N ALA C 346 31.34 9.53 -47.17
CA ALA C 346 31.92 9.90 -48.46
C ALA C 346 30.98 10.97 -48.99
N SER C 347 29.68 10.73 -48.81
CA SER C 347 28.62 11.67 -49.18
C SER C 347 28.74 13.05 -48.53
N GLY C 348 29.64 13.19 -47.56
CA GLY C 348 29.73 14.40 -46.78
C GLY C 348 28.52 14.49 -45.85
N PHE C 349 27.95 13.33 -45.56
CA PHE C 349 26.85 13.23 -44.63
C PHE C 349 27.26 12.66 -43.26
N PRO C 350 26.86 13.35 -42.19
CA PRO C 350 27.26 13.04 -40.82
C PRO C 350 26.94 11.61 -40.44
N ILE C 351 27.86 10.98 -39.72
CA ILE C 351 27.63 9.65 -39.17
C ILE C 351 27.31 9.79 -37.69
N ALA C 352 26.11 9.40 -37.31
CA ALA C 352 25.68 9.48 -35.92
C ALA C 352 26.22 8.29 -35.13
N ASP C 353 26.47 8.50 -33.84
CA ASP C 353 26.88 7.43 -32.94
C ASP C 353 28.24 6.81 -33.29
N ALA C 354 29.02 7.54 -34.07
CA ALA C 354 30.39 7.15 -34.37
C ALA C 354 31.22 7.27 -33.09
N ASN C 355 32.36 6.60 -33.06
CA ASN C 355 33.24 6.76 -31.92
C ASN C 355 34.51 7.49 -32.31
N VAL C 356 34.87 8.49 -31.51
CA VAL C 356 36.16 9.16 -31.64
C VAL C 356 37.11 8.83 -30.48
N TYR C 357 38.22 8.18 -30.81
CA TYR C 357 39.21 7.76 -29.80
C TYR C 357 40.48 8.62 -29.80
N VAL C 358 41.01 8.85 -28.60
CA VAL C 358 42.34 9.44 -28.41
C VAL C 358 43.30 8.43 -27.76
N ALA C 359 44.50 8.26 -28.34
CA ALA C 359 45.53 7.37 -27.79
C ALA C 359 45.81 7.65 -26.32
N GLY C 360 45.55 6.66 -25.47
CA GLY C 360 45.76 6.82 -24.05
C GLY C 360 44.50 7.25 -23.33
N LEU C 361 43.45 7.45 -24.11
CA LEU C 361 42.14 7.80 -23.55
C LEU C 361 41.06 7.01 -24.29
N GLU C 362 41.46 5.85 -24.79
CA GLU C 362 40.59 5.00 -25.61
C GLU C 362 39.44 4.39 -24.81
N GLU C 363 39.56 4.38 -23.49
CA GLU C 363 38.51 3.83 -22.64
C GLU C 363 37.31 4.75 -22.58
N LYS C 364 37.51 6.02 -22.94
CA LYS C 364 36.41 6.99 -22.92
C LYS C 364 36.25 7.71 -24.27
N PRO C 365 35.74 6.99 -25.27
CA PRO C 365 35.48 7.51 -26.61
C PRO C 365 34.32 8.50 -26.58
N MET C 366 34.26 9.38 -27.58
CA MET C 366 33.10 10.28 -27.72
C MET C 366 32.12 9.71 -28.75
N ARG C 367 30.84 9.67 -28.39
CA ARG C 367 29.81 9.23 -29.34
C ARG C 367 29.22 10.44 -30.07
N THR C 368 29.45 10.53 -31.38
CA THR C 368 28.99 11.68 -32.14
C THR C 368 27.49 11.85 -32.05
N SER C 369 27.05 13.09 -32.22
CA SER C 369 25.64 13.42 -32.24
C SER C 369 24.99 13.01 -33.55
N LYS C 370 23.69 13.27 -33.67
CA LYS C 370 22.94 12.96 -34.88
C LYS C 370 23.53 13.67 -36.10
N ARG C 371 24.24 14.77 -35.86
CA ARG C 371 24.85 15.54 -36.94
C ARG C 371 26.34 15.17 -37.06
N GLY C 372 26.74 14.11 -36.35
CA GLY C 372 28.08 13.58 -36.43
C GLY C 372 29.11 14.46 -35.73
N GLU C 373 28.62 15.28 -34.81
CA GLU C 373 29.52 16.19 -34.12
C GLU C 373 30.04 15.56 -32.86
N TYR C 374 31.27 15.97 -32.52
CA TYR C 374 31.89 15.54 -31.28
C TYR C 374 32.72 16.68 -30.71
N TRP C 375 32.77 16.74 -29.39
CA TRP C 375 33.71 17.59 -28.70
C TRP C 375 34.49 16.73 -27.75
N ARG C 376 35.81 16.77 -27.89
CA ARG C 376 36.70 16.10 -26.96
C ARG C 376 37.48 17.13 -26.15
N LEU C 377 37.16 17.22 -24.87
CA LEU C 377 37.87 18.12 -23.97
C LEU C 377 39.26 17.55 -23.73
N LEU C 378 40.28 18.40 -23.87
CA LEU C 378 41.64 17.93 -23.69
C LEU C 378 42.52 18.96 -22.98
N THR C 379 43.38 18.46 -22.10
CA THR C 379 44.49 19.22 -21.56
C THR C 379 45.46 19.57 -22.68
N PRO C 380 46.21 20.66 -22.53
CA PRO C 380 47.25 20.95 -23.52
C PRO C 380 48.21 19.74 -23.73
N GLY C 381 48.75 19.63 -24.94
CA GLY C 381 49.57 18.49 -25.34
C GLY C 381 49.29 18.07 -26.77
N LEU C 382 49.98 17.04 -27.27
CA LEU C 382 49.71 16.57 -28.63
C LEU C 382 49.16 15.17 -28.62
N TYR C 383 48.20 14.90 -29.50
CA TYR C 383 47.44 13.64 -29.48
C TYR C 383 47.24 13.02 -30.86
N SER C 384 47.09 11.69 -30.89
CA SER C 384 46.70 10.98 -32.11
C SER C 384 45.24 10.55 -32.00
N VAL C 385 44.37 11.30 -32.66
CA VAL C 385 42.95 11.04 -32.61
C VAL C 385 42.53 10.19 -33.80
N HIS C 386 41.58 9.29 -33.60
CA HIS C 386 40.97 8.57 -34.73
C HIS C 386 39.50 8.24 -34.46
N ALA C 387 38.76 7.98 -35.53
CA ALA C 387 37.33 7.68 -35.42
C ALA C 387 37.01 6.31 -35.99
N SER C 388 35.94 5.71 -35.48
CA SER C 388 35.49 4.45 -36.03
C SER C 388 33.98 4.38 -35.91
N ALA C 389 33.37 3.54 -36.73
CA ALA C 389 31.93 3.28 -36.65
C ALA C 389 31.63 1.92 -37.27
N PHE C 390 30.63 1.24 -36.71
CA PHE C 390 30.15 -0.02 -37.29
C PHE C 390 29.78 0.19 -38.76
N GLY C 391 30.24 -0.71 -39.62
CA GLY C 391 29.99 -0.61 -41.05
C GLY C 391 30.96 0.31 -41.78
N TYR C 392 31.86 0.93 -41.01
CA TYR C 392 32.85 1.85 -41.57
C TYR C 392 34.27 1.43 -41.22
N GLN C 393 35.16 1.55 -42.21
CA GLN C 393 36.56 1.29 -41.97
C GLN C 393 37.05 2.38 -41.03
N THR C 394 37.75 1.96 -39.99
CA THR C 394 38.21 2.88 -38.96
C THR C 394 39.26 3.80 -39.52
N SER C 395 38.98 5.10 -39.51
CA SER C 395 39.86 6.10 -40.10
C SER C 395 41.33 5.89 -39.78
N ALA C 396 42.21 6.49 -40.60
CA ALA C 396 43.60 6.64 -40.25
C ALA C 396 43.67 7.68 -39.13
N PRO C 397 44.73 7.59 -38.30
CA PRO C 397 44.86 8.50 -37.15
C PRO C 397 45.35 9.89 -37.58
N GLN C 398 44.94 10.92 -36.84
CA GLN C 398 45.45 12.27 -37.08
C GLN C 398 46.10 12.82 -35.82
N GLN C 399 47.24 13.47 -36.01
CA GLN C 399 47.97 14.06 -34.91
C GLN C 399 47.62 15.55 -34.77
N VAL C 400 47.36 15.97 -33.55
CA VAL C 400 47.00 17.36 -33.31
C VAL C 400 47.68 17.92 -32.08
N ARG C 401 48.18 19.14 -32.20
CA ARG C 401 48.78 19.80 -31.05
C ARG C 401 47.70 20.63 -30.38
N VAL C 402 47.23 20.14 -29.24
CA VAL C 402 46.27 20.88 -28.43
C VAL C 402 46.93 21.93 -27.55
N THR C 403 46.85 23.18 -28.01
CA THR C 403 47.07 24.36 -27.19
C THR C 403 45.67 24.91 -26.89
N ASN C 404 45.41 25.25 -25.64
CA ASN C 404 44.16 25.91 -25.30
C ASN C 404 44.43 27.41 -25.16
N ASP C 405 44.75 28.02 -26.30
CA ASP C 405 45.02 29.45 -26.40
C ASP C 405 44.06 30.06 -27.42
N ASN C 406 43.27 29.20 -28.04
CA ASN C 406 42.23 29.61 -28.98
C ASN C 406 40.89 29.66 -28.24
N GLN C 407 40.04 30.64 -28.57
CA GLN C 407 38.71 30.79 -27.96
C GLN C 407 37.80 29.57 -28.16
N GLU C 408 38.04 28.82 -29.24
CA GLU C 408 37.26 27.62 -29.51
C GLU C 408 38.10 26.40 -29.88
N ALA C 409 37.57 25.22 -29.51
CA ALA C 409 38.27 23.96 -29.71
C ALA C 409 38.77 23.79 -31.14
N LEU C 410 39.94 23.18 -31.27
CA LEU C 410 40.54 22.97 -32.57
C LEU C 410 39.68 22.07 -33.44
N ARG C 411 39.26 22.59 -34.58
CA ARG C 411 38.50 21.79 -35.53
C ARG C 411 39.33 20.60 -36.02
N LEU C 412 38.68 19.45 -36.21
CA LEU C 412 39.31 18.23 -36.68
C LEU C 412 38.22 17.24 -37.14
N ASP C 413 38.17 16.98 -38.43
CA ASP C 413 37.10 16.20 -39.01
C ASP C 413 37.58 14.86 -39.55
N PHE C 414 36.63 13.95 -39.75
CA PHE C 414 36.92 12.62 -40.26
C PHE C 414 35.94 12.19 -41.34
N LYS C 415 36.50 11.65 -42.43
CA LYS C 415 35.70 10.98 -43.43
C LYS C 415 35.97 9.48 -43.34
N LEU C 416 34.89 8.70 -43.28
CA LEU C 416 35.01 7.26 -43.14
C LEU C 416 34.43 6.58 -44.36
N ALA C 417 35.16 5.63 -44.92
CA ALA C 417 34.63 4.84 -46.02
C ALA C 417 33.89 3.64 -45.44
N PRO C 418 32.96 3.07 -46.20
CA PRO C 418 32.26 1.85 -45.77
C PRO C 418 33.11 0.60 -45.92
N VAL C 419 32.67 -0.51 -45.34
CA VAL C 419 33.35 -1.79 -45.56
C VAL C 419 33.03 -2.29 -46.97
N THR D 27 1.75 -23.68 -44.83
CA THR D 27 2.57 -22.52 -44.49
C THR D 27 2.17 -21.83 -43.17
N ILE D 28 2.37 -20.51 -43.10
CA ILE D 28 2.36 -19.82 -41.80
C ILE D 28 1.02 -19.21 -41.36
N LYS D 29 0.80 -19.18 -40.05
CA LYS D 29 -0.45 -18.69 -39.48
C LYS D 29 -0.17 -17.81 -38.28
N GLU D 30 -0.65 -16.56 -38.34
CA GLU D 30 -0.37 -15.54 -37.33
C GLU D 30 -0.43 -16.04 -35.90
N ASP D 31 0.53 -15.62 -35.10
CA ASP D 31 0.46 -15.85 -33.66
C ASP D 31 -0.43 -14.78 -33.04
N GLU D 32 -1.67 -15.15 -32.71
CA GLU D 32 -2.52 -14.21 -32.02
C GLU D 32 -2.91 -14.77 -30.65
N SER D 33 -1.91 -15.37 -30.01
CA SER D 33 -2.07 -16.01 -28.72
C SER D 33 -2.44 -15.03 -27.63
N PHE D 34 -2.43 -13.74 -27.97
CA PHE D 34 -2.71 -12.69 -26.98
C PHE D 34 -4.21 -12.52 -26.70
N LEU D 35 -5.03 -13.27 -27.44
CA LEU D 35 -6.49 -13.17 -27.33
C LEU D 35 -7.09 -14.06 -26.24
N GLN D 36 -6.32 -15.03 -25.74
CA GLN D 36 -6.82 -15.97 -24.74
C GLN D 36 -7.14 -15.28 -23.41
N GLN D 37 -8.30 -15.64 -22.86
CA GLN D 37 -8.75 -15.08 -21.60
C GLN D 37 -8.73 -13.57 -21.71
N PRO D 38 -9.65 -13.01 -22.52
CA PRO D 38 -9.71 -11.57 -22.75
C PRO D 38 -9.82 -10.89 -21.41
N HIS D 39 -9.21 -9.74 -21.27
CA HIS D 39 -9.28 -9.00 -20.02
C HIS D 39 -8.61 -7.66 -20.20
N TYR D 40 -8.95 -6.71 -19.36
CA TYR D 40 -8.33 -5.40 -19.42
C TYR D 40 -7.03 -5.38 -18.62
N ALA D 41 -5.94 -5.00 -19.29
CA ALA D 41 -4.62 -4.90 -18.68
C ALA D 41 -4.55 -3.74 -17.70
N SER D 42 -4.30 -4.04 -16.44
CA SER D 42 -4.22 -2.97 -15.45
C SER D 42 -2.94 -2.20 -15.68
N GLN D 43 -2.73 -1.15 -14.89
CA GLN D 43 -1.48 -0.39 -14.91
C GLN D 43 -0.27 -1.30 -14.63
N GLU D 44 -0.37 -2.13 -13.59
CA GLU D 44 0.71 -3.05 -13.33
C GLU D 44 0.92 -3.98 -14.53
N GLN D 45 -0.17 -4.59 -15.00
CA GLN D 45 -0.04 -5.59 -16.04
C GLN D 45 0.60 -4.99 -17.30
N LEU D 46 0.36 -3.71 -17.52
CA LEU D 46 0.85 -3.03 -18.71
C LEU D 46 2.35 -2.84 -18.65
N GLU D 47 2.81 -2.34 -17.51
CA GLU D 47 4.23 -2.10 -17.30
C GLU D 47 4.97 -3.42 -17.37
N ASP D 48 4.44 -4.42 -16.68
CA ASP D 48 5.02 -5.75 -16.72
C ASP D 48 5.14 -6.24 -18.17
N LEU D 49 4.07 -6.15 -18.94
CA LEU D 49 4.11 -6.64 -20.32
C LEU D 49 5.15 -5.92 -21.17
N PHE D 50 5.29 -4.62 -20.95
CA PHE D 50 6.21 -3.80 -21.74
C PHE D 50 7.67 -4.08 -21.42
N ALA D 51 7.92 -4.47 -20.18
CA ALA D 51 9.26 -4.88 -19.79
C ALA D 51 9.57 -6.26 -20.40
N GLY D 52 8.57 -7.12 -20.47
CA GLY D 52 8.73 -8.46 -21.00
C GLY D 52 9.12 -8.47 -22.45
N LEU D 53 8.48 -7.60 -23.23
CA LEU D 53 8.78 -7.48 -24.65
C LEU D 53 10.17 -6.92 -24.87
N GLU D 54 10.55 -5.96 -24.05
CA GLU D 54 11.88 -5.35 -24.16
C GLU D 54 12.99 -6.40 -24.00
N LYS D 55 12.81 -7.34 -23.07
CA LYS D 55 13.80 -8.39 -22.91
C LYS D 55 13.55 -9.55 -23.87
N ALA D 56 12.28 -9.85 -24.14
CA ALA D 56 11.96 -10.88 -25.12
C ALA D 56 12.46 -10.46 -26.50
N TYR D 57 12.44 -9.16 -26.76
CA TYR D 57 12.83 -8.62 -28.06
C TYR D 57 13.82 -7.46 -27.90
N PRO D 58 15.03 -7.77 -27.44
CA PRO D 58 16.05 -6.81 -27.04
C PRO D 58 16.33 -5.71 -28.07
N ASN D 59 16.30 -6.01 -29.36
CA ASN D 59 16.75 -5.04 -30.35
C ASN D 59 15.62 -4.26 -31.04
N GLN D 60 14.39 -4.65 -30.75
CA GLN D 60 13.27 -4.11 -31.50
C GLN D 60 12.17 -3.58 -30.60
N ALA D 61 12.26 -3.90 -29.31
CA ALA D 61 11.31 -3.38 -28.35
C ALA D 61 12.07 -2.56 -27.35
N LYS D 62 11.67 -1.30 -27.21
CA LYS D 62 12.22 -0.42 -26.20
C LYS D 62 11.11 0.34 -25.47
N VAL D 63 11.22 0.44 -24.14
CA VAL D 63 10.27 1.22 -23.35
C VAL D 63 10.76 2.66 -23.10
N HIS D 64 9.82 3.59 -23.17
CA HIS D 64 10.12 5.02 -23.06
C HIS D 64 9.26 5.64 -21.98
N PHE D 65 9.91 6.39 -21.10
CA PHE D 65 9.20 7.07 -20.03
C PHE D 65 8.91 8.51 -20.43
N LEU D 66 7.64 8.89 -20.40
CA LEU D 66 7.17 10.21 -20.87
C LEU D 66 6.92 11.15 -19.72
N GLY D 67 6.49 10.58 -18.61
CA GLY D 67 6.14 11.37 -17.44
C GLY D 67 5.38 10.55 -16.45
N ARG D 68 4.78 11.24 -15.48
CA ARG D 68 3.94 10.59 -14.49
C ARG D 68 2.63 11.35 -14.28
N SER D 69 1.56 10.58 -14.05
CA SER D 69 0.24 11.12 -13.75
C SER D 69 0.26 11.79 -12.37
N LEU D 70 -0.77 12.56 -12.08
CA LEU D 70 -0.91 13.17 -10.77
C LEU D 70 -0.63 12.14 -9.68
N GLU D 71 -1.25 10.96 -9.81
CA GLU D 71 -1.22 9.98 -8.72
C GLU D 71 -0.06 9.02 -8.81
N GLY D 72 0.96 9.39 -9.59
CA GLY D 72 2.22 8.66 -9.62
C GLY D 72 2.37 7.59 -10.69
N ARG D 73 1.29 7.30 -11.41
CA ARG D 73 1.30 6.26 -12.45
C ARG D 73 2.15 6.62 -13.67
N ASN D 74 3.02 5.70 -14.09
CA ASN D 74 3.93 5.96 -15.20
C ASN D 74 3.21 6.05 -16.52
N LEU D 75 3.49 7.11 -17.26
CA LEU D 75 3.07 7.20 -18.66
C LEU D 75 4.18 6.64 -19.56
N LEU D 76 3.90 5.53 -20.21
CA LEU D 76 4.91 4.76 -20.92
C LEU D 76 4.58 4.58 -22.41
N ALA D 77 5.62 4.53 -23.24
CA ALA D 77 5.45 4.26 -24.67
C ALA D 77 6.40 3.17 -25.11
N LEU D 78 5.89 2.16 -25.78
CA LEU D 78 6.73 1.11 -26.32
C LEU D 78 7.11 1.42 -27.76
N GLN D 79 8.41 1.53 -28.02
CA GLN D 79 8.93 1.71 -29.35
C GLN D 79 9.23 0.36 -29.99
N ILE D 80 8.89 0.21 -31.26
CA ILE D 80 9.20 -0.99 -32.04
C ILE D 80 9.87 -0.55 -33.33
N SER D 81 11.04 -1.09 -33.60
CA SER D 81 11.80 -0.62 -34.75
C SER D 81 12.68 -1.72 -35.28
N ARG D 82 13.24 -1.51 -36.47
CA ARG D 82 14.24 -2.41 -37.03
C ARG D 82 15.42 -2.49 -36.06
N ASN D 83 15.77 -1.33 -35.52
CA ASN D 83 16.85 -1.24 -34.57
C ASN D 83 16.58 -0.15 -33.54
N THR D 84 16.16 -0.56 -32.36
CA THR D 84 15.74 0.38 -31.33
C THR D 84 16.83 1.38 -30.91
N ARG D 85 18.09 1.05 -31.21
CA ARG D 85 19.20 1.90 -30.78
C ARG D 85 19.06 3.30 -31.35
N SER D 86 18.83 3.39 -32.66
CA SER D 86 18.69 4.70 -33.29
C SER D 86 17.42 4.70 -34.11
N ARG D 87 17.43 5.56 -35.12
CA ARG D 87 16.39 5.57 -36.14
C ARG D 87 17.06 5.71 -37.49
N ASN D 88 16.83 4.76 -38.38
CA ASN D 88 17.47 4.80 -39.68
C ASN D 88 17.05 6.04 -40.44
N LEU D 89 18.01 6.63 -41.14
CA LEU D 89 17.75 7.81 -41.91
C LEU D 89 16.52 7.60 -42.78
N LEU D 90 15.60 8.55 -42.72
CA LEU D 90 14.40 8.58 -43.54
C LEU D 90 13.32 7.59 -43.13
N THR D 91 13.55 6.87 -42.02
CA THR D 91 12.48 6.06 -41.46
C THR D 91 11.50 6.97 -40.70
N PRO D 92 10.22 6.86 -41.06
CA PRO D 92 9.15 7.63 -40.43
C PRO D 92 8.88 7.19 -39.00
N PRO D 93 9.04 8.11 -38.03
CA PRO D 93 8.55 7.82 -36.69
C PRO D 93 7.04 8.08 -36.65
N VAL D 94 6.31 7.22 -35.98
CA VAL D 94 4.86 7.32 -35.93
C VAL D 94 4.41 6.94 -34.54
N LYS D 95 3.20 7.35 -34.16
CA LYS D 95 2.69 7.03 -32.83
C LYS D 95 1.20 6.70 -32.82
N TYR D 96 0.82 5.89 -31.84
CA TYR D 96 -0.58 5.61 -31.53
C TYR D 96 -0.81 5.88 -30.03
N ILE D 97 -1.72 6.77 -29.71
CA ILE D 97 -2.07 6.98 -28.30
C ILE D 97 -3.49 6.53 -28.09
N ALA D 98 -3.80 6.08 -26.87
CA ALA D 98 -5.17 5.73 -26.53
C ALA D 98 -5.55 6.09 -25.09
N ASN D 99 -6.84 5.90 -24.80
CA ASN D 99 -7.34 6.01 -23.44
C ASN D 99 -7.04 7.36 -22.76
N MET D 100 -7.00 8.45 -23.54
CA MET D 100 -6.84 9.78 -22.95
C MET D 100 -8.08 10.16 -22.14
N HIS D 101 -9.24 9.68 -22.58
CA HIS D 101 -10.43 9.63 -21.72
C HIS D 101 -10.47 8.24 -21.07
N GLY D 102 -10.23 8.22 -19.76
CA GLY D 102 -9.98 6.98 -19.06
C GLY D 102 -11.09 5.97 -19.17
N ASP D 103 -12.29 6.47 -19.41
CA ASP D 103 -13.45 5.59 -19.56
C ASP D 103 -13.67 5.07 -20.97
N GLU D 104 -12.80 5.44 -21.90
CA GLU D 104 -12.91 4.99 -23.28
C GLU D 104 -11.76 4.04 -23.52
N THR D 105 -12.03 2.74 -23.39
CA THR D 105 -10.98 1.75 -23.10
C THR D 105 -10.60 0.76 -24.21
N VAL D 106 -11.45 0.61 -25.21
CA VAL D 106 -11.13 -0.31 -26.28
C VAL D 106 -9.74 0.01 -26.87
N GLY D 107 -9.57 1.23 -27.38
CA GLY D 107 -8.30 1.61 -27.97
C GLY D 107 -7.12 1.17 -27.13
N ARG D 108 -7.27 1.27 -25.81
CA ARG D 108 -6.23 0.86 -24.84
C ARG D 108 -5.73 -0.56 -25.07
N GLN D 109 -6.65 -1.51 -25.09
CA GLN D 109 -6.34 -2.93 -25.29
C GLN D 109 -5.89 -3.25 -26.71
N LEU D 110 -6.47 -2.56 -27.68
CA LEU D 110 -6.05 -2.71 -29.07
C LEU D 110 -4.56 -2.42 -29.25
N LEU D 111 -4.05 -1.42 -28.54
CA LEU D 111 -2.63 -1.08 -28.67
C LEU D 111 -1.77 -2.13 -28.00
N VAL D 112 -2.21 -2.58 -26.83
CA VAL D 112 -1.60 -3.70 -26.13
C VAL D 112 -1.53 -4.92 -27.07
N TYR D 113 -2.64 -5.23 -27.73
CA TYR D 113 -2.68 -6.30 -28.71
C TYR D 113 -1.68 -6.05 -29.83
N MET D 114 -1.60 -4.79 -30.26
CA MET D 114 -0.78 -4.42 -31.41
C MET D 114 0.69 -4.66 -31.11
N ALA D 115 1.13 -4.20 -29.95
CA ALA D 115 2.51 -4.41 -29.53
C ALA D 115 2.96 -5.89 -29.64
N GLN D 116 2.28 -6.76 -28.91
CA GLN D 116 2.51 -8.19 -29.03
C GLN D 116 2.45 -8.64 -30.48
N TYR D 117 1.30 -8.45 -31.13
CA TYR D 117 1.08 -8.87 -32.52
C TYR D 117 2.29 -8.60 -33.42
N LEU D 118 2.70 -7.34 -33.46
CA LEU D 118 3.81 -6.91 -34.30
C LEU D 118 5.06 -7.68 -33.96
N LEU D 119 5.46 -7.62 -32.69
CA LEU D 119 6.69 -8.26 -32.27
C LEU D 119 6.69 -9.76 -32.53
N GLY D 120 5.64 -10.45 -32.08
CA GLY D 120 5.54 -11.88 -32.22
C GLY D 120 5.35 -12.35 -33.65
N ASN D 121 4.98 -11.45 -34.55
CA ASN D 121 4.69 -11.84 -35.93
C ASN D 121 5.61 -11.24 -36.99
N HIS D 122 6.31 -10.16 -36.65
CA HIS D 122 7.11 -9.45 -37.63
C HIS D 122 8.13 -10.33 -38.38
N GLU D 123 8.72 -11.32 -37.71
CA GLU D 123 9.69 -12.21 -38.37
C GLU D 123 9.03 -13.34 -39.18
N ARG D 124 7.78 -13.65 -38.86
CA ARG D 124 7.08 -14.73 -39.54
C ARG D 124 6.30 -14.26 -40.76
N ILE D 125 5.63 -13.12 -40.63
CA ILE D 125 4.79 -12.58 -41.71
C ILE D 125 5.48 -11.44 -42.43
N SER D 126 5.73 -11.64 -43.72
CA SER D 126 6.50 -10.71 -44.54
C SER D 126 6.02 -9.27 -44.45
N ASP D 127 4.73 -9.06 -44.68
CA ASP D 127 4.16 -7.72 -44.64
C ASP D 127 4.61 -6.97 -43.40
N LEU D 128 4.37 -7.57 -42.24
CA LEU D 128 4.68 -6.93 -40.97
C LEU D 128 6.17 -6.70 -40.82
N GLY D 129 6.95 -7.70 -41.22
CA GLY D 129 8.40 -7.60 -41.14
C GLY D 129 8.89 -6.41 -41.93
N GLN D 130 8.19 -6.12 -43.01
CA GLN D 130 8.50 -4.95 -43.84
C GLN D 130 7.92 -3.66 -43.23
N LEU D 131 6.73 -3.72 -42.65
CA LEU D 131 6.16 -2.59 -41.93
C LEU D 131 7.13 -2.13 -40.84
N VAL D 132 7.62 -3.08 -40.05
CA VAL D 132 8.54 -2.81 -38.95
C VAL D 132 9.93 -2.34 -39.39
N ASN D 133 10.46 -2.95 -40.44
CA ASN D 133 11.76 -2.57 -40.98
C ASN D 133 11.78 -1.12 -41.44
N SER D 134 10.62 -0.62 -41.87
CA SER D 134 10.55 0.66 -42.57
C SER D 134 9.91 1.75 -41.75
N THR D 135 9.48 1.42 -40.54
CA THR D 135 8.75 2.40 -39.76
C THR D 135 9.13 2.34 -38.29
N ASP D 136 9.27 3.51 -37.71
CA ASP D 136 9.54 3.64 -36.28
C ASP D 136 8.22 3.85 -35.56
N ILE D 137 7.82 2.84 -34.80
CA ILE D 137 6.49 2.81 -34.21
C ILE D 137 6.44 2.90 -32.68
N TYR D 138 5.61 3.82 -32.21
CA TYR D 138 5.46 4.08 -30.78
C TYR D 138 4.00 3.83 -30.34
N LEU D 139 3.81 3.00 -29.34
CA LEU D 139 2.47 2.65 -28.91
C LEU D 139 2.25 3.06 -27.49
N VAL D 140 1.26 3.93 -27.28
CA VAL D 140 0.92 4.43 -25.95
C VAL D 140 -0.49 4.03 -25.57
N PRO D 141 -0.65 2.80 -25.08
CA PRO D 141 -1.96 2.24 -24.70
C PRO D 141 -2.79 3.17 -23.83
N THR D 142 -2.17 3.79 -22.82
CA THR D 142 -2.91 4.78 -22.06
C THR D 142 -2.18 6.09 -21.87
N MET D 143 -2.98 7.14 -21.79
CA MET D 143 -2.51 8.50 -21.61
C MET D 143 -3.23 9.06 -20.37
N ASN D 144 -4.13 8.28 -19.78
CA ASN D 144 -4.78 8.71 -18.57
C ASN D 144 -5.06 7.53 -17.63
N PRO D 145 -4.01 7.05 -16.95
CA PRO D 145 -4.06 5.93 -16.00
C PRO D 145 -4.95 6.25 -14.80
N ASP D 146 -4.91 7.51 -14.36
CA ASP D 146 -5.63 7.90 -13.17
C ASP D 146 -7.11 7.98 -13.49
N GLY D 147 -7.41 8.51 -14.67
CA GLY D 147 -8.76 8.47 -15.19
C GLY D 147 -9.24 7.03 -15.32
N TYR D 148 -8.42 6.18 -15.93
CA TYR D 148 -8.79 4.78 -16.16
C TYR D 148 -9.15 4.07 -14.86
N ALA D 149 -8.24 4.14 -13.89
CA ALA D 149 -8.43 3.53 -12.58
C ALA D 149 -9.78 3.95 -11.93
N LEU D 150 -10.25 5.16 -12.24
CA LEU D 150 -11.49 5.64 -11.64
C LEU D 150 -12.73 5.22 -12.44
N SER D 151 -12.53 4.63 -13.61
CA SER D 151 -13.64 4.22 -14.46
C SER D 151 -14.13 2.80 -14.15
N GLN D 152 -15.31 2.47 -14.63
CA GLN D 152 -15.91 1.17 -14.35
C GLN D 152 -16.17 0.32 -15.58
N GLU D 153 -15.48 -0.82 -15.68
CA GLU D 153 -15.68 -1.73 -16.79
C GLU D 153 -17.18 -1.99 -16.94
N GLY D 154 -17.65 -1.91 -18.18
CA GLY D 154 -19.05 -2.16 -18.45
C GLY D 154 -19.80 -0.93 -18.89
N ASN D 155 -19.39 0.22 -18.37
CA ASN D 155 -20.08 1.48 -18.66
C ASN D 155 -19.93 1.88 -20.11
N CYS D 156 -20.97 1.64 -20.89
CA CYS D 156 -21.02 2.12 -22.26
C CYS D 156 -21.11 3.64 -22.23
N GLU D 157 -21.77 4.17 -21.20
CA GLU D 157 -21.80 5.61 -20.93
C GLU D 157 -20.90 6.01 -19.75
N SER D 158 -20.32 7.21 -19.85
CA SER D 158 -19.42 7.70 -18.83
C SER D 158 -20.13 7.83 -17.49
N LEU D 159 -19.34 7.73 -16.42
CA LEU D 159 -19.86 7.84 -15.07
C LEU D 159 -20.45 9.22 -14.81
N PRO D 160 -21.51 9.26 -13.99
CA PRO D 160 -22.34 10.38 -13.53
C PRO D 160 -21.80 11.80 -13.74
N ASN D 161 -20.62 12.07 -13.22
CA ASN D 161 -20.08 13.42 -13.34
C ASN D 161 -18.97 13.40 -14.36
N TYR D 162 -18.97 12.36 -15.18
CA TYR D 162 -17.94 12.15 -16.18
C TYR D 162 -16.64 11.83 -15.51
N VAL D 163 -16.75 11.41 -14.25
CA VAL D 163 -15.63 10.90 -13.48
C VAL D 163 -15.01 9.72 -14.23
N GLY D 164 -13.68 9.73 -14.34
CA GLY D 164 -12.95 8.71 -15.07
C GLY D 164 -12.59 9.18 -16.46
N ARG D 165 -13.42 10.08 -17.00
CA ARG D 165 -13.13 10.69 -18.30
C ARG D 165 -11.93 11.64 -18.22
N GLY D 166 -12.02 12.61 -17.30
CA GLY D 166 -10.93 13.53 -17.04
C GLY D 166 -9.87 12.88 -16.16
N ASN D 167 -8.75 13.57 -15.95
CA ASN D 167 -7.71 13.01 -15.10
C ASN D 167 -8.12 13.05 -13.62
N ALA D 168 -7.15 13.02 -12.71
CA ALA D 168 -7.47 12.93 -11.28
C ALA D 168 -7.97 14.25 -10.70
N ALA D 169 -7.69 15.35 -11.41
CA ALA D 169 -8.20 16.67 -11.04
C ALA D 169 -9.50 16.94 -11.77
N ASN D 170 -10.00 15.93 -12.46
CA ASN D 170 -11.27 16.02 -13.18
C ASN D 170 -11.28 17.02 -14.34
N ILE D 171 -10.12 17.27 -14.95
CA ILE D 171 -10.14 18.11 -16.15
C ILE D 171 -9.95 17.24 -17.40
N ASP D 172 -10.64 17.63 -18.46
CA ASP D 172 -10.67 16.86 -19.69
C ASP D 172 -9.44 17.12 -20.54
N LEU D 173 -8.54 16.15 -20.55
CA LEU D 173 -7.25 16.29 -21.20
C LEU D 173 -7.36 16.65 -22.70
N ASN D 174 -8.51 16.35 -23.31
CA ASN D 174 -8.70 16.73 -24.71
C ASN D 174 -9.17 18.17 -24.84
N ARG D 175 -9.05 18.92 -23.75
CA ARG D 175 -9.28 20.36 -23.76
C ARG D 175 -8.07 21.12 -23.23
N ASP D 176 -7.02 20.40 -22.86
CA ASP D 176 -5.92 20.96 -22.08
C ASP D 176 -4.69 21.29 -22.92
N PHE D 177 -4.69 20.90 -24.20
CA PHE D 177 -3.54 21.18 -25.05
C PHE D 177 -3.54 22.62 -25.57
N PRO D 178 -2.36 23.19 -25.85
CA PRO D 178 -2.32 24.53 -26.46
C PRO D 178 -3.14 24.60 -27.76
N ASP D 179 -3.87 25.70 -27.91
CA ASP D 179 -4.75 25.88 -29.05
C ASP D 179 -4.05 26.78 -30.04
N ARG D 180 -4.15 26.42 -31.32
CA ARG D 180 -3.57 27.21 -32.38
C ARG D 180 -4.20 28.61 -32.38
N LEU D 181 -5.47 28.67 -32.04
CA LEU D 181 -6.17 29.95 -32.01
C LEU D 181 -5.92 30.69 -30.70
N ALA D 191 5.04 23.06 -19.94
CA ALA D 191 3.93 22.98 -18.99
C ALA D 191 3.35 24.34 -18.71
N GLN D 192 2.52 24.40 -17.67
CA GLN D 192 1.82 25.59 -17.24
C GLN D 192 0.90 25.09 -16.13
N SER D 193 -0.30 25.65 -16.05
CA SER D 193 -1.34 24.98 -15.27
C SER D 193 -1.98 23.96 -16.20
N ARG D 194 -1.17 23.36 -17.06
CA ARG D 194 -1.60 22.18 -17.84
C ARG D 194 -1.32 20.91 -17.05
N GLN D 195 -2.12 19.89 -17.28
CA GLN D 195 -2.02 18.66 -16.53
C GLN D 195 -0.72 17.93 -16.83
N PRO D 196 -0.23 17.18 -15.82
CA PRO D 196 1.00 16.39 -15.91
C PRO D 196 1.00 15.52 -17.16
N GLU D 197 -0.17 15.02 -17.52
CA GLU D 197 -0.27 14.10 -18.63
C GLU D 197 -0.17 14.87 -19.93
N THR D 198 -0.80 16.04 -19.95
CA THR D 198 -0.74 16.92 -21.12
C THR D 198 0.70 17.40 -21.34
N ALA D 199 1.31 17.89 -20.28
CA ALA D 199 2.66 18.39 -20.34
C ALA D 199 3.61 17.31 -20.85
N ALA D 200 3.42 16.08 -20.36
CA ALA D 200 4.27 14.95 -20.76
C ALA D 200 4.18 14.74 -22.27
N LEU D 201 2.95 14.68 -22.77
CA LEU D 201 2.75 14.46 -24.17
C LEU D 201 3.21 15.61 -25.06
N VAL D 202 2.84 16.85 -24.73
CA VAL D 202 3.30 18.00 -25.49
C VAL D 202 4.82 17.88 -25.73
N ASN D 203 5.58 17.80 -24.64
CA ASN D 203 7.02 17.60 -24.71
C ASN D 203 7.43 16.55 -25.72
N TRP D 204 6.84 15.38 -25.57
CA TRP D 204 7.16 14.24 -26.42
C TRP D 204 6.89 14.60 -27.88
N ILE D 205 5.67 15.10 -28.15
CA ILE D 205 5.24 15.31 -29.52
C ILE D 205 6.20 16.22 -30.28
N VAL D 206 6.75 17.22 -29.57
CA VAL D 206 7.66 18.20 -30.18
C VAL D 206 9.09 17.71 -30.07
N SER D 207 9.28 16.56 -29.43
CA SER D 207 10.62 16.04 -29.17
C SER D 207 11.15 15.23 -30.34
N LYS D 208 10.27 14.79 -31.22
CA LYS D 208 10.66 14.00 -32.37
C LYS D 208 9.81 14.39 -33.55
N PRO D 209 10.35 14.24 -34.76
CA PRO D 209 9.71 14.61 -36.01
C PRO D 209 8.63 13.61 -36.44
N PHE D 210 7.69 13.31 -35.55
CA PHE D 210 6.62 12.39 -35.88
C PHE D 210 5.91 12.77 -37.19
N VAL D 211 5.70 11.74 -38.01
CA VAL D 211 5.14 11.89 -39.34
C VAL D 211 3.62 11.74 -39.32
N LEU D 212 3.17 10.66 -38.69
CA LEU D 212 1.75 10.31 -38.68
C LEU D 212 1.35 9.83 -37.30
N SER D 213 0.08 10.02 -36.95
CA SER D 213 -0.37 9.73 -35.59
C SER D 213 -1.88 9.49 -35.56
N ALA D 214 -2.33 8.80 -34.51
CA ALA D 214 -3.77 8.63 -34.26
C ALA D 214 -4.01 8.43 -32.77
N ASN D 215 -5.09 9.02 -32.25
CA ASN D 215 -5.49 8.70 -30.88
C ASN D 215 -6.91 8.23 -30.82
N PHE D 216 -7.16 7.29 -29.93
CA PHE D 216 -8.38 6.51 -29.98
C PHE D 216 -9.31 6.87 -28.84
N HIS D 217 -10.60 6.92 -29.17
CA HIS D 217 -11.63 7.31 -28.23
C HIS D 217 -12.78 6.33 -28.31
N GLY D 218 -13.79 6.55 -27.48
CA GLY D 218 -14.96 5.71 -27.43
C GLY D 218 -16.21 6.56 -27.33
N GLY D 219 -17.35 5.97 -27.65
CA GLY D 219 -18.61 6.67 -27.60
C GLY D 219 -19.30 6.68 -28.94
N ALA D 220 -18.55 6.35 -29.98
CA ALA D 220 -19.08 6.40 -31.34
C ALA D 220 -18.10 5.69 -32.27
N VAL D 221 -18.49 5.49 -33.52
CA VAL D 221 -17.65 4.75 -34.44
C VAL D 221 -17.42 5.54 -35.72
N VAL D 222 -16.26 6.21 -35.80
CA VAL D 222 -15.97 7.14 -36.89
C VAL D 222 -14.49 7.60 -36.94
N ALA D 223 -14.03 7.96 -38.13
CA ALA D 223 -12.68 8.50 -38.31
C ALA D 223 -12.70 10.02 -38.43
N SER D 224 -12.20 10.70 -37.39
CA SER D 224 -12.25 12.18 -37.29
C SER D 224 -10.87 12.83 -37.51
N TYR D 225 -10.86 13.94 -38.22
CA TYR D 225 -9.63 14.63 -38.60
C TYR D 225 -9.78 16.15 -38.44
N PRO D 226 -8.64 16.86 -38.35
CA PRO D 226 -8.58 18.32 -38.15
C PRO D 226 -9.36 19.15 -39.19
N TYR D 227 -9.80 20.34 -38.82
CA TYR D 227 -9.60 20.89 -37.48
C TYR D 227 -10.81 20.55 -36.62
N ASP D 228 -10.63 20.67 -35.31
CA ASP D 228 -11.70 20.44 -34.34
C ASP D 228 -12.40 21.75 -33.96
N ASN D 229 -11.81 22.89 -34.34
CA ASN D 229 -12.46 24.16 -34.09
C ASN D 229 -12.18 25.17 -35.18
N SER D 230 -12.63 26.41 -34.96
CA SER D 230 -12.46 27.47 -35.95
C SER D 230 -12.59 28.85 -35.32
N LEU D 231 -12.26 29.90 -36.07
CA LEU D 231 -12.38 31.25 -35.55
C LEU D 231 -13.86 31.62 -35.36
N ALA D 232 -14.72 31.05 -36.20
CA ALA D 232 -16.14 31.29 -36.08
C ALA D 232 -16.70 30.68 -34.79
N HIS D 233 -15.98 29.73 -34.21
CA HIS D 233 -16.42 29.01 -33.01
C HIS D 233 -17.88 28.52 -33.09
N ASN D 234 -18.18 27.75 -34.12
CA ASN D 234 -19.52 27.21 -34.31
C ASN D 234 -19.71 25.95 -33.47
N GLU D 235 -20.91 25.78 -32.93
CA GLU D 235 -21.22 24.62 -32.10
C GLU D 235 -20.95 23.34 -32.88
N CYS D 236 -21.43 23.29 -34.12
CA CYS D 236 -21.33 22.07 -34.90
C CYS D 236 -21.64 22.27 -36.38
N CYS D 237 -21.65 21.15 -37.10
CA CYS D 237 -22.23 21.04 -38.44
C CYS D 237 -21.62 21.96 -39.47
N GLU D 238 -20.41 22.44 -39.18
CA GLU D 238 -19.69 23.32 -40.10
C GLU D 238 -18.21 22.94 -40.22
N GLU D 239 -17.81 22.48 -41.39
CA GLU D 239 -16.42 22.07 -41.65
C GLU D 239 -15.36 23.15 -41.37
N SER D 240 -14.42 22.85 -40.47
CA SER D 240 -13.26 23.71 -40.30
C SER D 240 -12.03 22.99 -40.87
N LEU D 241 -11.88 23.05 -42.19
CA LEU D 241 -10.93 22.18 -42.88
C LEU D 241 -9.47 22.64 -42.80
N THR D 242 -8.58 21.67 -43.04
CA THR D 242 -7.14 21.88 -42.92
C THR D 242 -6.53 22.05 -44.31
N PRO D 243 -5.37 22.75 -44.40
CA PRO D 243 -4.71 22.89 -45.71
C PRO D 243 -4.42 21.52 -46.32
N ASP D 244 -4.21 20.54 -45.47
CA ASP D 244 -3.97 19.16 -45.92
C ASP D 244 -5.24 18.29 -45.85
N ASP D 245 -6.40 18.86 -46.18
CA ASP D 245 -7.65 18.09 -46.10
C ASP D 245 -7.69 16.86 -46.98
N ARG D 246 -7.14 16.95 -48.17
CA ARG D 246 -7.07 15.78 -49.04
C ARG D 246 -6.45 14.61 -48.30
N VAL D 247 -5.21 14.79 -47.85
CA VAL D 247 -4.50 13.73 -47.19
C VAL D 247 -5.21 13.28 -45.93
N PHE D 248 -5.74 14.22 -45.15
CA PHE D 248 -6.46 13.82 -43.94
C PHE D 248 -7.66 12.95 -44.28
N LYS D 249 -8.36 13.31 -45.35
CA LYS D 249 -9.49 12.53 -45.81
C LYS D 249 -9.05 11.12 -46.24
N GLN D 250 -7.93 11.03 -46.96
CA GLN D 250 -7.40 9.72 -47.31
C GLN D 250 -7.08 8.88 -46.07
N LEU D 251 -6.43 9.49 -45.08
CA LEU D 251 -6.10 8.78 -43.83
C LEU D 251 -7.34 8.24 -43.13
N ALA D 252 -8.29 9.13 -42.85
CA ALA D 252 -9.53 8.76 -42.21
C ALA D 252 -10.23 7.64 -42.99
N HIS D 253 -10.25 7.76 -44.30
CA HIS D 253 -10.86 6.72 -45.13
C HIS D 253 -10.10 5.42 -45.03
N THR D 254 -8.77 5.52 -44.95
CA THR D 254 -7.97 4.32 -44.93
C THR D 254 -8.40 3.46 -43.74
N TYR D 255 -8.70 4.12 -42.64
CA TYR D 255 -9.10 3.39 -41.45
C TYR D 255 -10.53 2.90 -41.57
N SER D 256 -11.44 3.81 -41.91
CA SER D 256 -12.85 3.50 -41.96
C SER D 256 -13.16 2.45 -43.04
N ASP D 257 -12.65 2.67 -44.25
CA ASP D 257 -12.81 1.73 -45.37
C ASP D 257 -12.38 0.31 -44.97
N ASN D 258 -11.38 0.22 -44.10
CA ASN D 258 -10.88 -1.07 -43.67
C ASN D 258 -11.59 -1.62 -42.43
N HIS D 259 -12.62 -0.90 -42.00
CA HIS D 259 -13.35 -1.24 -40.78
C HIS D 259 -14.82 -1.55 -41.10
N PRO D 260 -15.17 -2.84 -41.07
CA PRO D 260 -16.44 -3.40 -41.56
C PRO D 260 -17.67 -2.68 -41.06
N ILE D 261 -17.55 -2.02 -39.91
CA ILE D 261 -18.70 -1.39 -39.27
C ILE D 261 -18.63 0.12 -39.42
N MET D 262 -17.45 0.68 -39.18
CA MET D 262 -17.23 2.12 -39.34
C MET D 262 -17.59 2.58 -40.75
N ARG D 263 -17.15 1.79 -41.73
CA ARG D 263 -17.39 2.01 -43.16
C ARG D 263 -18.84 2.32 -43.49
N LYS D 264 -19.76 1.98 -42.58
CA LYS D 264 -21.18 2.09 -42.84
C LYS D 264 -21.71 3.51 -42.65
N GLY D 265 -21.34 4.13 -41.53
CA GLY D 265 -21.67 5.53 -41.31
C GLY D 265 -22.91 5.78 -40.50
N ASN D 266 -23.58 4.73 -40.05
CA ASN D 266 -24.82 4.90 -39.30
C ASN D 266 -24.81 4.23 -37.92
N ASN D 267 -23.69 4.35 -37.22
CA ASN D 267 -23.52 3.67 -35.93
C ASN D 267 -23.88 4.58 -34.76
N CYS D 268 -24.16 3.97 -33.61
CA CYS D 268 -24.51 4.67 -32.37
C CYS D 268 -25.47 5.86 -32.56
N ASN D 269 -26.45 5.71 -33.45
CA ASN D 269 -27.39 6.80 -33.74
C ASN D 269 -26.74 7.97 -34.51
N ASP D 270 -25.47 7.80 -34.89
CA ASP D 270 -24.75 8.84 -35.63
C ASP D 270 -24.88 8.64 -37.14
N SER D 271 -24.80 9.74 -37.90
CA SER D 271 -24.74 9.66 -39.35
C SER D 271 -23.46 10.31 -39.91
N PHE D 272 -22.47 9.47 -40.24
CA PHE D 272 -21.18 9.93 -40.75
C PHE D 272 -20.87 9.32 -42.11
N SER D 273 -21.07 10.09 -43.18
CA SER D 273 -20.82 9.63 -44.54
C SER D 273 -19.43 8.99 -44.69
N GLY D 274 -19.40 7.74 -45.17
CA GLY D 274 -18.16 7.01 -45.34
C GLY D 274 -17.51 6.62 -44.02
N GLY D 275 -18.19 6.94 -42.92
CA GLY D 275 -17.70 6.59 -41.59
C GLY D 275 -16.62 7.52 -41.11
N ILE D 276 -16.49 8.68 -41.78
CA ILE D 276 -15.52 9.68 -41.35
C ILE D 276 -16.19 11.04 -41.18
N THR D 277 -15.46 11.99 -40.61
CA THR D 277 -16.03 13.30 -40.33
C THR D 277 -14.92 14.26 -39.94
N ASN D 278 -15.20 15.55 -40.13
CA ASN D 278 -14.34 16.62 -39.67
C ASN D 278 -14.69 16.90 -38.20
N GLY D 279 -13.66 17.04 -37.35
CA GLY D 279 -13.90 17.33 -35.95
C GLY D 279 -14.96 18.39 -35.76
N ALA D 280 -14.72 19.59 -36.29
CA ALA D 280 -15.61 20.74 -36.07
C ALA D 280 -17.00 20.45 -36.59
N HIS D 281 -17.09 19.94 -37.80
CA HIS D 281 -18.38 19.63 -38.37
C HIS D 281 -19.18 18.76 -37.42
N TRP D 282 -18.57 17.74 -36.85
CA TRP D 282 -19.25 16.98 -35.80
C TRP D 282 -19.69 17.96 -34.73
N TYR D 283 -18.72 18.41 -33.91
CA TYR D 283 -18.93 19.53 -33.00
C TYR D 283 -17.56 20.12 -32.67
N GLU D 284 -17.51 21.42 -32.42
CA GLU D 284 -16.23 22.07 -32.16
C GLU D 284 -15.75 21.89 -30.71
N LEU D 285 -14.43 21.74 -30.55
CA LEU D 285 -13.83 21.69 -29.23
C LEU D 285 -12.46 22.31 -29.31
N SER D 286 -11.98 22.83 -28.18
CA SER D 286 -10.69 23.50 -28.17
C SER D 286 -9.75 22.88 -27.15
N GLY D 287 -8.45 22.95 -27.42
CA GLY D 287 -7.46 22.36 -26.54
C GLY D 287 -7.19 20.89 -26.81
N GLY D 288 -7.67 20.38 -27.94
CA GLY D 288 -7.49 18.98 -28.29
C GLY D 288 -6.06 18.63 -28.68
N MET D 289 -5.70 17.37 -28.52
CA MET D 289 -4.37 16.88 -28.85
C MET D 289 -4.23 16.81 -30.37
N GLN D 290 -5.31 16.42 -31.03
CA GLN D 290 -5.26 16.22 -32.48
C GLN D 290 -4.71 17.45 -33.18
N ASP D 291 -5.43 18.56 -33.04
CA ASP D 291 -5.05 19.78 -33.75
C ASP D 291 -3.72 20.30 -33.24
N PHE D 292 -3.32 19.85 -32.05
CA PHE D 292 -2.06 20.32 -31.47
C PHE D 292 -0.90 19.78 -32.28
N ASN D 293 -0.95 18.49 -32.59
CA ASN D 293 0.03 17.87 -33.46
C ASN D 293 0.21 18.62 -34.78
N TYR D 294 -0.88 18.92 -35.44
CA TYR D 294 -0.81 19.52 -36.78
C TYR D 294 -0.32 20.95 -36.74
N ALA D 295 -0.75 21.69 -35.73
CA ALA D 295 -0.47 23.12 -35.63
C ALA D 295 0.90 23.46 -35.00
N PHE D 296 1.48 22.52 -34.29
CA PHE D 296 2.72 22.82 -33.56
C PHE D 296 3.85 21.86 -33.90
N SER D 297 3.59 20.97 -34.87
CA SER D 297 4.60 20.05 -35.38
C SER D 297 4.32 19.62 -36.83
N ASN D 298 5.04 18.61 -37.30
CA ASN D 298 4.81 18.05 -38.62
C ASN D 298 3.70 17.00 -38.62
N CYS D 299 3.34 16.58 -37.42
CA CYS D 299 2.54 15.39 -37.27
C CYS D 299 1.11 15.54 -37.77
N PHE D 300 0.62 14.51 -38.47
CA PHE D 300 -0.78 14.42 -38.89
C PHE D 300 -1.55 13.40 -38.04
N GLU D 301 -2.21 13.89 -37.00
CA GLU D 301 -2.96 13.02 -36.12
C GLU D 301 -4.44 12.98 -36.49
N LEU D 302 -4.97 11.77 -36.62
CA LEU D 302 -6.42 11.57 -36.69
C LEU D 302 -6.94 11.27 -35.30
N THR D 303 -8.24 11.52 -35.09
CA THR D 303 -8.93 11.07 -33.88
C THR D 303 -9.81 9.89 -34.28
N ILE D 304 -9.71 8.78 -33.56
CA ILE D 304 -10.45 7.57 -33.94
C ILE D 304 -11.37 7.00 -32.85
N GLU D 305 -12.65 6.99 -33.15
CA GLU D 305 -13.64 6.48 -32.23
C GLU D 305 -13.86 5.00 -32.54
N LEU D 306 -13.70 4.13 -31.55
CA LEU D 306 -13.71 2.68 -31.82
C LEU D 306 -15.02 1.93 -31.56
N SER D 307 -15.72 2.32 -30.50
CA SER D 307 -16.95 1.63 -30.10
C SER D 307 -18.07 2.57 -29.65
N CYS D 308 -19.30 2.09 -29.75
CA CYS D 308 -20.45 2.83 -29.21
C CYS D 308 -20.39 2.83 -27.69
N CYS D 309 -20.00 1.68 -27.15
CA CYS D 309 -19.84 1.51 -25.71
C CYS D 309 -18.44 1.94 -25.32
N LYS D 310 -18.35 2.98 -24.49
CA LYS D 310 -17.06 3.56 -24.12
C LYS D 310 -16.18 2.54 -23.43
N TYR D 311 -16.77 1.78 -22.52
CA TYR D 311 -16.06 0.76 -21.73
C TYR D 311 -16.80 -0.57 -21.82
N PRO D 312 -16.56 -1.33 -22.89
CA PRO D 312 -17.19 -2.64 -23.05
C PRO D 312 -16.51 -3.71 -22.20
N ALA D 313 -17.07 -4.91 -22.22
CA ALA D 313 -16.54 -6.02 -21.46
C ALA D 313 -15.47 -6.72 -22.26
N ALA D 314 -14.54 -7.36 -21.55
CA ALA D 314 -13.43 -8.09 -22.15
C ALA D 314 -13.82 -8.95 -23.35
N SER D 315 -14.85 -9.78 -23.18
CA SER D 315 -15.25 -10.76 -24.20
C SER D 315 -15.44 -10.10 -25.55
N THR D 316 -15.65 -8.80 -25.51
CA THR D 316 -15.83 -7.99 -26.69
C THR D 316 -14.49 -7.78 -27.39
N LEU D 317 -13.43 -7.75 -26.60
CA LEU D 317 -12.10 -7.38 -27.07
C LEU D 317 -11.60 -8.16 -28.28
N PRO D 318 -11.72 -9.49 -28.25
CA PRO D 318 -11.26 -10.26 -29.42
C PRO D 318 -11.93 -9.84 -30.76
N GLN D 319 -13.25 -9.70 -30.80
CA GLN D 319 -13.91 -9.15 -31.98
C GLN D 319 -13.29 -7.81 -32.38
N GLU D 320 -13.26 -6.88 -31.43
CA GLU D 320 -12.75 -5.55 -31.71
C GLU D 320 -11.40 -5.65 -32.42
N TRP D 321 -10.56 -6.57 -31.94
CA TRP D 321 -9.25 -6.77 -32.55
C TRP D 321 -9.33 -7.15 -34.03
N GLN D 322 -10.26 -8.04 -34.38
CA GLN D 322 -10.34 -8.52 -35.75
C GLN D 322 -10.84 -7.44 -36.71
N ARG D 323 -11.63 -6.52 -36.17
CA ARG D 323 -12.16 -5.42 -36.97
C ARG D 323 -11.14 -4.31 -37.24
N ASN D 324 -10.42 -3.92 -36.19
CA ASN D 324 -9.49 -2.81 -36.30
C ASN D 324 -8.11 -3.22 -36.84
N LYS D 325 -7.84 -4.51 -36.81
CA LYS D 325 -6.54 -5.07 -37.23
C LYS D 325 -6.08 -4.47 -38.53
N ALA D 326 -6.86 -4.67 -39.58
CA ALA D 326 -6.49 -4.18 -40.90
C ALA D 326 -6.35 -2.66 -40.93
N SER D 327 -7.24 -1.97 -40.21
CA SER D 327 -7.32 -0.50 -40.23
C SER D 327 -6.10 0.11 -39.56
N LEU D 328 -5.66 -0.50 -38.47
CA LEU D 328 -4.48 -0.08 -37.74
C LEU D 328 -3.18 -0.31 -38.52
N LEU D 329 -3.12 -1.38 -39.29
CA LEU D 329 -1.94 -1.68 -40.10
C LEU D 329 -1.90 -0.77 -41.31
N GLN D 330 -3.05 -0.65 -41.98
CA GLN D 330 -3.14 0.12 -43.22
C GLN D 330 -2.97 1.63 -43.00
N LEU D 331 -3.47 2.12 -41.87
CA LEU D 331 -3.24 3.50 -41.51
C LEU D 331 -1.75 3.74 -41.32
N LEU D 332 -1.11 2.84 -40.58
CA LEU D 332 0.34 2.89 -40.38
C LEU D 332 1.10 3.00 -41.69
N ARG D 333 0.70 2.17 -42.66
CA ARG D 333 1.35 2.16 -43.96
C ARG D 333 1.12 3.45 -44.76
N GLN D 334 0.16 4.25 -44.31
CA GLN D 334 -0.05 5.59 -44.88
C GLN D 334 1.09 6.55 -44.52
N ALA D 335 1.91 6.18 -43.54
CA ALA D 335 3.05 7.01 -43.16
C ALA D 335 4.14 6.93 -44.22
N HIS D 336 3.81 6.32 -45.35
CA HIS D 336 4.78 6.14 -46.41
C HIS D 336 4.38 6.84 -47.73
N ILE D 337 3.20 7.47 -47.72
CA ILE D 337 2.71 8.14 -48.91
C ILE D 337 3.45 9.45 -49.12
N GLY D 338 3.30 10.02 -50.31
CA GLY D 338 3.90 11.29 -50.62
C GLY D 338 5.36 11.13 -50.96
N ILE D 339 6.18 11.97 -50.36
CA ILE D 339 7.59 11.94 -50.67
C ILE D 339 8.40 12.05 -49.40
N LYS D 340 9.71 11.87 -49.53
CA LYS D 340 10.61 12.15 -48.43
C LYS D 340 11.99 12.40 -49.02
N GLY D 341 12.87 13.01 -48.24
CA GLY D 341 14.20 13.31 -48.72
C GLY D 341 15.06 14.13 -47.80
N LEU D 342 16.09 14.74 -48.36
CA LEU D 342 17.03 15.52 -47.57
C LEU D 342 17.17 16.94 -48.08
N VAL D 343 17.32 17.88 -47.15
CA VAL D 343 17.78 19.21 -47.49
C VAL D 343 19.19 19.28 -46.95
N THR D 344 20.14 19.48 -47.85
CA THR D 344 21.53 19.26 -47.50
C THR D 344 22.43 20.42 -47.93
N ASP D 345 23.63 20.45 -47.34
CA ASP D 345 24.70 21.40 -47.67
C ASP D 345 25.09 21.19 -49.11
N ALA D 346 25.86 22.15 -49.63
CA ALA D 346 26.63 21.88 -50.83
C ALA D 346 27.56 20.79 -50.36
N SER D 347 28.06 20.92 -49.12
CA SER D 347 28.92 19.93 -48.49
C SER D 347 28.29 18.52 -48.58
N GLY D 348 26.98 18.48 -48.82
CA GLY D 348 26.23 17.25 -48.65
C GLY D 348 25.89 17.07 -47.17
N PHE D 349 25.98 18.15 -46.39
CA PHE D 349 25.72 18.09 -44.96
C PHE D 349 24.35 18.67 -44.57
N PRO D 350 23.55 17.88 -43.85
CA PRO D 350 22.14 18.15 -43.58
C PRO D 350 21.89 19.53 -42.99
N ILE D 351 20.80 20.14 -43.43
CA ILE D 351 20.31 21.39 -42.84
C ILE D 351 19.09 21.12 -41.97
N ALA D 352 19.20 21.51 -40.71
CA ALA D 352 18.13 21.27 -39.74
C ALA D 352 17.15 22.41 -39.76
N ASP D 353 15.87 22.12 -39.54
CA ASP D 353 14.86 23.16 -39.45
C ASP D 353 14.69 23.93 -40.76
N ALA D 354 15.14 23.35 -41.87
CA ALA D 354 14.81 23.91 -43.17
C ALA D 354 13.31 23.76 -43.42
N ASN D 355 12.78 24.53 -44.36
CA ASN D 355 11.36 24.40 -44.72
C ASN D 355 11.15 23.83 -46.13
N VAL D 356 10.30 22.82 -46.21
CA VAL D 356 9.95 22.22 -47.50
C VAL D 356 8.49 22.53 -47.88
N TYR D 357 8.32 23.29 -48.96
CA TYR D 357 6.99 23.73 -49.37
C TYR D 357 6.44 23.00 -50.60
N VAL D 358 5.13 22.78 -50.63
CA VAL D 358 4.43 22.26 -51.81
C VAL D 358 3.42 23.29 -52.33
N ALA D 359 3.51 23.62 -53.62
CA ALA D 359 2.60 24.60 -54.22
C ALA D 359 1.16 24.29 -53.88
N GLY D 360 0.49 25.23 -53.25
CA GLY D 360 -0.91 25.05 -52.91
C GLY D 360 -1.06 24.47 -51.53
N LEU D 361 0.07 24.19 -50.90
CA LEU D 361 0.11 23.65 -49.54
C LEU D 361 1.16 24.39 -48.73
N GLU D 362 1.51 25.59 -49.18
CA GLU D 362 2.59 26.36 -48.58
C GLU D 362 2.25 26.88 -47.19
N GLU D 363 1.00 26.75 -46.78
CA GLU D 363 0.65 27.16 -45.43
C GLU D 363 1.09 26.12 -44.41
N LYS D 364 1.39 24.92 -44.90
CA LYS D 364 1.86 23.84 -44.03
C LYS D 364 3.15 23.24 -44.58
N PRO D 365 4.26 23.94 -44.35
CA PRO D 365 5.61 23.49 -44.70
C PRO D 365 6.05 22.38 -43.74
N MET D 366 7.00 21.56 -44.16
CA MET D 366 7.62 20.60 -43.26
C MET D 366 8.96 21.16 -42.77
N ARG D 367 9.20 21.00 -41.47
CA ARG D 367 10.45 21.42 -40.88
C ARG D 367 11.37 20.21 -40.72
N THR D 368 12.50 20.23 -41.39
CA THR D 368 13.38 19.08 -41.41
C THR D 368 13.97 18.81 -40.04
N SER D 369 14.28 17.54 -39.81
CA SER D 369 14.91 17.10 -38.59
C SER D 369 16.38 17.54 -38.53
N LYS D 370 17.04 17.19 -37.42
CA LYS D 370 18.45 17.49 -37.21
C LYS D 370 19.34 16.91 -38.33
N ARG D 371 18.89 15.83 -38.95
CA ARG D 371 19.64 15.25 -40.05
C ARG D 371 19.07 15.76 -41.38
N GLY D 372 18.30 16.83 -41.32
CA GLY D 372 17.76 17.44 -42.53
C GLY D 372 16.78 16.57 -43.30
N GLU D 373 16.08 15.68 -42.59
CA GLU D 373 15.10 14.83 -43.24
C GLU D 373 13.71 15.43 -43.16
N TYR D 374 12.88 15.08 -44.14
CA TYR D 374 11.49 15.51 -44.18
C TYR D 374 10.67 14.42 -44.84
N TRP D 375 9.43 14.29 -44.40
CA TRP D 375 8.47 13.46 -45.09
C TRP D 375 7.27 14.37 -45.38
N ARG D 376 6.85 14.40 -46.64
CA ARG D 376 5.63 15.10 -46.98
C ARG D 376 4.56 14.11 -47.47
N LEU D 377 3.61 13.83 -46.59
CA LEU D 377 2.46 13.05 -46.97
C LEU D 377 1.67 13.74 -48.10
N LEU D 378 1.44 13.00 -49.18
CA LEU D 378 0.75 13.57 -50.35
C LEU D 378 -0.27 12.63 -50.99
N THR D 379 -1.39 13.21 -51.41
CA THR D 379 -2.36 12.51 -52.22
C THR D 379 -1.80 12.27 -53.62
N PRO D 380 -2.17 11.16 -54.27
CA PRO D 380 -1.71 11.00 -55.65
C PRO D 380 -1.93 12.29 -56.47
N GLY D 381 -1.06 12.55 -57.44
CA GLY D 381 -1.11 13.77 -58.24
C GLY D 381 0.29 14.30 -58.49
N LEU D 382 0.40 15.46 -59.13
CA LEU D 382 1.71 16.01 -59.39
C LEU D 382 1.94 17.37 -58.70
N TYR D 383 3.16 17.56 -58.20
CA TYR D 383 3.46 18.70 -57.35
C TYR D 383 4.77 19.39 -57.69
N SER D 384 4.83 20.68 -57.38
CA SER D 384 6.06 21.45 -57.45
C SER D 384 6.55 21.71 -56.03
N VAL D 385 7.54 20.93 -55.62
CA VAL D 385 8.11 21.06 -54.29
C VAL D 385 9.38 21.92 -54.30
N HIS D 386 9.56 22.74 -53.27
CA HIS D 386 10.82 23.48 -53.04
C HIS D 386 11.17 23.64 -51.57
N ALA D 387 12.43 23.93 -51.31
CA ALA D 387 12.90 24.02 -49.95
C ALA D 387 13.60 25.34 -49.73
N SER D 388 13.55 25.81 -48.50
CA SER D 388 14.19 27.05 -48.14
C SER D 388 14.66 26.98 -46.69
N ALA D 389 15.61 27.85 -46.34
CA ALA D 389 16.15 27.92 -45.00
C ALA D 389 16.90 29.24 -44.78
N PHE D 390 16.84 29.76 -43.56
CA PHE D 390 17.49 31.03 -43.24
C PHE D 390 19.00 30.94 -43.49
N GLY D 391 19.54 31.91 -44.24
CA GLY D 391 20.95 31.90 -44.57
C GLY D 391 21.25 31.10 -45.84
N TYR D 392 20.20 30.62 -46.48
CA TYR D 392 20.33 29.87 -47.72
C TYR D 392 19.39 30.39 -48.78
N GLN D 393 19.87 30.40 -50.01
CA GLN D 393 19.05 30.75 -51.15
C GLN D 393 18.02 29.65 -51.37
N THR D 394 16.76 30.04 -51.50
CA THR D 394 15.65 29.09 -51.65
C THR D 394 15.76 28.32 -52.96
N SER D 395 15.87 27.00 -52.84
CA SER D 395 16.13 26.12 -53.98
C SER D 395 15.16 26.38 -55.13
N ALA D 396 15.57 25.94 -56.32
CA ALA D 396 14.66 25.92 -57.45
C ALA D 396 13.60 24.87 -57.16
N PRO D 397 12.44 24.97 -57.83
CA PRO D 397 11.34 24.01 -57.66
C PRO D 397 11.58 22.70 -58.40
N GLN D 398 11.24 21.58 -57.79
CA GLN D 398 11.20 20.30 -58.49
C GLN D 398 9.76 19.79 -58.63
N GLN D 399 9.44 19.30 -59.82
CA GLN D 399 8.14 18.74 -60.10
C GLN D 399 8.21 17.22 -59.90
N VAL D 400 7.20 16.66 -59.23
CA VAL D 400 7.18 15.22 -58.97
C VAL D 400 5.78 14.62 -59.15
N ARG D 401 5.72 13.47 -59.79
CA ARG D 401 4.45 12.75 -59.92
C ARG D 401 4.28 11.76 -58.78
N VAL D 402 3.42 12.09 -57.82
CA VAL D 402 3.14 11.19 -56.68
C VAL D 402 2.11 10.14 -57.04
N THR D 403 2.62 8.95 -57.34
CA THR D 403 1.80 7.76 -57.37
C THR D 403 2.16 7.05 -56.08
N ASN D 404 1.20 6.45 -55.42
CA ASN D 404 1.56 5.73 -54.22
C ASN D 404 1.56 4.24 -54.48
N ASP D 405 2.39 3.83 -55.43
CA ASP D 405 2.61 2.41 -55.75
C ASP D 405 3.72 1.81 -54.91
N ASN D 406 4.92 2.37 -55.02
CA ASN D 406 6.04 1.86 -54.26
C ASN D 406 5.76 1.87 -52.76
N GLN D 407 6.22 0.82 -52.09
CA GLN D 407 6.05 0.66 -50.65
C GLN D 407 6.53 1.85 -49.85
N GLU D 408 7.42 2.66 -50.41
CA GLU D 408 7.93 3.81 -49.68
C GLU D 408 7.88 5.11 -50.46
N ALA D 409 7.70 6.21 -49.73
CA ALA D 409 7.60 7.53 -50.31
C ALA D 409 8.72 7.82 -51.32
N LEU D 410 8.37 8.51 -52.40
CA LEU D 410 9.33 8.91 -53.42
C LEU D 410 10.43 9.78 -52.84
N ARG D 411 11.66 9.35 -52.98
CA ARG D 411 12.78 10.16 -52.52
C ARG D 411 12.92 11.41 -53.38
N LEU D 412 13.27 12.52 -52.75
CA LEU D 412 13.46 13.81 -53.43
C LEU D 412 14.29 14.74 -52.55
N ASP D 413 15.50 15.05 -52.97
CA ASP D 413 16.42 15.78 -52.10
C ASP D 413 16.65 17.21 -52.58
N PHE D 414 17.26 18.01 -51.71
CA PHE D 414 17.59 19.38 -52.05
C PHE D 414 18.97 19.80 -51.56
N LYS D 415 19.72 20.44 -52.45
CA LYS D 415 20.95 21.10 -52.04
C LYS D 415 20.71 22.60 -52.09
N LEU D 416 21.10 23.30 -51.03
CA LEU D 416 20.91 24.74 -50.97
C LEU D 416 22.25 25.45 -50.81
N ALA D 417 22.43 26.55 -51.55
CA ALA D 417 23.64 27.37 -51.42
C ALA D 417 23.45 28.41 -50.32
N PRO D 418 24.56 28.78 -49.63
CA PRO D 418 24.40 29.72 -48.52
C PRO D 418 24.33 31.10 -49.14
N VAL D 419 23.75 32.06 -48.43
CA VAL D 419 23.74 33.42 -48.95
C VAL D 419 25.10 34.11 -48.78
N GLU D 420 25.42 35.01 -49.71
CA GLU D 420 26.72 35.66 -49.77
C GLU D 420 27.82 34.65 -50.06
C1 NAG E . 5.35 -24.66 7.46
C2 NAG E . 6.47 -24.48 6.43
C3 NAG E . 7.56 -25.55 6.55
C4 NAG E . 7.92 -25.80 8.01
C5 NAG E . 6.66 -25.98 8.84
C6 NAG E . 7.01 -26.16 10.31
C7 NAG E . 5.38 -25.38 4.37
C8 NAG E . 4.75 -26.56 5.09
N2 NAG E . 5.95 -24.40 5.08
O3 NAG E . 8.69 -25.11 5.82
O4 NAG E . 8.73 -26.95 8.12
O5 NAG E . 5.87 -24.83 8.75
O6 NAG E . 7.38 -24.88 10.81
O7 NAG E . 5.36 -25.35 3.14
ZN ZN F . -29.74 -20.34 5.44
C8 GEM G . -30.83 -16.02 3.52
S7 GEM G . -29.17 -15.49 3.90
C6 GEM G . -28.53 -15.23 2.27
C5 GEM G . -29.39 -14.29 1.42
N3 GEM G . -29.26 -12.96 1.98
C1 GEM G . -29.96 -11.88 1.64
N4 GEM G . -29.72 -10.72 2.25
N2 GEM G . -30.91 -11.96 0.71
C9 GEM G . -31.58 -16.05 4.81
O14 GEM G . -30.96 -15.83 5.87
O15 GEM G . -32.82 -16.28 4.79
C10 GEM G . -30.88 -17.37 2.79
C11 GEM G . -30.46 -18.60 3.58
O12 GEM G . -29.63 -19.39 3.04
O13 GEM G . -30.96 -18.82 4.71
C1 GOL H . 8.98 -4.49 14.46
O1 GOL H . 10.12 -4.00 13.79
C2 GOL H . 8.99 -6.00 14.41
O2 GOL H . 8.64 -6.41 13.10
C3 GOL H . 8.02 -6.56 15.45
O3 GOL H . 8.34 -7.92 15.71
C1 GOL I . -38.85 -5.38 -11.44
O1 GOL I . -37.58 -5.54 -10.82
C2 GOL I . -39.94 -5.53 -10.39
O2 GOL I . -40.73 -4.35 -10.38
C3 GOL I . -39.32 -5.74 -9.01
O3 GOL I . -40.29 -6.23 -8.11
C1 GOL J . -2.77 -21.67 -7.08
O1 GOL J . -1.79 -22.50 -7.68
C2 GOL J . -3.22 -20.60 -8.08
O2 GOL J . -2.17 -20.27 -8.98
C3 GOL J . -3.69 -19.34 -7.33
O3 GOL J . -4.36 -18.48 -8.23
C1 NAG K . -7.80 9.38 38.19
C2 NAG K . -6.93 10.14 39.20
C3 NAG K . -6.98 11.66 39.07
C4 NAG K . -7.14 12.15 37.64
C5 NAG K . -8.09 11.29 36.82
C6 NAG K . -7.99 11.66 35.36
C7 NAG K . -8.20 10.31 41.33
C8 NAG K . -9.60 10.42 40.79
N2 NAG K . -7.29 9.72 40.55
O3 NAG K . -5.77 12.19 39.57
O4 NAG K . -7.61 13.48 37.64
O5 NAG K . -7.73 9.94 36.90
O6 NAG K . -7.20 10.69 34.73
O7 NAG K . -7.94 10.72 42.47
ZN ZN L . -19.72 -22.55 49.13
C8 GEM M . -16.04 -25.41 50.16
S7 GEM M . -15.15 -24.12 49.35
C6 GEM M . -14.37 -23.36 50.75
C5 GEM M . -13.63 -24.38 51.60
N3 GEM M . -12.45 -24.83 50.88
C1 GEM M . -11.79 -25.96 51.12
N4 GEM M . -10.73 -26.30 50.40
N2 GEM M . -12.20 -26.77 52.09
C9 GEM M . -16.89 -25.99 49.08
O14 GEM M . -16.80 -25.48 47.94
O15 GEM M . -17.65 -26.94 49.38
C10 GEM M . -16.96 -24.82 51.21
C11 GEM M . -17.94 -23.87 50.57
O12 GEM M . -17.70 -22.65 50.72
O13 GEM M . -18.91 -24.32 49.89
C1 NAG N . 27.70 37.66 -31.11
C2 NAG N . 28.68 38.84 -31.22
C3 NAG N . 28.16 40.07 -31.98
C4 NAG N . 27.41 39.57 -33.20
C5 NAG N . 26.21 38.83 -32.64
C6 NAG N . 25.16 38.58 -33.71
C7 NAG N . 28.49 39.91 -28.98
C8 NAG N . 26.99 39.96 -29.01
N2 NAG N . 29.15 39.17 -29.88
O3 NAG N . 29.16 40.98 -32.40
O4 NAG N . 27.02 40.65 -34.03
O5 NAG N . 26.68 37.60 -32.09
O6 NAG N . 25.66 37.68 -34.68
O7 NAG N . 29.09 40.53 -28.09
ZN ZN O . 24.21 17.88 -1.57
C8 GEM P . 27.59 14.49 -1.40
S7 GEM P . 27.78 14.79 -3.12
C6 GEM P . 29.45 15.37 -3.19
C5 GEM P . 30.32 14.37 -3.95
N3 GEM P . 30.86 13.57 -2.86
C1 GEM P . 31.49 12.40 -2.94
N4 GEM P . 31.93 11.79 -1.85
N2 GEM P . 31.67 11.85 -4.13
C9 GEM P . 26.29 13.78 -1.20
O14 GEM P . 25.36 13.97 -2.02
O15 GEM P . 26.16 13.03 -0.21
C10 GEM P . 27.67 15.78 -0.59
C11 GEM P . 26.51 16.71 -0.84
O12 GEM P . 26.76 17.90 -1.12
O13 GEM P . 25.34 16.29 -0.73
C1 GOL Q . 26.27 16.56 3.98
O1 GOL Q . 25.84 16.86 2.66
C2 GOL Q . 27.79 16.66 4.03
O2 GOL Q . 28.25 17.23 5.26
C3 GOL Q . 28.24 17.49 2.83
O3 GOL Q . 29.57 17.16 2.50
C1 NAG R . 13.92 -6.73 -42.40
C2 NAG R . 13.85 -7.40 -43.78
C3 NAG R . 14.61 -8.72 -43.88
C4 NAG R . 15.99 -8.58 -43.28
C5 NAG R . 15.95 -7.90 -41.90
C6 NAG R . 17.37 -7.66 -41.40
C7 NAG R . 11.61 -8.49 -43.65
C8 NAG R . 11.92 -9.13 -42.32
N2 NAG R . 12.46 -7.59 -44.17
O3 NAG R . 14.73 -9.13 -45.23
O4 NAG R . 16.58 -9.87 -43.21
O5 NAG R . 15.25 -6.68 -41.92
O6 NAG R . 18.19 -7.23 -42.46
O7 NAG R . 10.58 -8.80 -44.24
ZN ZN S . -12.76 10.40 -25.93
C8 GEM T . -14.50 14.02 -28.62
S7 GEM T . -13.05 13.77 -29.61
C6 GEM T . -13.58 13.47 -31.27
C5 GEM T . -13.12 14.61 -32.16
N3 GEM T . -14.33 15.42 -32.14
C1 GEM T . -14.56 16.70 -32.38
N4 GEM T . -15.81 17.14 -32.28
N2 GEM T . -13.59 17.57 -32.69
C9 GEM T . -14.16 14.74 -27.33
O14 GEM T . -13.00 15.12 -27.09
O15 GEM T . -15.08 14.94 -26.51
C10 GEM T . -15.24 12.72 -28.30
C11 GEM T . -14.50 11.74 -27.41
O12 GEM T . -14.53 10.54 -27.79
O13 GEM T . -13.94 12.12 -26.35
#